data_1EV2
#
_entry.id   1EV2
#
_cell.length_a   72.198
_cell.length_b   71.677
_cell.length_c   90.920
_cell.angle_alpha   90.53
_cell.angle_beta   89.98
_cell.angle_gamma   89.99
#
_symmetry.space_group_name_H-M   'P 1'
#
loop_
_entity.id
_entity.type
_entity.pdbx_description
1 polymer 'PROTEIN (FIBROBLAST GROWTH FACTOR 2)'
2 polymer 'PROTEIN (FIBROBLAST GROWTH FACTOR RECEPTOR 2)'
3 non-polymer 'SULFATE ION'
4 water water
#
loop_
_entity_poly.entity_id
_entity_poly.type
_entity_poly.pdbx_seq_one_letter_code
_entity_poly.pdbx_strand_id
1 'polypeptide(L)'
;GHFKDPKRLYCKNGGFFLRIHPDGRVDGVREKSDPHIKLQLQAEERGVVSIKGVSANRYLAMKEDGRLLASKSVTDECFF
FERLESNNYNTYRSRKYTSWYVALKRTGQYKLGSKTGPGQKAILFLPMSAKS
;
A,B,C,D
2 'polypeptide(L)'
;NSNNKRAPYWTNTEKMEKRLHAVPAANTVKFRCPAGGNPMPTMRWLKNGKEFKQEHRIGGYKVRNQHWSLIMESVVPSDK
GNYTCVVENEYGSINHTYHLDVVERSPHRPILQAGLPANASTVVGGDVEFVCKVYSDAQPHIQWIKHVEKNGSKYGPDGL
PYLKVLKAAGVNTTDKEIEVLYIRNVTFEDAGEYTCLAGNSIGISFHSAWLTVLPAPGRE
;
E,F,G,H
#
loop_
_chem_comp.id
_chem_comp.type
_chem_comp.name
_chem_comp.formula
SO4 non-polymer 'SULFATE ION' 'O4 S -2'
#
# COMPACT_ATOMS: atom_id res chain seq x y z
N HIS A 2 30.69 -11.50 18.88
CA HIS A 2 31.52 -11.30 20.13
C HIS A 2 32.62 -10.29 19.85
N PHE A 3 32.60 -9.19 20.59
CA PHE A 3 33.57 -8.11 20.42
C PHE A 3 35.04 -8.50 20.59
N LYS A 4 35.33 -9.52 21.41
CA LYS A 4 36.73 -9.91 21.60
C LYS A 4 37.31 -10.79 20.49
N ASP A 5 36.46 -11.28 19.60
CA ASP A 5 36.91 -12.10 18.49
C ASP A 5 37.56 -11.26 17.39
N PRO A 6 38.57 -11.84 16.70
CA PRO A 6 39.26 -11.15 15.60
C PRO A 6 38.27 -10.90 14.46
N LYS A 7 38.59 -9.97 13.58
CA LYS A 7 37.67 -9.62 12.49
C LYS A 7 38.38 -9.22 11.23
N ARG A 8 37.62 -9.16 10.16
CA ARG A 8 38.14 -8.70 8.89
C ARG A 8 37.43 -7.36 8.74
N LEU A 9 38.09 -6.36 8.17
CA LEU A 9 37.46 -5.07 7.97
C LEU A 9 37.30 -4.88 6.46
N TYR A 10 36.05 -5.00 6.01
CA TYR A 10 35.67 -4.87 4.60
C TYR A 10 35.41 -3.42 4.19
N CYS A 11 36.12 -2.95 3.17
CA CYS A 11 35.92 -1.58 2.71
C CYS A 11 34.87 -1.51 1.62
N LYS A 12 33.84 -0.68 1.84
CA LYS A 12 32.77 -0.53 0.87
C LYS A 12 33.34 -0.10 -0.49
N ASN A 13 34.42 0.69 -0.47
CA ASN A 13 35.04 1.14 -1.70
C ASN A 13 35.79 -0.01 -2.38
N GLY A 14 35.19 -0.57 -3.42
CA GLY A 14 35.82 -1.67 -4.14
C GLY A 14 35.68 -3.05 -3.53
N GLY A 15 35.31 -3.12 -2.25
CA GLY A 15 35.14 -4.42 -1.62
C GLY A 15 36.44 -5.12 -1.24
N PHE A 16 37.42 -4.34 -0.75
CA PHE A 16 38.71 -4.91 -0.34
C PHE A 16 38.76 -5.08 1.18
N PHE A 17 39.46 -6.12 1.62
CA PHE A 17 39.63 -6.37 3.04
C PHE A 17 40.94 -5.72 3.46
N LEU A 18 40.91 -4.92 4.53
CA LEU A 18 42.13 -4.26 4.99
C LEU A 18 43.18 -5.32 5.29
N ARG A 19 44.38 -5.15 4.75
CA ARG A 19 45.44 -6.13 4.95
C ARG A 19 46.72 -5.55 5.56
N ILE A 20 47.27 -6.25 6.56
CA ILE A 20 48.49 -5.80 7.21
C ILE A 20 49.59 -6.84 7.01
N HIS A 21 50.54 -6.52 6.14
CA HIS A 21 51.66 -7.40 5.80
C HIS A 21 52.70 -7.53 6.91
N PRO A 22 53.40 -8.68 6.95
CA PRO A 22 54.42 -8.94 7.96
C PRO A 22 55.51 -7.86 8.02
N ASP A 23 55.83 -7.26 6.88
CA ASP A 23 56.86 -6.23 6.85
C ASP A 23 56.32 -4.82 7.13
N GLY A 24 55.05 -4.73 7.51
CA GLY A 24 54.47 -3.44 7.83
C GLY A 24 53.76 -2.64 6.75
N ARG A 25 53.63 -3.20 5.55
CA ARG A 25 52.95 -2.48 4.47
C ARG A 25 51.42 -2.66 4.63
N VAL A 26 50.66 -1.63 4.25
CA VAL A 26 49.21 -1.68 4.36
C VAL A 26 48.47 -1.44 3.05
N ASP A 27 47.60 -2.37 2.70
CA ASP A 27 46.80 -2.27 1.48
C ASP A 27 45.52 -3.10 1.63
N GLY A 28 44.82 -3.30 0.52
CA GLY A 28 43.58 -4.07 0.55
C GLY A 28 43.62 -5.20 -0.47
N VAL A 29 42.84 -6.24 -0.21
CA VAL A 29 42.74 -7.39 -1.11
C VAL A 29 41.35 -7.99 -1.03
N ARG A 30 40.93 -8.65 -2.10
CA ARG A 30 39.61 -9.24 -2.14
C ARG A 30 39.55 -10.70 -1.70
N GLU A 31 40.68 -11.40 -1.71
CA GLU A 31 40.70 -12.80 -1.32
C GLU A 31 40.44 -13.01 0.18
N LYS A 32 39.23 -13.46 0.51
CA LYS A 32 38.84 -13.70 1.89
C LYS A 32 39.74 -14.72 2.59
N SER A 33 40.56 -15.42 1.83
CA SER A 33 41.45 -16.44 2.41
C SER A 33 42.80 -15.92 2.88
N ASP A 34 43.15 -14.70 2.46
CA ASP A 34 44.43 -14.13 2.85
C ASP A 34 44.60 -14.12 4.37
N PRO A 35 45.71 -14.70 4.87
CA PRO A 35 46.00 -14.77 6.31
C PRO A 35 46.36 -13.44 6.95
N HIS A 36 46.58 -12.41 6.15
CA HIS A 36 46.96 -11.10 6.70
C HIS A 36 45.83 -10.07 6.81
N ILE A 37 44.58 -10.53 6.75
CA ILE A 37 43.45 -9.62 6.88
C ILE A 37 42.70 -9.91 8.19
N LYS A 38 43.19 -10.88 8.94
CA LYS A 38 42.59 -11.23 10.23
C LYS A 38 43.13 -10.22 11.23
N LEU A 39 42.26 -9.35 11.72
CA LEU A 39 42.65 -8.29 12.65
C LEU A 39 42.09 -8.42 14.04
N GLN A 40 42.74 -7.76 15.00
CA GLN A 40 42.29 -7.79 16.39
C GLN A 40 42.07 -6.37 16.88
N LEU A 41 40.83 -5.99 17.12
CA LEU A 41 40.55 -4.64 17.63
C LEU A 41 40.57 -4.67 19.15
N GLN A 42 40.95 -3.56 19.77
CA GLN A 42 41.01 -3.48 21.22
C GLN A 42 40.83 -2.02 21.63
N ALA A 43 39.87 -1.77 22.51
CA ALA A 43 39.59 -0.41 22.98
C ALA A 43 40.65 0.03 24.00
N GLU A 44 41.13 1.27 23.86
CA GLU A 44 42.12 1.79 24.78
C GLU A 44 41.40 2.71 25.76
N GLU A 45 40.32 3.31 25.29
CA GLU A 45 39.45 4.17 26.09
C GLU A 45 38.12 4.24 25.33
N ARG A 46 37.10 4.80 25.96
CA ARG A 46 35.78 4.86 25.34
C ARG A 46 35.80 5.37 23.88
N GLY A 47 35.34 4.53 22.96
CA GLY A 47 35.28 4.93 21.56
C GLY A 47 36.59 5.02 20.80
N VAL A 48 37.69 4.59 21.43
CA VAL A 48 39.00 4.64 20.78
C VAL A 48 39.62 3.25 20.73
N VAL A 49 40.08 2.82 19.56
CA VAL A 49 40.66 1.49 19.43
C VAL A 49 42.01 1.45 18.73
N SER A 50 42.69 0.31 18.88
CA SER A 50 43.96 0.06 18.19
C SER A 50 43.59 -1.14 17.32
N ILE A 51 44.21 -1.22 16.14
CA ILE A 51 43.93 -2.32 15.21
C ILE A 51 45.23 -3.09 14.93
N LYS A 52 45.25 -4.37 15.33
CA LYS A 52 46.45 -5.19 15.16
C LYS A 52 46.33 -6.37 14.20
N GLY A 53 47.28 -6.48 13.27
CA GLY A 53 47.29 -7.59 12.33
C GLY A 53 47.79 -8.81 13.09
N VAL A 54 46.94 -9.82 13.24
CA VAL A 54 47.32 -11.02 13.97
C VAL A 54 48.56 -11.70 13.42
N SER A 55 48.58 -11.97 12.12
CA SER A 55 49.74 -12.63 11.50
C SER A 55 51.01 -11.78 11.56
N ALA A 56 50.93 -10.57 11.04
CA ALA A 56 52.07 -9.68 11.03
C ALA A 56 52.53 -9.27 12.43
N ASN A 57 51.64 -9.45 13.42
CA ASN A 57 51.94 -9.08 14.80
C ASN A 57 52.37 -7.61 14.88
N ARG A 58 51.69 -6.77 14.10
CA ARG A 58 51.97 -5.33 14.07
C ARG A 58 50.67 -4.53 14.24
N TYR A 59 50.82 -3.25 14.63
CA TYR A 59 49.69 -2.36 14.87
C TYR A 59 49.53 -1.31 13.77
N LEU A 60 48.31 -1.16 13.27
CA LEU A 60 48.04 -0.15 12.23
C LEU A 60 48.35 1.23 12.77
N ALA A 61 48.90 2.10 11.92
CA ALA A 61 49.22 3.45 12.34
C ALA A 61 49.18 4.42 11.17
N MET A 62 48.92 5.69 11.48
CA MET A 62 48.87 6.72 10.46
C MET A 62 49.94 7.76 10.80
N LYS A 63 50.85 7.97 9.86
CA LYS A 63 51.96 8.92 10.02
C LYS A 63 51.54 10.37 9.81
N GLU A 64 52.46 11.29 10.10
CA GLU A 64 52.20 12.72 9.96
C GLU A 64 51.84 13.16 8.54
N ASP A 65 52.36 12.46 7.53
CA ASP A 65 52.07 12.82 6.15
C ASP A 65 50.79 12.16 5.63
N GLY A 66 50.11 11.43 6.52
CA GLY A 66 48.88 10.75 6.13
C GLY A 66 49.05 9.36 5.55
N ARG A 67 50.24 8.79 5.66
CA ARG A 67 50.50 7.46 5.13
C ARG A 67 50.16 6.39 6.16
N LEU A 68 49.76 5.21 5.68
CA LEU A 68 49.42 4.12 6.58
C LEU A 68 50.50 3.06 6.60
N LEU A 69 50.77 2.53 7.80
CA LEU A 69 51.78 1.49 7.99
C LEU A 69 51.46 0.73 9.28
N ALA A 70 52.13 -0.39 9.50
CA ALA A 70 51.92 -1.21 10.70
C ALA A 70 53.21 -1.30 11.53
N SER A 71 53.13 -0.83 12.77
CA SER A 71 54.28 -0.80 13.69
C SER A 71 54.41 -2.01 14.63
N LYS A 72 55.66 -2.38 14.91
CA LYS A 72 55.95 -3.50 15.80
C LYS A 72 55.49 -3.14 17.20
N SER A 73 55.75 -1.91 17.62
CA SER A 73 55.34 -1.48 18.94
C SER A 73 54.33 -0.34 18.84
N VAL A 74 53.43 -0.29 19.84
CA VAL A 74 52.37 0.70 19.90
C VAL A 74 52.84 2.13 20.17
N THR A 75 52.39 3.08 19.33
CA THR A 75 52.73 4.49 19.52
C THR A 75 51.44 5.29 19.47
N ASP A 76 51.52 6.60 19.67
CA ASP A 76 50.34 7.45 19.66
C ASP A 76 49.65 7.57 18.31
N GLU A 77 50.27 7.00 17.28
CA GLU A 77 49.72 7.06 15.92
C GLU A 77 48.96 5.76 15.63
N CYS A 78 48.76 4.94 16.65
CA CYS A 78 48.08 3.66 16.48
C CYS A 78 46.67 3.60 17.06
N PHE A 79 46.14 4.76 17.46
CA PHE A 79 44.79 4.84 18.03
C PHE A 79 43.79 5.62 17.16
N PHE A 80 42.59 5.06 17.00
CA PHE A 80 41.55 5.65 16.16
C PHE A 80 40.16 5.69 16.78
N PHE A 81 39.45 6.79 16.59
CA PHE A 81 38.08 6.92 17.08
C PHE A 81 37.23 6.00 16.20
N GLU A 82 36.53 5.06 16.82
CA GLU A 82 35.66 4.15 16.07
C GLU A 82 34.23 4.68 16.18
N ARG A 83 33.56 4.80 15.06
CA ARG A 83 32.19 5.31 15.03
C ARG A 83 31.27 4.51 14.09
N LEU A 84 30.08 4.18 14.58
CA LEU A 84 29.10 3.49 13.76
C LEU A 84 28.26 4.61 13.13
N GLU A 85 28.38 4.80 11.83
CA GLU A 85 27.65 5.86 11.14
C GLU A 85 26.18 5.50 10.94
N SER A 86 25.37 6.53 10.66
CA SER A 86 23.94 6.34 10.44
C SER A 86 23.65 5.38 9.29
N ASN A 87 24.59 5.24 8.38
CA ASN A 87 24.44 4.32 7.25
C ASN A 87 24.77 2.87 7.64
N ASN A 88 25.13 2.67 8.90
CA ASN A 88 25.49 1.36 9.44
C ASN A 88 26.86 0.78 9.07
N TYR A 89 27.77 1.64 8.62
CA TYR A 89 29.14 1.24 8.31
C TYR A 89 29.98 1.88 9.41
N ASN A 90 31.21 1.41 9.58
CA ASN A 90 32.11 1.97 10.59
C ASN A 90 33.16 2.89 9.97
N THR A 91 33.66 3.84 10.75
CA THR A 91 34.73 4.71 10.29
C THR A 91 35.80 4.76 11.39
N TYR A 92 37.05 4.95 10.99
CA TYR A 92 38.17 5.00 11.92
C TYR A 92 38.95 6.29 11.69
N ARG A 93 38.83 7.21 12.64
CA ARG A 93 39.48 8.52 12.56
C ARG A 93 40.65 8.65 13.55
N SER A 94 41.81 9.07 13.04
CA SER A 94 43.03 9.22 13.84
C SER A 94 42.85 10.10 15.07
N ARG A 95 43.27 9.60 16.23
CA ARG A 95 43.13 10.39 17.44
C ARG A 95 44.21 11.48 17.47
N LYS A 96 45.29 11.25 16.75
CA LYS A 96 46.40 12.21 16.68
C LYS A 96 46.09 13.30 15.64
N TYR A 97 45.93 12.88 14.39
CA TYR A 97 45.61 13.79 13.29
C TYR A 97 44.10 13.66 13.12
N THR A 98 43.39 14.35 14.01
CA THR A 98 41.93 14.31 14.09
C THR A 98 41.05 14.58 12.87
N SER A 99 41.63 14.76 11.70
CA SER A 99 40.81 15.03 10.53
C SER A 99 40.93 13.96 9.46
N TRP A 100 41.92 13.08 9.61
CA TRP A 100 42.15 12.03 8.64
C TRP A 100 41.55 10.67 9.02
N TYR A 101 41.11 9.94 8.00
CA TYR A 101 40.49 8.62 8.18
C TYR A 101 41.28 7.50 7.53
N VAL A 102 41.12 6.30 8.09
CA VAL A 102 41.75 5.11 7.53
C VAL A 102 40.89 4.89 6.29
N ALA A 103 41.51 4.65 5.14
CA ALA A 103 40.74 4.48 3.92
C ALA A 103 41.49 3.73 2.84
N LEU A 104 40.73 3.15 1.93
CA LEU A 104 41.31 2.40 0.81
C LEU A 104 40.80 2.99 -0.49
N LYS A 105 41.63 2.93 -1.54
CA LYS A 105 41.26 3.45 -2.85
C LYS A 105 40.63 2.35 -3.69
N ARG A 106 39.90 2.74 -4.74
CA ARG A 106 39.25 1.79 -5.63
C ARG A 106 40.25 0.81 -6.23
N THR A 107 41.52 1.19 -6.18
CA THR A 107 42.58 0.36 -6.76
C THR A 107 43.01 -0.75 -5.81
N GLY A 108 42.83 -0.54 -4.52
CA GLY A 108 43.24 -1.55 -3.56
C GLY A 108 44.40 -1.05 -2.73
N GLN A 109 44.88 0.14 -3.06
CA GLN A 109 45.98 0.75 -2.33
C GLN A 109 45.33 1.69 -1.32
N TYR A 110 45.99 1.90 -0.18
CA TYR A 110 45.40 2.79 0.82
C TYR A 110 45.31 4.20 0.26
N LYS A 111 44.58 5.06 0.95
CA LYS A 111 44.40 6.44 0.54
C LYS A 111 44.97 7.36 1.59
N LEU A 112 45.78 8.33 1.17
CA LEU A 112 46.41 9.27 2.08
C LEU A 112 45.37 9.88 3.01
N GLY A 113 45.64 9.81 4.31
CA GLY A 113 44.71 10.36 5.28
C GLY A 113 44.33 11.80 4.97
N SER A 114 45.28 12.56 4.42
CA SER A 114 45.05 13.95 4.09
C SER A 114 44.04 14.17 2.98
N LYS A 115 43.76 13.11 2.22
CA LYS A 115 42.81 13.19 1.11
C LYS A 115 41.46 12.57 1.45
N THR A 116 41.20 12.31 2.73
CA THR A 116 39.94 11.71 3.14
C THR A 116 38.97 12.74 3.69
N GLY A 117 37.68 12.38 3.67
CA GLY A 117 36.64 13.27 4.16
C GLY A 117 35.46 12.46 4.65
N PRO A 118 34.61 13.01 5.53
CA PRO A 118 33.44 12.34 6.10
C PRO A 118 32.39 11.75 5.16
N GLY A 119 32.27 12.29 3.94
CA GLY A 119 31.28 11.77 3.03
C GLY A 119 31.80 10.80 2.00
N GLN A 120 33.09 10.48 2.05
CA GLN A 120 33.69 9.58 1.07
C GLN A 120 33.33 8.11 1.27
N LYS A 121 33.37 7.37 0.16
CA LYS A 121 33.08 5.93 0.17
C LYS A 121 34.32 5.13 0.62
N ALA A 122 35.50 5.75 0.48
CA ALA A 122 36.77 5.13 0.84
C ALA A 122 37.00 4.92 2.35
N ILE A 123 36.25 5.64 3.19
CA ILE A 123 36.41 5.51 4.64
C ILE A 123 35.38 4.58 5.32
N LEU A 124 34.47 4.00 4.55
CA LEU A 124 33.43 3.13 5.11
C LEU A 124 33.81 1.65 5.18
N PHE A 125 33.84 1.11 6.38
CA PHE A 125 34.19 -0.30 6.59
C PHE A 125 33.10 -1.09 7.32
N LEU A 126 33.02 -2.37 7.02
CA LEU A 126 32.04 -3.24 7.64
C LEU A 126 32.79 -4.35 8.36
N PRO A 127 32.72 -4.38 9.70
CA PRO A 127 33.44 -5.45 10.41
C PRO A 127 32.79 -6.81 10.14
N MET A 128 33.60 -7.80 9.80
CA MET A 128 33.09 -9.13 9.51
C MET A 128 33.86 -10.20 10.26
N SER A 129 33.22 -11.34 10.47
CA SER A 129 33.84 -12.45 11.19
C SER A 129 35.06 -13.00 10.47
N ALA A 130 36.04 -13.43 11.26
CA ALA A 130 37.27 -13.98 10.70
C ALA A 130 37.09 -15.49 10.48
N LYS A 131 35.84 -15.90 10.21
CA LYS A 131 35.49 -17.29 9.94
C LYS A 131 35.99 -18.19 11.07
N HIS B 2 -32.80 9.41 -19.01
CA HIS B 2 -32.39 10.35 -20.11
C HIS B 2 -31.32 11.30 -19.58
N PHE B 3 -30.14 11.24 -20.20
CA PHE B 3 -29.01 12.06 -19.79
C PHE B 3 -29.23 13.59 -19.84
N LYS B 4 -30.11 14.05 -20.72
CA LYS B 4 -30.35 15.49 -20.79
C LYS B 4 -31.28 16.05 -19.72
N ASP B 5 -31.95 15.17 -18.99
CA ASP B 5 -32.86 15.60 -17.93
C ASP B 5 -32.10 16.02 -16.67
N PRO B 6 -32.64 17.01 -15.94
CA PRO B 6 -32.01 17.50 -14.70
C PRO B 6 -32.01 16.37 -13.67
N LYS B 7 -31.15 16.47 -12.66
CA LYS B 7 -31.06 15.40 -11.66
C LYS B 7 -30.73 15.94 -10.28
N ARG B 8 -30.89 15.07 -9.29
CA ARG B 8 -30.54 15.39 -7.94
C ARG B 8 -29.29 14.53 -7.74
N LEU B 9 -28.31 15.02 -7.00
CA LEU B 9 -27.11 14.24 -6.73
C LEU B 9 -27.13 13.89 -5.24
N TYR B 10 -27.40 12.62 -4.96
CA TYR B 10 -27.50 12.10 -3.59
C TYR B 10 -26.13 11.63 -3.06
N CYS B 11 -25.73 12.15 -1.91
CA CYS B 11 -24.44 11.76 -1.34
C CYS B 11 -24.60 10.59 -0.37
N LYS B 12 -23.86 9.52 -0.63
CA LYS B 12 -23.93 8.34 0.22
C LYS B 12 -23.61 8.71 1.68
N ASN B 13 -22.73 9.69 1.86
CA ASN B 13 -22.36 10.12 3.21
C ASN B 13 -23.51 10.92 3.84
N GLY B 14 -24.25 10.27 4.74
CA GLY B 14 -25.35 10.94 5.40
C GLY B 14 -26.66 11.02 4.63
N GLY B 15 -26.61 10.79 3.31
CA GLY B 15 -27.83 10.84 2.54
C GLY B 15 -28.36 12.24 2.24
N PHE B 16 -27.46 13.18 1.96
CA PHE B 16 -27.84 14.56 1.65
C PHE B 16 -27.83 14.80 0.14
N PHE B 17 -28.73 15.65 -0.33
CA PHE B 17 -28.78 15.99 -1.74
C PHE B 17 -27.97 17.26 -1.93
N LEU B 18 -27.05 17.25 -2.89
CA LEU B 18 -26.21 18.43 -3.14
C LEU B 18 -27.13 19.62 -3.43
N ARG B 19 -26.92 20.73 -2.72
CA ARG B 19 -27.76 21.92 -2.90
C ARG B 19 -26.98 23.18 -3.30
N ILE B 20 -27.51 23.90 -4.28
CA ILE B 20 -26.87 25.14 -4.75
C ILE B 20 -27.81 26.31 -4.52
N HIS B 21 -27.51 27.12 -3.52
CA HIS B 21 -28.30 28.30 -3.13
C HIS B 21 -28.21 29.45 -4.12
N PRO B 22 -29.27 30.27 -4.19
CA PRO B 22 -29.32 31.42 -5.11
C PRO B 22 -28.14 32.37 -4.93
N ASP B 23 -27.65 32.51 -3.69
CA ASP B 23 -26.53 33.41 -3.43
C ASP B 23 -25.16 32.75 -3.62
N GLY B 24 -25.15 31.53 -4.13
CA GLY B 24 -23.89 30.85 -4.37
C GLY B 24 -23.31 29.95 -3.31
N ARG B 25 -24.00 29.75 -2.20
CA ARG B 25 -23.50 28.88 -1.14
C ARG B 25 -23.80 27.41 -1.50
N VAL B 26 -22.89 26.51 -1.11
CA VAL B 26 -23.07 25.09 -1.40
C VAL B 26 -23.07 24.21 -0.16
N ASP B 27 -24.11 23.39 -0.03
CA ASP B 27 -24.25 22.47 1.10
C ASP B 27 -25.15 21.31 0.71
N GLY B 28 -25.56 20.51 1.69
CA GLY B 28 -26.44 19.39 1.44
C GLY B 28 -27.66 19.43 2.33
N VAL B 29 -28.74 18.79 1.88
CA VAL B 29 -29.99 18.72 2.63
C VAL B 29 -30.70 17.43 2.30
N ARG B 30 -31.52 16.97 3.24
CA ARG B 30 -32.24 15.73 3.07
C ARG B 30 -33.64 15.87 2.47
N GLU B 31 -34.21 17.07 2.53
CA GLU B 31 -35.55 17.26 1.99
C GLU B 31 -35.61 17.20 0.47
N LYS B 32 -36.13 16.09 -0.05
CA LYS B 32 -36.25 15.87 -1.48
C LYS B 32 -37.08 16.95 -2.19
N SER B 33 -37.79 17.76 -1.41
CA SER B 33 -38.64 18.80 -1.99
C SER B 33 -37.94 20.14 -2.22
N ASP B 34 -36.76 20.32 -1.64
CA ASP B 34 -36.03 21.56 -1.81
C ASP B 34 -35.81 21.89 -3.28
N PRO B 35 -36.22 23.10 -3.71
CA PRO B 35 -36.08 23.53 -5.11
C PRO B 35 -34.65 23.84 -5.57
N HIS B 36 -33.71 23.87 -4.62
CA HIS B 36 -32.31 24.15 -4.95
C HIS B 36 -31.40 22.92 -5.12
N ILE B 37 -31.98 21.73 -5.24
CA ILE B 37 -31.20 20.53 -5.44
C ILE B 37 -31.38 19.97 -6.85
N LYS B 38 -32.21 20.64 -7.65
CA LYS B 38 -32.44 20.23 -9.02
C LYS B 38 -31.26 20.75 -9.82
N LEU B 39 -30.42 19.84 -10.32
CA LEU B 39 -29.23 20.21 -11.06
C LEU B 39 -29.26 19.82 -12.53
N GLN B 40 -28.43 20.49 -13.32
CA GLN B 40 -28.34 20.19 -14.74
C GLN B 40 -26.90 19.89 -15.10
N LEU B 41 -26.60 18.64 -15.44
CA LEU B 41 -25.22 18.29 -15.84
C LEU B 41 -25.07 18.47 -17.35
N GLN B 42 -23.86 18.79 -17.78
CA GLN B 42 -23.60 19.00 -19.21
C GLN B 42 -22.14 18.69 -19.47
N ALA B 43 -21.88 17.82 -20.43
CA ALA B 43 -20.50 17.46 -20.77
C ALA B 43 -19.84 18.56 -21.61
N GLU B 44 -18.60 18.88 -21.28
CA GLU B 44 -17.85 19.91 -22.01
C GLU B 44 -16.92 19.20 -22.98
N GLU B 45 -16.48 18.01 -22.57
CA GLU B 45 -15.64 17.15 -23.38
C GLU B 45 -15.79 15.75 -22.78
N ARG B 46 -15.25 14.74 -23.45
CA ARG B 46 -15.37 13.37 -22.99
C ARG B 46 -15.06 13.19 -21.50
N GLY B 47 -16.03 12.71 -20.74
CA GLY B 47 -15.82 12.47 -19.32
C GLY B 47 -15.70 13.67 -18.41
N VAL B 48 -15.91 14.87 -18.94
CA VAL B 48 -15.83 16.08 -18.13
C VAL B 48 -17.17 16.84 -18.15
N VAL B 49 -17.68 17.19 -16.98
CA VAL B 49 -18.96 17.91 -16.93
C VAL B 49 -18.95 19.17 -16.08
N SER B 50 -20.00 19.98 -16.26
CA SER B 50 -20.20 21.19 -15.49
C SER B 50 -21.53 20.88 -14.78
N ILE B 51 -21.69 21.36 -13.56
CA ILE B 51 -22.91 21.11 -12.79
C ILE B 51 -23.59 22.45 -12.46
N LYS B 52 -24.80 22.66 -12.97
CA LYS B 52 -25.52 23.91 -12.77
C LYS B 52 -26.81 23.82 -11.95
N GLY B 53 -26.93 24.66 -10.93
CA GLY B 53 -28.14 24.70 -10.12
C GLY B 53 -29.21 25.41 -10.94
N VAL B 54 -30.26 24.69 -11.31
CA VAL B 54 -31.32 25.28 -12.13
C VAL B 54 -31.94 26.52 -11.50
N SER B 55 -32.37 26.43 -10.24
CA SER B 55 -32.98 27.58 -9.56
C SER B 55 -32.02 28.74 -9.38
N ALA B 56 -30.88 28.49 -8.73
CA ALA B 56 -29.89 29.52 -8.49
C ALA B 56 -29.28 30.07 -9.78
N ASN B 57 -29.42 29.32 -10.87
CA ASN B 57 -28.86 29.72 -12.16
C ASN B 57 -27.36 29.99 -12.03
N ARG B 58 -26.69 29.14 -11.25
CA ARG B 58 -25.24 29.25 -11.02
C ARG B 58 -24.55 27.92 -11.27
N TYR B 59 -23.24 27.95 -11.50
CA TYR B 59 -22.44 26.76 -11.77
C TYR B 59 -21.55 26.38 -10.59
N LEU B 60 -21.57 25.10 -10.22
CA LEU B 60 -20.74 24.61 -9.12
C LEU B 60 -19.27 24.82 -9.47
N ALA B 61 -18.47 25.18 -8.47
CA ALA B 61 -17.05 25.40 -8.70
C ALA B 61 -16.23 25.12 -7.46
N MET B 62 -14.96 24.75 -7.65
CA MET B 62 -14.08 24.50 -6.53
C MET B 62 -12.92 25.48 -6.63
N LYS B 63 -12.73 26.25 -5.56
CA LYS B 63 -11.67 27.26 -5.50
C LYS B 63 -10.29 26.66 -5.18
N GLU B 64 -9.27 27.51 -5.26
CA GLU B 64 -7.89 27.09 -4.99
C GLU B 64 -7.65 26.54 -3.59
N ASP B 65 -8.41 27.01 -2.61
CA ASP B 65 -8.25 26.53 -1.24
C ASP B 65 -9.10 25.28 -0.97
N GLY B 66 -9.78 24.79 -1.99
CA GLY B 66 -10.60 23.60 -1.84
C GLY B 66 -12.03 23.85 -1.39
N ARG B 67 -12.47 25.10 -1.42
CA ARG B 67 -13.82 25.44 -1.01
C ARG B 67 -14.79 25.33 -2.18
N LEU B 68 -16.05 25.02 -1.88
CA LEU B 68 -17.04 24.90 -2.94
C LEU B 68 -17.99 26.10 -2.94
N LEU B 69 -18.35 26.54 -4.15
CA LEU B 69 -19.26 27.66 -4.31
C LEU B 69 -19.88 27.59 -5.72
N ALA B 70 -20.90 28.38 -5.97
CA ALA B 70 -21.59 28.40 -7.26
C ALA B 70 -21.46 29.77 -7.95
N SER B 71 -20.85 29.77 -9.13
CA SER B 71 -20.60 30.99 -9.90
C SER B 71 -21.67 31.36 -10.93
N LYS B 72 -21.88 32.66 -11.09
CA LYS B 72 -22.86 33.17 -12.06
C LYS B 72 -22.39 32.84 -13.47
N SER B 73 -21.09 33.00 -13.70
CA SER B 73 -20.55 32.69 -15.01
C SER B 73 -19.53 31.55 -14.93
N VAL B 74 -19.46 30.78 -16.01
CA VAL B 74 -18.57 29.63 -16.13
C VAL B 74 -17.07 29.98 -16.15
N THR B 75 -16.29 29.32 -15.29
CA THR B 75 -14.84 29.53 -15.22
C THR B 75 -14.17 28.15 -15.27
N ASP B 76 -12.84 28.11 -15.34
CA ASP B 76 -12.16 26.82 -15.41
C ASP B 76 -12.22 26.00 -14.11
N GLU B 77 -12.85 26.57 -13.08
CA GLU B 77 -13.00 25.88 -11.81
C GLU B 77 -14.39 25.25 -11.74
N CYS B 78 -15.10 25.25 -12.86
CA CYS B 78 -16.45 24.70 -12.93
C CYS B 78 -16.57 23.37 -13.67
N PHE B 79 -15.44 22.75 -13.99
CA PHE B 79 -15.44 21.47 -14.70
C PHE B 79 -14.86 20.31 -13.88
N PHE B 80 -15.54 19.17 -13.93
CA PHE B 80 -15.15 18.00 -13.15
C PHE B 80 -15.18 16.68 -13.93
N PHE B 81 -14.18 15.84 -13.69
CA PHE B 81 -14.15 14.53 -14.33
C PHE B 81 -15.23 13.69 -13.68
N GLU B 82 -16.15 13.17 -14.48
CA GLU B 82 -17.22 12.33 -13.94
C GLU B 82 -16.82 10.88 -14.17
N ARG B 83 -16.89 10.07 -13.12
CA ARG B 83 -16.52 8.66 -13.19
C ARG B 83 -17.51 7.74 -12.46
N LEU B 84 -17.89 6.66 -13.12
CA LEU B 84 -18.77 5.66 -12.52
C LEU B 84 -17.82 4.64 -11.88
N GLU B 85 -17.77 4.61 -10.55
CA GLU B 85 -16.87 3.69 -9.85
C GLU B 85 -17.39 2.27 -9.86
N SER B 86 -16.50 1.32 -9.56
CA SER B 86 -16.85 -0.10 -9.55
C SER B 86 -17.97 -0.41 -8.56
N ASN B 87 -18.12 0.44 -7.55
CA ASN B 87 -19.18 0.28 -6.55
C ASN B 87 -20.53 0.79 -7.05
N ASN B 88 -20.54 1.31 -8.27
CA ASN B 88 -21.74 1.85 -8.92
C ASN B 88 -22.22 3.23 -8.45
N TYR B 89 -21.32 3.99 -7.81
CA TYR B 89 -21.62 5.37 -7.38
C TYR B 89 -20.79 6.25 -8.30
N ASN B 90 -21.12 7.53 -8.37
CA ASN B 90 -20.36 8.46 -9.20
C ASN B 90 -19.42 9.32 -8.35
N THR B 91 -18.34 9.79 -8.96
CA THR B 91 -17.41 10.71 -8.28
C THR B 91 -17.15 11.88 -9.24
N TYR B 92 -16.89 13.05 -8.68
CA TYR B 92 -16.63 14.26 -9.46
C TYR B 92 -15.31 14.87 -8.99
N ARG B 93 -14.29 14.74 -9.84
CA ARG B 93 -12.94 15.22 -9.55
C ARG B 93 -12.59 16.49 -10.37
N SER B 94 -12.13 17.53 -9.68
CA SER B 94 -11.76 18.81 -10.30
C SER B 94 -10.76 18.67 -11.44
N ARG B 95 -11.08 19.25 -12.60
CA ARG B 95 -10.14 19.15 -13.71
C ARG B 95 -8.97 20.12 -13.50
N LYS B 96 -9.19 21.14 -12.69
CA LYS B 96 -8.13 22.13 -12.39
C LYS B 96 -7.21 21.59 -11.28
N TYR B 97 -7.79 21.36 -10.10
CA TYR B 97 -7.07 20.82 -8.96
C TYR B 97 -7.35 19.32 -9.01
N THR B 98 -6.63 18.63 -9.88
CA THR B 98 -6.78 17.20 -10.14
C THR B 98 -6.76 16.16 -9.01
N SER B 99 -6.67 16.59 -7.75
CA SER B 99 -6.63 15.61 -6.67
C SER B 99 -7.80 15.74 -5.72
N TRP B 100 -8.56 16.82 -5.85
CA TRP B 100 -9.70 17.08 -4.97
C TRP B 100 -11.05 16.66 -5.58
N TYR B 101 -11.95 16.20 -4.70
CA TYR B 101 -13.27 15.75 -5.10
C TYR B 101 -14.38 16.58 -4.48
N VAL B 102 -15.52 16.62 -5.18
CA VAL B 102 -16.69 17.31 -4.68
C VAL B 102 -17.15 16.35 -3.58
N ALA B 103 -17.44 16.87 -2.40
CA ALA B 103 -17.85 15.99 -1.32
C ALA B 103 -18.64 16.70 -0.23
N LEU B 104 -19.41 15.92 0.52
CA LEU B 104 -20.22 16.44 1.61
C LEU B 104 -19.83 15.74 2.89
N LYS B 105 -19.96 16.45 4.02
CA LYS B 105 -19.63 15.89 5.33
C LYS B 105 -20.88 15.30 5.96
N ARG B 106 -20.69 14.42 6.95
CA ARG B 106 -21.80 13.79 7.64
C ARG B 106 -22.75 14.82 8.26
N THR B 107 -22.25 16.03 8.41
CA THR B 107 -23.03 17.11 9.01
C THR B 107 -23.98 17.76 8.01
N GLY B 108 -23.63 17.71 6.74
CA GLY B 108 -24.47 18.31 5.72
C GLY B 108 -23.76 19.50 5.10
N GLN B 109 -22.57 19.80 5.61
CA GLN B 109 -21.78 20.90 5.09
C GLN B 109 -20.79 20.27 4.12
N TYR B 110 -20.38 21.01 3.10
CA TYR B 110 -19.45 20.47 2.14
C TYR B 110 -18.13 20.15 2.82
N LYS B 111 -17.27 19.41 2.13
CA LYS B 111 -15.97 19.05 2.69
C LYS B 111 -14.87 19.62 1.81
N LEU B 112 -13.89 20.27 2.43
CA LEU B 112 -12.78 20.88 1.71
C LEU B 112 -12.18 19.89 0.73
N GLY B 113 -12.07 20.28 -0.53
CA GLY B 113 -11.50 19.41 -1.53
C GLY B 113 -10.15 18.86 -1.11
N SER B 114 -9.38 19.65 -0.36
CA SER B 114 -8.06 19.25 0.09
C SER B 114 -8.08 18.09 1.08
N LYS B 115 -9.24 17.85 1.69
CA LYS B 115 -9.40 16.77 2.67
C LYS B 115 -10.07 15.54 2.09
N THR B 116 -10.21 15.47 0.76
CA THR B 116 -10.86 14.33 0.14
C THR B 116 -9.87 13.31 -0.40
N GLY B 117 -10.36 12.08 -0.57
CA GLY B 117 -9.53 11.01 -1.08
C GLY B 117 -10.40 9.98 -1.79
N PRO B 118 -9.81 9.19 -2.71
CA PRO B 118 -10.52 8.16 -3.48
C PRO B 118 -11.32 7.08 -2.74
N GLY B 119 -10.94 6.78 -1.50
CA GLY B 119 -11.66 5.76 -0.77
C GLY B 119 -12.69 6.26 0.21
N GLN B 120 -12.87 7.57 0.28
CA GLN B 120 -13.82 8.17 1.21
C GLN B 120 -15.28 8.00 0.81
N LYS B 121 -16.15 8.01 1.82
CA LYS B 121 -17.59 7.87 1.66
C LYS B 121 -18.21 9.23 1.27
N ALA B 122 -17.51 10.31 1.60
CA ALA B 122 -17.97 11.67 1.32
C ALA B 122 -17.96 12.08 -0.17
N ILE B 123 -17.21 11.36 -1.00
CA ILE B 123 -17.16 11.69 -2.43
C ILE B 123 -18.10 10.85 -3.32
N LEU B 124 -18.86 9.94 -2.72
CA LEU B 124 -19.75 9.06 -3.50
C LEU B 124 -21.16 9.59 -3.67
N PHE B 125 -21.55 9.83 -4.93
CA PHE B 125 -22.89 10.33 -5.23
C PHE B 125 -23.68 9.42 -6.18
N LEU B 126 -24.99 9.44 -6.02
CA LEU B 126 -25.87 8.65 -6.86
C LEU B 126 -26.80 9.59 -7.59
N PRO B 127 -26.70 9.66 -8.92
CA PRO B 127 -27.60 10.57 -9.66
C PRO B 127 -29.03 10.04 -9.62
N MET B 128 -29.98 10.92 -9.29
CA MET B 128 -31.39 10.53 -9.21
C MET B 128 -32.27 11.49 -9.98
N SER B 129 -33.43 11.00 -10.39
CA SER B 129 -34.36 11.83 -11.15
C SER B 129 -34.88 13.01 -10.34
N ALA B 130 -35.12 14.11 -11.05
CA ALA B 130 -35.63 15.32 -10.41
C ALA B 130 -37.16 15.26 -10.36
N LYS B 131 -37.70 14.05 -10.30
CA LYS B 131 -39.15 13.82 -10.24
C LYS B 131 -39.86 14.53 -11.37
N HIS C 2 -22.81 -19.22 -18.40
CA HIS C 2 -22.33 -19.76 -17.09
C HIS C 2 -20.81 -19.83 -17.12
N PHE C 3 -20.17 -19.18 -16.15
CA PHE C 3 -18.72 -19.12 -16.07
C PHE C 3 -18.00 -20.47 -15.92
N LYS C 4 -18.68 -21.47 -15.35
CA LYS C 4 -18.11 -22.80 -15.16
C LYS C 4 -18.04 -23.65 -16.43
N ASP C 5 -18.81 -23.28 -17.45
CA ASP C 5 -18.81 -24.02 -18.70
C ASP C 5 -17.59 -23.77 -19.57
N PRO C 6 -17.16 -24.78 -20.32
CA PRO C 6 -16.01 -24.65 -21.20
C PRO C 6 -16.34 -23.63 -22.30
N LYS C 7 -15.31 -23.09 -22.95
CA LYS C 7 -15.53 -22.08 -23.97
C LYS C 7 -14.51 -22.13 -25.09
N ARG C 8 -14.82 -21.44 -26.18
CA ARG C 8 -13.89 -21.32 -27.28
C ARG C 8 -13.43 -19.88 -27.14
N LEU C 9 -12.16 -19.62 -27.43
CA LEU C 9 -11.65 -18.25 -27.37
C LEU C 9 -11.38 -17.81 -28.80
N TYR C 10 -12.24 -16.94 -29.31
CA TYR C 10 -12.15 -16.42 -30.66
C TYR C 10 -11.26 -15.17 -30.73
N CYS C 11 -10.29 -15.18 -31.64
CA CYS C 11 -9.38 -14.05 -31.78
C CYS C 11 -9.87 -13.11 -32.89
N LYS C 12 -10.04 -11.84 -32.53
CA LYS C 12 -10.49 -10.84 -33.48
C LYS C 12 -9.54 -10.76 -34.68
N ASN C 13 -8.26 -11.01 -34.43
CA ASN C 13 -7.28 -10.99 -35.51
C ASN C 13 -7.44 -12.23 -36.41
N GLY C 14 -8.04 -12.03 -37.58
CA GLY C 14 -8.23 -13.15 -38.50
C GLY C 14 -9.42 -14.07 -38.21
N GLY C 15 -9.96 -14.01 -37.00
CA GLY C 15 -11.09 -14.86 -36.68
C GLY C 15 -10.74 -16.33 -36.44
N PHE C 16 -9.63 -16.58 -35.74
CA PHE C 16 -9.22 -17.95 -35.43
C PHE C 16 -9.58 -18.30 -33.98
N PHE C 17 -9.90 -19.56 -33.74
CA PHE C 17 -10.21 -20.04 -32.40
C PHE C 17 -8.90 -20.57 -31.82
N LEU C 18 -8.56 -20.16 -30.59
CA LEU C 18 -7.34 -20.63 -29.96
C LEU C 18 -7.38 -22.15 -29.85
N ARG C 19 -6.34 -22.83 -30.31
CA ARG C 19 -6.30 -24.30 -30.28
C ARG C 19 -5.11 -24.87 -29.51
N ILE C 20 -5.39 -25.88 -28.69
CA ILE C 20 -4.36 -26.53 -27.89
C ILE C 20 -4.27 -28.01 -28.29
N HIS C 21 -3.24 -28.36 -29.05
CA HIS C 21 -3.04 -29.72 -29.54
C HIS C 21 -2.58 -30.70 -28.45
N PRO C 22 -2.90 -32.00 -28.63
CA PRO C 22 -2.53 -33.06 -27.69
C PRO C 22 -1.05 -33.10 -27.34
N ASP C 23 -0.20 -32.76 -28.32
CA ASP C 23 1.25 -32.77 -28.10
C ASP C 23 1.78 -31.47 -27.52
N GLY C 24 0.90 -30.54 -27.18
CA GLY C 24 1.33 -29.30 -26.59
C GLY C 24 1.59 -28.10 -27.50
N ARG C 25 1.33 -28.23 -28.80
CA ARG C 25 1.53 -27.09 -29.70
C ARG C 25 0.34 -26.15 -29.62
N VAL C 26 0.58 -24.85 -29.81
CA VAL C 26 -0.51 -23.88 -29.75
C VAL C 26 -0.61 -23.02 -31.02
N ASP C 27 -1.80 -22.96 -31.59
CA ASP C 27 -2.07 -22.17 -32.79
C ASP C 27 -3.55 -21.83 -32.86
N GLY C 28 -3.98 -21.33 -34.02
CA GLY C 28 -5.37 -20.98 -34.20
C GLY C 28 -5.95 -21.63 -35.44
N VAL C 29 -7.27 -21.84 -35.45
CA VAL C 29 -7.96 -22.43 -36.58
C VAL C 29 -9.36 -21.84 -36.69
N ARG C 30 -9.90 -21.87 -37.91
CA ARG C 30 -11.23 -21.33 -38.17
C ARG C 30 -12.38 -22.32 -38.01
N GLU C 31 -12.08 -23.62 -38.13
CA GLU C 31 -13.12 -24.66 -38.03
C GLU C 31 -13.72 -24.81 -36.62
N LYS C 32 -14.92 -24.29 -36.45
CA LYS C 32 -15.63 -24.35 -35.17
C LYS C 32 -15.82 -25.78 -34.67
N SER C 33 -15.61 -26.74 -35.55
CA SER C 33 -15.79 -28.16 -35.22
C SER C 33 -14.58 -28.83 -34.57
N ASP C 34 -13.41 -28.21 -34.70
CA ASP C 34 -12.19 -28.78 -34.13
C ASP C 34 -12.34 -29.09 -32.65
N PRO C 35 -12.05 -30.35 -32.25
CA PRO C 35 -12.15 -30.81 -30.87
C PRO C 35 -11.09 -30.22 -29.92
N HIS C 36 -10.07 -29.58 -30.47
CA HIS C 36 -9.02 -29.01 -29.63
C HIS C 36 -9.12 -27.50 -29.34
N ILE C 37 -10.30 -26.92 -29.55
CA ILE C 37 -10.52 -25.50 -29.27
C ILE C 37 -11.44 -25.34 -28.06
N LYS C 38 -11.92 -26.46 -27.53
CA LYS C 38 -12.78 -26.44 -26.36
C LYS C 38 -11.88 -26.24 -25.16
N LEU C 39 -12.00 -25.09 -24.50
CA LEU C 39 -11.13 -24.77 -23.37
C LEU C 39 -11.88 -24.62 -22.05
N GLN C 40 -11.14 -24.76 -20.95
CA GLN C 40 -11.75 -24.62 -19.64
C GLN C 40 -10.98 -23.59 -18.83
N LEU C 41 -11.62 -22.45 -18.55
CA LEU C 41 -10.99 -21.40 -17.75
C LEU C 41 -11.27 -21.65 -16.28
N GLN C 42 -10.34 -21.25 -15.43
CA GLN C 42 -10.48 -21.41 -13.98
C GLN C 42 -9.68 -20.31 -13.27
N ALA C 43 -10.34 -19.58 -12.37
CA ALA C 43 -9.67 -18.51 -11.64
C ALA C 43 -8.82 -19.09 -10.53
N GLU C 44 -7.60 -18.55 -10.38
CA GLU C 44 -6.68 -19.01 -9.33
C GLU C 44 -6.74 -18.01 -8.18
N GLU C 45 -6.99 -16.75 -8.55
CA GLU C 45 -7.12 -15.64 -7.62
C GLU C 45 -7.89 -14.56 -8.38
N ARG C 46 -8.33 -13.51 -7.68
CA ARG C 46 -9.09 -12.45 -8.34
C ARG C 46 -8.45 -11.94 -9.64
N GLY C 47 -9.20 -12.02 -10.73
CA GLY C 47 -8.69 -11.55 -12.02
C GLY C 47 -7.56 -12.35 -12.69
N VAL C 48 -7.23 -13.52 -12.15
CA VAL C 48 -6.18 -14.36 -12.72
C VAL C 48 -6.71 -15.75 -13.06
N VAL C 49 -6.48 -16.19 -14.29
CA VAL C 49 -6.97 -17.50 -14.71
C VAL C 49 -5.92 -18.42 -15.35
N SER C 50 -6.27 -19.70 -15.39
CA SER C 50 -5.47 -20.73 -16.05
C SER C 50 -6.37 -21.17 -17.19
N ILE C 51 -5.80 -21.49 -18.35
CA ILE C 51 -6.59 -21.91 -19.50
C ILE C 51 -6.17 -23.33 -19.90
N LYS C 52 -7.10 -24.27 -19.80
CA LYS C 52 -6.80 -25.67 -20.11
C LYS C 52 -7.53 -26.28 -21.30
N GLY C 53 -6.77 -26.91 -22.20
CA GLY C 53 -7.38 -27.55 -23.34
C GLY C 53 -8.00 -28.85 -22.85
N VAL C 54 -9.33 -28.96 -22.97
CA VAL C 54 -10.02 -30.14 -22.50
C VAL C 54 -9.53 -31.44 -23.15
N SER C 55 -9.47 -31.46 -24.49
CA SER C 55 -9.02 -32.65 -25.21
C SER C 55 -7.55 -33.00 -24.90
N ALA C 56 -6.67 -32.04 -25.15
CA ALA C 56 -5.24 -32.23 -24.92
C ALA C 56 -4.90 -32.48 -23.45
N ASN C 57 -5.81 -32.11 -22.57
CA ASN C 57 -5.60 -32.25 -21.13
C ASN C 57 -4.30 -31.55 -20.71
N ARG C 58 -4.04 -30.39 -21.31
CA ARG C 58 -2.85 -29.59 -21.01
C ARG C 58 -3.22 -28.14 -20.70
N TYR C 59 -2.32 -27.42 -20.03
CA TYR C 59 -2.52 -26.03 -19.65
C TYR C 59 -1.70 -25.05 -20.49
N LEU C 60 -2.36 -24.00 -20.98
CA LEU C 60 -1.69 -22.97 -21.79
C LEU C 60 -0.59 -22.33 -20.95
N ALA C 61 0.54 -22.02 -21.57
CA ALA C 61 1.65 -21.39 -20.86
C ALA C 61 2.49 -20.53 -21.79
N MET C 62 3.13 -19.53 -21.22
CA MET C 62 4.01 -18.65 -21.99
C MET C 62 5.40 -18.75 -21.39
N LYS C 63 6.36 -19.13 -22.24
CA LYS C 63 7.76 -19.30 -21.85
C LYS C 63 8.52 -17.97 -21.75
N GLU C 64 9.73 -18.04 -21.20
CA GLU C 64 10.58 -16.87 -21.03
C GLU C 64 10.89 -16.12 -22.32
N ASP C 65 10.96 -16.84 -23.45
CA ASP C 65 11.25 -16.21 -24.73
C ASP C 65 9.99 -15.69 -25.42
N GLY C 66 8.86 -15.83 -24.74
CA GLY C 66 7.60 -15.34 -25.30
C GLY C 66 6.86 -16.34 -26.18
N ARG C 67 7.27 -17.60 -26.16
CA ARG C 67 6.62 -18.62 -26.97
C ARG C 67 5.46 -19.24 -26.21
N LEU C 68 4.45 -19.69 -26.95
CA LEU C 68 3.28 -20.31 -26.32
C LEU C 68 3.29 -21.83 -26.50
N LEU C 69 2.88 -22.54 -25.45
CA LEU C 69 2.81 -24.00 -25.48
C LEU C 69 1.85 -24.46 -24.38
N ALA C 70 1.51 -25.75 -24.38
CA ALA C 70 0.60 -26.30 -23.38
C ALA C 70 1.28 -27.39 -22.55
N SER C 71 1.32 -27.18 -21.24
CA SER C 71 1.96 -28.09 -20.30
C SER C 71 1.05 -29.15 -19.67
N LYS C 72 1.62 -30.33 -19.43
CA LYS C 72 0.87 -31.42 -18.82
C LYS C 72 0.55 -31.03 -17.38
N SER C 73 1.52 -30.41 -16.71
CA SER C 73 1.34 -30.00 -15.33
C SER C 73 1.39 -28.48 -15.18
N VAL C 74 0.64 -27.96 -14.23
CA VAL C 74 0.55 -26.53 -13.97
C VAL C 74 1.84 -25.92 -13.39
N THR C 75 2.31 -24.84 -13.99
CA THR C 75 3.50 -24.13 -13.50
C THR C 75 3.16 -22.64 -13.42
N ASP C 76 4.10 -21.84 -12.94
CA ASP C 76 3.89 -20.41 -12.80
C ASP C 76 3.74 -19.66 -14.13
N GLU C 77 3.96 -20.37 -15.23
CA GLU C 77 3.83 -19.74 -16.54
C GLU C 77 2.47 -20.06 -17.16
N CYS C 78 1.57 -20.61 -16.35
CA CYS C 78 0.24 -20.99 -16.81
C CYS C 78 -0.89 -20.08 -16.31
N PHE C 79 -0.54 -18.94 -15.70
CA PHE C 79 -1.52 -18.00 -15.16
C PHE C 79 -1.51 -16.65 -15.87
N PHE C 80 -2.71 -16.15 -16.17
CA PHE C 80 -2.85 -14.89 -16.90
C PHE C 80 -3.91 -13.95 -16.34
N PHE C 81 -3.60 -12.65 -16.33
CA PHE C 81 -4.56 -11.66 -15.87
C PHE C 81 -5.63 -11.56 -16.95
N GLU C 82 -6.89 -11.76 -16.59
CA GLU C 82 -7.96 -11.62 -17.56
C GLU C 82 -8.61 -10.27 -17.37
N ARG C 83 -8.77 -9.55 -18.47
CA ARG C 83 -9.39 -8.23 -18.42
C ARG C 83 -10.39 -8.00 -19.54
N LEU C 84 -11.54 -7.43 -19.18
CA LEU C 84 -12.57 -7.09 -20.16
C LEU C 84 -12.27 -5.66 -20.56
N GLU C 85 -11.80 -5.45 -21.78
CA GLU C 85 -11.47 -4.10 -22.24
C GLU C 85 -12.70 -3.27 -22.56
N SER C 86 -12.52 -1.96 -22.65
CA SER C 86 -13.59 -1.03 -22.95
C SER C 86 -14.29 -1.34 -24.27
N ASN C 87 -13.55 -2.00 -25.17
CA ASN C 87 -14.10 -2.38 -26.47
C ASN C 87 -14.95 -3.66 -26.39
N ASN C 88 -15.04 -4.21 -25.19
CA ASN C 88 -15.79 -5.43 -24.90
C ASN C 88 -15.19 -6.76 -25.36
N TYR C 89 -13.88 -6.76 -25.58
CA TYR C 89 -13.13 -7.96 -25.95
C TYR C 89 -12.28 -8.29 -24.71
N ASN C 90 -11.82 -9.54 -24.59
CA ASN C 90 -10.98 -9.94 -23.45
C ASN C 90 -9.51 -9.96 -23.84
N THR C 91 -8.64 -9.78 -22.85
CA THR C 91 -7.20 -9.87 -23.07
C THR C 91 -6.63 -10.74 -21.96
N TYR C 92 -5.55 -11.44 -22.27
CA TYR C 92 -4.89 -12.32 -21.31
C TYR C 92 -3.41 -11.98 -21.22
N ARG C 93 -3.02 -11.40 -20.08
CA ARG C 93 -1.65 -10.98 -19.84
C ARG C 93 -0.93 -11.87 -18.83
N SER C 94 0.27 -12.32 -19.20
CA SER C 94 1.09 -13.20 -18.35
C SER C 94 1.33 -12.62 -16.95
N ARG C 95 1.07 -13.41 -15.92
CA ARG C 95 1.30 -12.93 -14.57
C ARG C 95 2.80 -12.97 -14.25
N LYS C 96 3.54 -13.81 -14.98
CA LYS C 96 4.98 -13.92 -14.77
C LYS C 96 5.73 -12.84 -15.57
N TYR C 97 5.53 -12.84 -16.89
CA TYR C 97 6.15 -11.86 -17.77
C TYR C 97 5.03 -10.84 -18.01
N THR C 98 4.85 -9.97 -17.03
CA THR C 98 3.79 -8.96 -17.01
C THR C 98 3.59 -7.98 -18.16
N SER C 99 4.35 -8.10 -19.24
CA SER C 99 4.16 -7.18 -20.35
C SER C 99 3.71 -7.87 -21.63
N TRP C 100 3.72 -9.20 -21.62
CA TRP C 100 3.34 -9.95 -22.80
C TRP C 100 1.92 -10.52 -22.76
N TYR C 101 1.28 -10.54 -23.92
CA TYR C 101 -0.09 -11.03 -24.07
C TYR C 101 -0.21 -12.30 -24.91
N VAL C 102 -1.23 -13.09 -24.64
CA VAL C 102 -1.50 -14.28 -25.43
C VAL C 102 -2.06 -13.67 -26.72
N ALA C 103 -1.58 -14.11 -27.87
CA ALA C 103 -2.03 -13.52 -29.12
C ALA C 103 -1.82 -14.42 -30.33
N LEU C 104 -2.58 -14.16 -31.38
CA LEU C 104 -2.47 -14.93 -32.60
C LEU C 104 -2.20 -13.99 -33.77
N LYS C 105 -1.48 -14.49 -34.78
CA LYS C 105 -1.15 -13.70 -35.96
C LYS C 105 -2.19 -13.92 -37.03
N ARG C 106 -2.24 -12.98 -37.99
CA ARG C 106 -3.19 -13.05 -39.10
C ARG C 106 -3.06 -14.36 -39.85
N THR C 107 -1.92 -15.02 -39.70
CA THR C 107 -1.65 -16.28 -40.38
C THR C 107 -2.30 -17.47 -39.68
N GLY C 108 -2.53 -17.36 -38.39
CA GLY C 108 -3.12 -18.47 -37.67
C GLY C 108 -2.11 -19.08 -36.71
N GLN C 109 -0.89 -18.55 -36.75
CA GLN C 109 0.18 -18.99 -35.87
C GLN C 109 0.20 -18.03 -34.69
N TYR C 110 0.59 -18.50 -33.52
CA TYR C 110 0.62 -17.63 -32.37
C TYR C 110 1.64 -16.50 -32.60
N LYS C 111 1.58 -15.48 -31.77
CA LYS C 111 2.49 -14.35 -31.88
C LYS C 111 3.35 -14.27 -30.63
N LEU C 112 4.67 -14.13 -30.81
CA LEU C 112 5.59 -14.05 -29.67
C LEU C 112 5.12 -13.01 -28.67
N GLY C 113 5.03 -13.41 -27.42
CA GLY C 113 4.59 -12.49 -26.38
C GLY C 113 5.39 -11.20 -26.38
N SER C 114 6.67 -11.31 -26.71
CA SER C 114 7.54 -10.13 -26.73
C SER C 114 7.18 -9.12 -27.81
N LYS C 115 6.39 -9.55 -28.79
CA LYS C 115 5.99 -8.66 -29.88
C LYS C 115 4.55 -8.16 -29.73
N THR C 116 3.97 -8.34 -28.54
CA THR C 116 2.60 -7.90 -28.30
C THR C 116 2.53 -6.55 -27.59
N GLY C 117 1.38 -5.89 -27.73
CA GLY C 117 1.18 -4.59 -27.10
C GLY C 117 -0.30 -4.36 -26.84
N PRO C 118 -0.65 -3.48 -25.89
CA PRO C 118 -2.03 -3.14 -25.51
C PRO C 118 -3.00 -2.71 -26.60
N GLY C 119 -2.49 -2.09 -27.66
CA GLY C 119 -3.39 -1.63 -28.71
C GLY C 119 -3.53 -2.55 -29.91
N GLN C 120 -2.85 -3.68 -29.89
CA GLN C 120 -2.88 -4.62 -31.01
C GLN C 120 -4.18 -5.41 -31.16
N LYS C 121 -4.47 -5.79 -32.40
CA LYS C 121 -5.66 -6.56 -32.74
C LYS C 121 -5.43 -8.04 -32.42
N ALA C 122 -4.17 -8.44 -32.36
CA ALA C 122 -3.77 -9.82 -32.10
C ALA C 122 -4.05 -10.33 -30.69
N ILE C 123 -4.23 -9.42 -29.74
CA ILE C 123 -4.47 -9.82 -28.35
C ILE C 123 -5.95 -9.78 -27.91
N LEU C 124 -6.85 -9.44 -28.84
CA LEU C 124 -8.27 -9.34 -28.51
C LEU C 124 -9.05 -10.63 -28.75
N PHE C 125 -9.62 -11.18 -27.68
CA PHE C 125 -10.39 -12.42 -27.75
C PHE C 125 -11.82 -12.25 -27.28
N LEU C 126 -12.72 -13.06 -27.84
CA LEU C 126 -14.11 -13.03 -27.46
C LEU C 126 -14.48 -14.44 -26.99
N PRO C 127 -14.80 -14.61 -25.70
CA PRO C 127 -15.18 -15.94 -25.23
C PRO C 127 -16.52 -16.37 -25.83
N MET C 128 -16.58 -17.59 -26.35
CA MET C 128 -17.81 -18.11 -26.96
C MET C 128 -18.17 -19.49 -26.43
N SER C 129 -19.45 -19.82 -26.51
CA SER C 129 -19.96 -21.11 -26.05
C SER C 129 -19.31 -22.28 -26.79
N ALA C 130 -19.08 -23.37 -26.08
CA ALA C 130 -18.50 -24.55 -26.68
C ALA C 130 -19.63 -25.41 -27.26
N LYS C 131 -20.73 -24.76 -27.64
CA LYS C 131 -21.88 -25.44 -28.24
C LYS C 131 -22.38 -26.56 -27.33
N HIS D 2 3.43 1.58 16.40
CA HIS D 2 3.10 2.25 15.12
C HIS D 2 3.18 3.77 15.31
N PHE D 3 4.00 4.43 14.50
CA PHE D 3 4.18 5.87 14.61
C PHE D 3 2.92 6.74 14.40
N LYS D 4 1.96 6.24 13.63
CA LYS D 4 0.71 6.96 13.37
C LYS D 4 -0.26 6.99 14.55
N ASP D 5 -0.08 6.08 15.50
CA ASP D 5 -0.96 6.02 16.66
C ASP D 5 -0.70 7.11 17.68
N PRO D 6 -1.76 7.55 18.37
CA PRO D 6 -1.63 8.59 19.40
C PRO D 6 -0.78 8.04 20.54
N LYS D 7 -0.24 8.93 21.36
CA LYS D 7 0.63 8.50 22.45
C LYS D 7 0.54 9.40 23.67
N ARG D 8 1.07 8.89 24.78
CA ARG D 8 1.15 9.68 25.99
C ARG D 8 2.64 9.99 26.08
N LEU D 9 2.99 11.18 26.53
CA LEU D 9 4.40 11.54 26.68
C LEU D 9 4.67 11.61 28.18
N TYR D 10 5.40 10.62 28.66
CA TYR D 10 5.77 10.51 30.07
C TYR D 10 7.08 11.26 30.37
N CYS D 11 7.05 12.11 31.39
CA CYS D 11 8.25 12.86 31.77
C CYS D 11 8.99 12.15 32.90
N LYS D 12 10.27 11.87 32.67
CA LYS D 12 11.10 11.22 33.66
C LYS D 12 11.11 12.01 34.96
N ASN D 13 11.00 13.33 34.84
CA ASN D 13 11.01 14.20 36.02
C ASN D 13 9.67 14.08 36.75
N GLY D 14 9.67 13.34 37.86
CA GLY D 14 8.44 13.17 38.63
C GLY D 14 7.44 12.13 38.10
N GLY D 15 7.59 11.72 36.86
CA GLY D 15 6.67 10.73 36.30
C GLY D 15 5.29 11.28 35.94
N PHE D 16 5.24 12.47 35.36
CA PHE D 16 3.96 13.06 34.95
C PHE D 16 3.76 12.89 33.45
N PHE D 17 2.50 12.76 33.04
CA PHE D 17 2.15 12.64 31.63
C PHE D 17 1.83 14.05 31.15
N LEU D 18 2.42 14.47 30.03
CA LEU D 18 2.14 15.80 29.51
C LEU D 18 0.64 15.92 29.23
N ARG D 19 0.03 16.98 29.74
CA ARG D 19 -1.42 17.18 29.56
C ARG D 19 -1.78 18.49 28.87
N ILE D 20 -2.71 18.42 27.92
CA ILE D 20 -3.16 19.61 27.19
C ILE D 20 -4.66 19.79 27.43
N HIS D 21 -4.99 20.78 28.26
CA HIS D 21 -6.37 21.09 28.62
C HIS D 21 -7.17 21.75 27.49
N PRO D 22 -8.50 21.56 27.50
CA PRO D 22 -9.39 22.12 26.48
C PRO D 22 -9.26 23.64 26.31
N ASP D 23 -8.96 24.35 27.40
CA ASP D 23 -8.81 25.79 27.38
C ASP D 23 -7.40 26.25 27.01
N GLY D 24 -6.53 25.31 26.67
CA GLY D 24 -5.18 25.67 26.28
C GLY D 24 -4.08 25.69 27.33
N ARG D 25 -4.39 25.31 28.57
CA ARG D 25 -3.33 25.30 29.58
C ARG D 25 -2.52 24.01 29.48
N VAL D 26 -1.24 24.09 29.82
CA VAL D 26 -0.38 22.91 29.76
C VAL D 26 0.30 22.60 31.09
N ASP D 27 0.17 21.34 31.52
CA ASP D 27 0.79 20.86 32.76
C ASP D 27 0.98 19.35 32.68
N GLY D 28 1.31 18.75 33.83
CA GLY D 28 1.51 17.32 33.88
C GLY D 28 0.64 16.69 34.96
N VAL D 29 0.33 15.41 34.79
CA VAL D 29 -0.50 14.68 35.74
C VAL D 29 -0.07 13.21 35.77
N ARG D 30 -0.29 12.56 36.90
CA ARG D 30 0.10 11.15 37.07
C ARG D 30 -0.97 10.14 36.66
N GLU D 31 -2.25 10.55 36.68
CA GLU D 31 -3.35 9.65 36.35
C GLU D 31 -3.39 9.23 34.88
N LYS D 32 -2.99 7.99 34.62
CA LYS D 32 -2.95 7.45 33.26
C LYS D 32 -4.33 7.46 32.59
N SER D 33 -5.38 7.69 33.38
CA SER D 33 -6.74 7.70 32.85
C SER D 33 -7.21 9.04 32.31
N ASP D 34 -6.50 10.11 32.63
CA ASP D 34 -6.88 11.45 32.17
C ASP D 34 -7.02 11.49 30.65
N PRO D 35 -8.19 11.95 30.16
CA PRO D 35 -8.47 12.05 28.73
C PRO D 35 -7.69 13.13 27.98
N HIS D 36 -7.00 14.01 28.72
CA HIS D 36 -6.25 15.07 28.08
C HIS D 36 -4.74 14.84 27.95
N ILE D 37 -4.31 13.59 28.07
CA ILE D 37 -2.89 13.25 27.92
C ILE D 37 -2.67 12.45 26.64
N LYS D 38 -3.76 12.16 25.93
CA LYS D 38 -3.69 11.42 24.67
C LYS D 38 -3.27 12.43 23.60
N LEU D 39 -2.06 12.27 23.07
CA LEU D 39 -1.52 13.20 22.09
C LEU D 39 -1.29 12.58 20.72
N GLN D 40 -1.23 13.43 19.70
CA GLN D 40 -1.00 12.96 18.36
C GLN D 40 0.20 13.71 17.76
N LEU D 41 1.29 12.98 17.53
CA LEU D 41 2.50 13.55 16.94
C LEU D 41 2.40 13.47 15.43
N GLN D 42 2.98 14.44 14.74
CA GLN D 42 2.97 14.46 13.27
C GLN D 42 4.21 15.22 12.78
N ALA D 43 4.98 14.58 11.90
CA ALA D 43 6.19 15.20 11.37
C ALA D 43 5.84 16.24 10.30
N GLU D 44 6.50 17.39 10.35
CA GLU D 44 6.26 18.47 9.38
C GLU D 44 7.39 18.41 8.35
N GLU D 45 8.55 17.98 8.82
CA GLU D 45 9.74 17.81 7.99
C GLU D 45 10.66 16.88 8.78
N ARG D 46 11.72 16.41 8.15
CA ARG D 46 12.63 15.48 8.82
C ARG D 46 13.04 15.92 10.23
N GLY D 47 12.76 15.07 11.22
CA GLY D 47 13.13 15.37 12.60
C GLY D 47 12.36 16.49 13.32
N VAL D 48 11.31 17.03 12.69
CA VAL D 48 10.51 18.10 13.28
C VAL D 48 9.05 17.68 13.42
N VAL D 49 8.48 17.84 14.61
CA VAL D 49 7.09 17.45 14.83
C VAL D 49 6.21 18.51 15.48
N SER D 50 4.90 18.31 15.34
CA SER D 50 3.89 19.14 15.98
C SER D 50 3.22 18.17 16.96
N ILE D 51 2.82 18.65 18.13
CA ILE D 51 2.19 17.79 19.13
C ILE D 51 0.78 18.32 19.42
N LYS D 52 -0.23 17.51 19.12
CA LYS D 52 -1.62 17.93 19.29
C LYS D 52 -2.43 17.14 20.32
N GLY D 53 -3.09 17.86 21.23
CA GLY D 53 -3.92 17.21 22.23
C GLY D 53 -5.20 16.79 21.53
N VAL D 54 -5.45 15.48 21.47
CA VAL D 54 -6.64 14.98 20.79
C VAL D 54 -7.94 15.54 21.36
N SER D 55 -8.11 15.46 22.68
CA SER D 55 -9.33 15.95 23.32
C SER D 55 -9.51 17.47 23.16
N ALA D 56 -8.50 18.22 23.61
CA ALA D 56 -8.52 19.67 23.53
C ALA D 56 -8.56 20.18 22.09
N ASN D 57 -8.16 19.33 21.16
CA ASN D 57 -8.13 19.72 19.75
C ASN D 57 -7.26 20.97 19.56
N ARG D 58 -6.16 21.03 20.30
CA ARG D 58 -5.21 22.15 20.24
C ARG D 58 -3.78 21.66 20.05
N TYR D 59 -2.91 22.55 19.57
CA TYR D 59 -1.49 22.24 19.34
C TYR D 59 -0.55 22.86 20.36
N LEU D 60 0.37 22.05 20.87
CA LEU D 60 1.35 22.50 21.86
C LEU D 60 2.19 23.60 21.23
N ALA D 61 2.53 24.62 22.01
CA ALA D 61 3.34 25.72 21.51
C ALA D 61 4.15 26.36 22.61
N MET D 62 5.28 26.95 22.23
CA MET D 62 6.14 27.64 23.18
C MET D 62 6.23 29.10 22.75
N LYS D 63 5.86 30.00 23.67
CA LYS D 63 5.88 31.43 23.41
C LYS D 63 7.27 32.05 23.56
N GLU D 64 7.40 33.30 23.15
CA GLU D 64 8.66 34.03 23.21
C GLU D 64 9.27 34.13 24.62
N ASP D 65 8.44 34.15 25.66
CA ASP D 65 8.94 34.24 27.02
C ASP D 65 9.25 32.86 27.61
N GLY D 66 9.08 31.82 26.79
CA GLY D 66 9.37 30.47 27.25
C GLY D 66 8.20 29.75 27.92
N ARG D 67 7.01 30.31 27.82
CA ARG D 67 5.83 29.68 28.43
C ARG D 67 5.20 28.67 27.47
N LEU D 68 4.58 27.63 28.02
CA LEU D 68 3.91 26.62 27.20
C LEU D 68 2.39 26.78 27.21
N LEU D 69 1.78 26.58 26.05
CA LEU D 69 0.33 26.66 25.92
C LEU D 69 -0.09 25.87 24.68
N ALA D 70 -1.40 25.68 24.49
CA ALA D 70 -1.90 24.95 23.33
C ALA D 70 -2.83 25.83 22.48
N SER D 71 -2.46 26.01 21.21
CA SER D 71 -3.25 26.86 20.32
C SER D 71 -4.25 26.12 19.44
N LYS D 72 -5.34 26.82 19.13
CA LYS D 72 -6.40 26.26 18.32
C LYS D 72 -5.88 26.07 16.89
N SER D 73 -5.10 27.03 16.42
CA SER D 73 -4.55 26.96 15.07
C SER D 73 -3.02 26.86 15.10
N VAL D 74 -2.46 26.16 14.14
CA VAL D 74 -1.02 25.95 14.04
C VAL D 74 -0.22 27.21 13.67
N THR D 75 0.82 27.50 14.44
CA THR D 75 1.69 28.65 14.17
C THR D 75 3.13 28.17 14.20
N ASP D 76 4.08 29.06 13.92
CA ASP D 76 5.50 28.71 13.92
C ASP D 76 6.05 28.32 15.28
N GLU D 77 5.24 28.50 16.33
CA GLU D 77 5.69 28.17 17.68
C GLU D 77 5.18 26.79 18.09
N CYS D 78 4.64 26.05 17.12
CA CYS D 78 4.11 24.72 17.40
C CYS D 78 4.95 23.56 16.85
N PHE D 79 6.18 23.85 16.43
CA PHE D 79 7.06 22.85 15.86
C PHE D 79 8.31 22.62 16.72
N PHE D 80 8.65 21.35 16.93
CA PHE D 80 9.79 20.99 17.78
C PHE D 80 10.68 19.91 17.19
N PHE D 81 12.00 20.07 17.36
CA PHE D 81 12.95 19.08 16.88
C PHE D 81 12.84 17.88 17.83
N GLU D 82 12.56 16.69 17.29
CA GLU D 82 12.46 15.50 18.13
C GLU D 82 13.77 14.74 18.01
N ARG D 83 14.32 14.37 19.16
CA ARG D 83 15.57 13.64 19.19
C ARG D 83 15.57 12.50 20.21
N LEU D 84 16.06 11.35 19.78
CA LEU D 84 16.17 10.18 20.65
C LEU D 84 17.59 10.28 21.23
N GLU D 85 17.70 10.60 22.52
CA GLU D 85 19.01 10.74 23.17
C GLU D 85 19.66 9.38 23.41
N SER D 86 20.97 9.42 23.68
CA SER D 86 21.74 8.21 23.93
C SER D 86 21.21 7.43 25.13
N ASN D 87 20.51 8.13 26.03
CA ASN D 87 19.95 7.49 27.21
C ASN D 87 18.61 6.80 26.90
N ASN D 88 18.19 6.89 25.63
CA ASN D 88 16.95 6.30 25.13
C ASN D 88 15.64 6.99 25.52
N TYR D 89 15.74 8.28 25.87
CA TYR D 89 14.58 9.11 26.19
C TYR D 89 14.48 10.11 25.04
N ASN D 90 13.33 10.73 24.87
CA ASN D 90 13.16 11.71 23.79
C ASN D 90 13.22 13.13 24.33
N THR D 91 13.60 14.08 23.48
CA THR D 91 13.62 15.50 23.87
C THR D 91 12.94 16.27 22.74
N TYR D 92 12.31 17.37 23.09
CA TYR D 92 11.60 18.22 22.13
C TYR D 92 12.10 19.66 22.26
N ARG D 93 12.83 20.09 21.24
CA ARG D 93 13.42 21.43 21.20
C ARG D 93 12.74 22.35 20.20
N SER D 94 12.36 23.54 20.66
CA SER D 94 11.68 24.54 19.84
C SER D 94 12.44 24.88 18.55
N ARG D 95 11.76 24.81 17.41
CA ARG D 95 12.41 25.13 16.15
C ARG D 95 12.56 26.65 16.03
N LYS D 96 11.72 27.40 16.73
CA LYS D 96 11.78 28.86 16.70
C LYS D 96 12.82 29.40 17.68
N TYR D 97 12.64 29.06 18.96
CA TYR D 97 13.56 29.47 20.02
C TYR D 97 14.43 28.22 20.23
N THR D 98 15.39 28.06 19.34
CA THR D 98 16.28 26.90 19.30
C THR D 98 17.09 26.46 20.51
N SER D 99 16.92 27.12 21.66
CA SER D 99 17.68 26.70 22.83
C SER D 99 16.81 26.20 23.96
N TRP D 100 15.49 26.37 23.82
CA TRP D 100 14.57 25.95 24.86
C TRP D 100 13.89 24.60 24.59
N TYR D 101 13.65 23.85 25.66
CA TYR D 101 13.02 22.53 25.59
C TYR D 101 11.66 22.46 26.26
N VAL D 102 10.80 21.57 25.79
CA VAL D 102 9.51 21.35 26.41
C VAL D 102 9.92 20.58 27.68
N ALA D 103 9.41 20.99 28.83
CA ALA D 103 9.79 20.34 30.07
C ALA D 103 8.78 20.52 31.18
N LEU D 104 8.82 19.62 32.15
CA LEU D 104 7.92 19.67 33.29
C LEU D 104 8.74 19.72 34.58
N LYS D 105 8.20 20.39 35.59
CA LYS D 105 8.88 20.52 36.88
C LYS D 105 8.44 19.39 37.81
N ARG D 106 9.24 19.14 38.85
CA ARG D 106 8.94 18.08 39.81
C ARG D 106 7.57 18.27 40.45
N THR D 107 7.05 19.49 40.37
CA THR D 107 5.75 19.81 40.94
C THR D 107 4.59 19.38 40.04
N GLY D 108 4.83 19.29 38.74
CA GLY D 108 3.76 18.91 37.84
C GLY D 108 3.39 20.07 36.95
N GLN D 109 4.01 21.21 37.20
CA GLN D 109 3.77 22.40 36.40
C GLN D 109 4.88 22.44 35.35
N TYR D 110 4.58 23.02 34.18
CA TYR D 110 5.60 23.07 33.14
C TYR D 110 6.77 23.92 33.62
N LYS D 111 7.88 23.84 32.90
CA LYS D 111 9.07 24.60 33.25
C LYS D 111 9.37 25.59 32.12
N LEU D 112 9.63 26.86 32.47
CA LEU D 112 9.92 27.88 31.46
C LEU D 112 11.03 27.41 30.53
N GLY D 113 10.77 27.49 29.23
CA GLY D 113 11.76 27.06 28.26
C GLY D 113 13.11 27.71 28.49
N SER D 114 13.10 28.95 28.96
CA SER D 114 14.33 29.70 29.21
C SER D 114 15.18 29.11 30.34
N LYS D 115 14.57 28.27 31.18
CA LYS D 115 15.28 27.67 32.28
C LYS D 115 15.65 26.21 32.02
N THR D 116 15.54 25.78 30.77
CA THR D 116 15.87 24.39 30.41
C THR D 116 17.29 24.25 29.84
N GLY D 117 17.82 23.04 29.92
CA GLY D 117 19.16 22.76 29.41
C GLY D 117 19.26 21.30 29.00
N PRO D 118 20.22 20.96 28.11
CA PRO D 118 20.44 19.59 27.61
C PRO D 118 20.67 18.48 28.62
N GLY D 119 21.21 18.80 29.79
CA GLY D 119 21.45 17.75 30.76
C GLY D 119 20.40 17.58 31.85
N GLN D 120 19.33 18.38 31.78
CA GLN D 120 18.29 18.32 32.81
C GLN D 120 17.36 17.11 32.71
N LYS D 121 16.81 16.74 33.85
CA LYS D 121 15.89 15.62 33.95
C LYS D 121 14.48 16.03 33.50
N ALA D 122 14.22 17.34 33.56
CA ALA D 122 12.92 17.89 33.20
C ALA D 122 12.55 17.83 31.70
N ILE D 123 13.56 17.66 30.85
CA ILE D 123 13.31 17.61 29.41
C ILE D 123 13.24 16.21 28.80
N LEU D 124 13.39 15.18 29.64
CA LEU D 124 13.39 13.79 29.16
C LEU D 124 12.01 13.14 29.18
N PHE D 125 11.54 12.73 28.00
CA PHE D 125 10.23 12.11 27.85
C PHE D 125 10.31 10.72 27.22
N LEU D 126 9.36 9.88 27.58
CA LEU D 126 9.29 8.54 27.04
C LEU D 126 7.91 8.36 26.38
N PRO D 127 7.88 8.20 25.04
CA PRO D 127 6.58 8.04 24.40
C PRO D 127 5.96 6.68 24.79
N MET D 128 4.68 6.70 25.18
CA MET D 128 3.99 5.48 25.57
C MET D 128 2.65 5.35 24.86
N SER D 129 2.18 4.10 24.75
CA SER D 129 0.92 3.80 24.10
C SER D 129 -0.26 4.48 24.77
N ALA D 130 -1.23 4.89 23.97
CA ALA D 130 -2.43 5.53 24.49
C ALA D 130 -3.45 4.45 24.86
N LYS D 131 -2.95 3.26 25.17
CA LYS D 131 -3.80 2.13 25.56
C LYS D 131 -4.85 1.86 24.48
N ASN E 4 28.49 -5.78 -37.85
CA ASN E 4 27.51 -5.24 -36.86
C ASN E 4 26.88 -6.28 -35.94
N LYS E 5 26.66 -7.49 -36.45
CA LYS E 5 26.06 -8.58 -35.68
C LYS E 5 27.11 -9.25 -34.79
N ARG E 6 26.83 -9.35 -33.49
CA ARG E 6 27.81 -9.94 -32.58
C ARG E 6 27.24 -10.50 -31.28
N ALA E 7 27.97 -11.46 -30.72
CA ALA E 7 27.59 -12.09 -29.47
C ALA E 7 27.60 -11.06 -28.33
N PRO E 8 27.01 -11.41 -27.19
CA PRO E 8 26.96 -10.52 -26.02
C PRO E 8 28.33 -10.25 -25.44
N TYR E 9 28.50 -9.06 -24.88
CA TYR E 9 29.77 -8.68 -24.26
C TYR E 9 29.52 -7.61 -23.18
N TRP E 10 30.35 -7.62 -22.14
CA TRP E 10 30.25 -6.65 -21.05
C TRP E 10 30.70 -5.27 -21.53
N THR E 11 29.87 -4.24 -21.31
CA THR E 11 30.21 -2.88 -21.74
C THR E 11 30.88 -2.05 -20.66
N ASN E 12 31.04 -2.62 -19.47
CA ASN E 12 31.69 -1.91 -18.38
C ASN E 12 32.16 -2.86 -17.29
N THR E 13 33.33 -3.48 -17.49
CA THR E 13 33.87 -4.42 -16.52
C THR E 13 34.29 -3.77 -15.21
N GLU E 14 34.49 -2.46 -15.23
CA GLU E 14 34.91 -1.72 -14.05
C GLU E 14 33.90 -1.93 -12.92
N LYS E 15 32.62 -1.72 -13.26
CA LYS E 15 31.53 -1.87 -12.31
C LYS E 15 31.22 -3.32 -11.94
N MET E 16 31.99 -4.27 -12.46
CA MET E 16 31.78 -5.70 -12.19
C MET E 16 32.92 -6.35 -11.40
N GLU E 17 34.00 -5.60 -11.20
CA GLU E 17 35.17 -6.12 -10.49
C GLU E 17 34.94 -6.53 -9.03
N LYS E 18 34.07 -5.79 -8.35
CA LYS E 18 33.74 -6.07 -6.95
C LYS E 18 32.82 -7.30 -6.91
N ARG E 19 33.40 -8.48 -6.68
CA ARG E 19 32.62 -9.73 -6.66
C ARG E 19 31.86 -9.97 -5.37
N LEU E 20 32.51 -9.70 -4.24
CA LEU E 20 31.90 -9.88 -2.93
C LEU E 20 31.24 -8.58 -2.47
N HIS E 21 29.93 -8.64 -2.25
CA HIS E 21 29.16 -7.48 -1.78
C HIS E 21 28.72 -7.78 -0.36
N ALA E 22 29.39 -7.18 0.61
CA ALA E 22 29.06 -7.35 2.02
C ALA E 22 28.36 -6.06 2.41
N VAL E 23 27.12 -6.16 2.87
CA VAL E 23 26.37 -4.97 3.25
C VAL E 23 25.62 -5.13 4.56
N PRO E 24 25.33 -4.02 5.22
CA PRO E 24 24.60 -4.07 6.49
C PRO E 24 23.12 -4.37 6.24
N ALA E 25 22.52 -5.12 7.15
CA ALA E 25 21.09 -5.46 7.03
C ALA E 25 20.22 -4.21 6.91
N ALA E 26 19.12 -4.35 6.17
CA ALA E 26 18.16 -3.27 5.93
C ALA E 26 18.50 -2.33 4.78
N ASN E 27 19.65 -2.52 4.16
CA ASN E 27 20.04 -1.68 3.03
C ASN E 27 19.52 -2.29 1.73
N THR E 28 19.63 -1.51 0.66
CA THR E 28 19.24 -1.97 -0.66
C THR E 28 20.51 -2.39 -1.39
N VAL E 29 20.44 -3.50 -2.13
CA VAL E 29 21.61 -3.94 -2.88
C VAL E 29 21.28 -3.96 -4.37
N LYS E 30 22.26 -3.59 -5.18
CA LYS E 30 22.07 -3.57 -6.63
C LYS E 30 23.24 -4.21 -7.37
N PHE E 31 22.93 -5.23 -8.17
CA PHE E 31 23.96 -5.90 -8.96
C PHE E 31 23.77 -5.50 -10.40
N ARG E 32 24.86 -5.24 -11.10
CA ARG E 32 24.79 -4.84 -12.51
C ARG E 32 25.72 -5.64 -13.41
N CYS E 33 25.30 -5.83 -14.66
CA CYS E 33 26.08 -6.53 -15.66
C CYS E 33 25.84 -5.83 -17.00
N PRO E 34 26.31 -4.58 -17.13
CA PRO E 34 26.16 -3.77 -18.35
C PRO E 34 26.60 -4.58 -19.56
N ALA E 35 25.72 -4.77 -20.52
CA ALA E 35 26.05 -5.56 -21.68
C ALA E 35 25.67 -4.96 -23.03
N GLY E 36 26.34 -5.42 -24.08
CA GLY E 36 26.07 -4.98 -25.43
C GLY E 36 25.88 -6.20 -26.31
N GLY E 37 25.49 -6.00 -27.56
CA GLY E 37 25.28 -7.13 -28.46
C GLY E 37 24.24 -6.84 -29.54
N ASN E 38 24.34 -7.54 -30.67
CA ASN E 38 23.41 -7.36 -31.77
C ASN E 38 23.08 -8.70 -32.42
N PRO E 39 21.81 -9.13 -32.32
CA PRO E 39 20.71 -8.45 -31.64
C PRO E 39 20.85 -8.27 -30.14
N MET E 40 20.04 -7.39 -29.57
CA MET E 40 20.03 -7.09 -28.14
C MET E 40 19.88 -8.37 -27.33
N PRO E 41 20.87 -8.69 -26.48
CA PRO E 41 20.81 -9.90 -25.68
C PRO E 41 19.80 -9.83 -24.53
N THR E 42 19.29 -11.00 -24.11
CA THR E 42 18.34 -11.04 -23.02
C THR E 42 19.13 -11.24 -21.73
N MET E 43 18.46 -11.01 -20.61
CA MET E 43 19.10 -11.17 -19.31
C MET E 43 18.25 -11.97 -18.35
N ARG E 44 18.92 -12.85 -17.61
CA ARG E 44 18.26 -13.68 -16.60
C ARG E 44 19.15 -13.71 -15.35
N TRP E 45 18.55 -13.73 -14.17
CA TRP E 45 19.32 -13.79 -12.94
C TRP E 45 19.07 -15.10 -12.16
N LEU E 46 20.14 -15.72 -11.69
CA LEU E 46 20.02 -16.95 -10.92
C LEU E 46 20.46 -16.73 -9.46
N LYS E 47 19.85 -17.47 -8.54
CA LYS E 47 20.24 -17.42 -7.13
C LYS E 47 20.77 -18.83 -6.84
N ASN E 48 22.03 -18.91 -6.43
CA ASN E 48 22.64 -20.21 -6.15
C ASN E 48 22.47 -21.17 -7.34
N GLY E 49 22.79 -20.69 -8.53
CA GLY E 49 22.71 -21.49 -9.74
C GLY E 49 21.33 -21.95 -10.23
N LYS E 50 20.25 -21.41 -9.66
CA LYS E 50 18.89 -21.79 -10.06
C LYS E 50 18.05 -20.55 -10.32
N GLU E 51 16.99 -20.70 -11.11
CA GLU E 51 16.10 -19.58 -11.39
C GLU E 51 15.73 -18.87 -10.09
N PHE E 52 15.80 -17.55 -10.11
CA PHE E 52 15.49 -16.72 -8.96
C PHE E 52 14.07 -16.23 -9.19
N LYS E 53 13.16 -16.62 -8.30
CA LYS E 53 11.74 -16.25 -8.42
C LYS E 53 11.33 -15.22 -7.37
N GLN E 54 10.29 -14.45 -7.69
CA GLN E 54 9.80 -13.43 -6.78
C GLN E 54 9.48 -13.97 -5.39
N GLU E 55 8.92 -15.18 -5.33
CA GLU E 55 8.56 -15.77 -4.04
C GLU E 55 9.75 -16.28 -3.23
N HIS E 56 10.95 -16.18 -3.79
CA HIS E 56 12.15 -16.64 -3.08
C HIS E 56 12.57 -15.76 -1.89
N ARG E 57 11.98 -14.57 -1.75
CA ARG E 57 12.29 -13.68 -0.63
C ARG E 57 11.11 -12.73 -0.36
N ILE E 58 10.98 -12.28 0.88
CA ILE E 58 9.90 -11.36 1.22
C ILE E 58 10.07 -10.11 0.35
N GLY E 59 8.98 -9.71 -0.31
CA GLY E 59 9.04 -8.53 -1.16
C GLY E 59 9.66 -8.72 -2.53
N GLY E 60 10.12 -9.95 -2.81
CA GLY E 60 10.73 -10.21 -4.11
C GLY E 60 11.88 -9.29 -4.52
N TYR E 61 12.00 -9.04 -5.82
CA TYR E 61 13.04 -8.18 -6.32
C TYR E 61 12.59 -7.40 -7.54
N LYS E 62 13.45 -6.48 -8.00
CA LYS E 62 13.16 -5.66 -9.16
C LYS E 62 14.30 -5.72 -10.17
N VAL E 63 13.94 -5.68 -11.45
CA VAL E 63 14.94 -5.72 -12.51
C VAL E 63 14.69 -4.60 -13.50
N ARG E 64 15.75 -3.86 -13.82
CA ARG E 64 15.67 -2.77 -14.78
C ARG E 64 16.53 -3.15 -15.99
N ASN E 65 15.89 -3.74 -17.00
CA ASN E 65 16.60 -4.17 -18.21
C ASN E 65 17.48 -3.08 -18.81
N GLN E 66 16.97 -1.84 -18.80
CA GLN E 66 17.72 -0.70 -19.34
C GLN E 66 19.07 -0.52 -18.65
N HIS E 67 19.17 -0.93 -17.39
CA HIS E 67 20.43 -0.80 -16.65
C HIS E 67 21.11 -2.15 -16.38
N TRP E 68 20.56 -3.23 -16.92
CA TRP E 68 21.11 -4.57 -16.72
C TRP E 68 21.34 -4.82 -15.23
N SER E 69 20.33 -4.52 -14.42
CA SER E 69 20.49 -4.65 -12.99
C SER E 69 19.43 -5.47 -12.24
N LEU E 70 19.85 -5.98 -11.09
CA LEU E 70 18.99 -6.76 -10.18
C LEU E 70 18.99 -5.97 -8.88
N ILE E 71 17.81 -5.67 -8.35
CA ILE E 71 17.67 -4.90 -7.12
C ILE E 71 16.92 -5.62 -6.01
N MET E 72 17.52 -5.67 -4.82
CA MET E 72 16.90 -6.29 -3.65
C MET E 72 16.89 -5.26 -2.52
N GLU E 73 15.70 -4.91 -2.06
CA GLU E 73 15.53 -3.93 -0.99
C GLU E 73 15.44 -4.57 0.39
N SER E 74 15.88 -3.83 1.41
CA SER E 74 15.85 -4.27 2.81
C SER E 74 16.40 -5.67 3.02
N VAL E 75 17.65 -5.89 2.64
CA VAL E 75 18.26 -7.22 2.76
C VAL E 75 18.35 -7.72 4.21
N VAL E 76 18.32 -9.04 4.37
CA VAL E 76 18.39 -9.70 5.66
C VAL E 76 19.39 -10.85 5.53
N PRO E 77 19.83 -11.42 6.68
CA PRO E 77 20.78 -12.52 6.68
C PRO E 77 20.48 -13.65 5.69
N SER E 78 19.21 -14.01 5.56
CA SER E 78 18.82 -15.09 4.66
C SER E 78 19.10 -14.83 3.18
N ASP E 79 19.36 -13.57 2.81
CA ASP E 79 19.65 -13.23 1.41
C ASP E 79 21.06 -13.65 0.97
N LYS E 80 21.89 -14.03 1.94
CA LYS E 80 23.26 -14.46 1.65
C LYS E 80 23.25 -15.57 0.60
N GLY E 81 24.17 -15.48 -0.37
CA GLY E 81 24.25 -16.48 -1.42
C GLY E 81 24.90 -15.96 -2.69
N ASN E 82 24.81 -16.72 -3.77
CA ASN E 82 25.38 -16.32 -5.05
C ASN E 82 24.29 -15.87 -6.01
N TYR E 83 24.57 -14.78 -6.74
CA TYR E 83 23.64 -14.23 -7.72
C TYR E 83 24.38 -14.12 -9.05
N THR E 84 23.85 -14.84 -10.04
CA THR E 84 24.44 -14.89 -11.36
C THR E 84 23.59 -14.28 -12.47
N CYS E 85 24.24 -13.48 -13.30
CA CYS E 85 23.56 -12.87 -14.43
C CYS E 85 23.98 -13.62 -15.69
N VAL E 86 22.99 -14.05 -16.48
CA VAL E 86 23.24 -14.76 -17.73
C VAL E 86 22.70 -13.88 -18.87
N VAL E 87 23.56 -13.56 -19.83
CA VAL E 87 23.19 -12.72 -20.95
C VAL E 87 23.40 -13.46 -22.26
N GLU E 88 22.40 -13.45 -23.13
CA GLU E 88 22.51 -14.19 -24.39
C GLU E 88 21.73 -13.71 -25.62
N ASN E 89 22.22 -14.13 -26.79
CA ASN E 89 21.58 -13.87 -28.08
C ASN E 89 21.97 -15.07 -28.95
N GLU E 90 21.63 -15.05 -30.24
CA GLU E 90 21.96 -16.21 -31.08
C GLU E 90 23.44 -16.52 -31.30
N TYR E 91 24.31 -15.57 -31.01
CA TYR E 91 25.75 -15.75 -31.21
C TYR E 91 26.55 -16.04 -29.93
N GLY E 92 25.88 -16.15 -28.79
CA GLY E 92 26.63 -16.43 -27.58
C GLY E 92 25.90 -16.27 -26.26
N SER E 93 26.53 -16.78 -25.20
CA SER E 93 26.00 -16.73 -23.85
C SER E 93 27.14 -16.57 -22.84
N ILE E 94 27.06 -15.55 -22.00
CA ILE E 94 28.09 -15.29 -21.00
C ILE E 94 27.45 -15.00 -19.65
N ASN E 95 28.19 -15.24 -18.57
CA ASN E 95 27.68 -15.03 -17.23
C ASN E 95 28.75 -14.51 -16.26
N HIS E 96 28.28 -13.96 -15.14
CA HIS E 96 29.14 -13.42 -14.11
C HIS E 96 28.45 -13.66 -12.77
N THR E 97 29.24 -13.92 -11.73
CA THR E 97 28.66 -14.20 -10.42
C THR E 97 29.09 -13.28 -9.29
N TYR E 98 28.11 -12.85 -8.50
CA TYR E 98 28.32 -11.99 -7.34
C TYR E 98 28.00 -12.80 -6.09
N HIS E 99 28.65 -12.48 -4.99
CA HIS E 99 28.40 -13.15 -3.72
C HIS E 99 27.86 -12.08 -2.77
N LEU E 100 26.76 -12.38 -2.10
CA LEU E 100 26.19 -11.41 -1.16
C LEU E 100 26.27 -11.90 0.28
N ASP E 101 26.63 -10.98 1.18
CA ASP E 101 26.70 -11.30 2.60
C ASP E 101 26.06 -10.12 3.34
N VAL E 102 25.26 -10.42 4.36
CA VAL E 102 24.59 -9.40 5.13
C VAL E 102 25.01 -9.43 6.58
N VAL E 103 25.28 -8.25 7.13
CA VAL E 103 25.72 -8.10 8.52
C VAL E 103 24.77 -7.21 9.31
N GLU E 104 24.27 -7.71 10.42
CA GLU E 104 23.35 -6.93 11.25
C GLU E 104 24.15 -6.06 12.21
N ARG E 105 23.84 -4.76 12.20
CA ARG E 105 24.53 -3.80 13.06
C ARG E 105 23.61 -3.46 14.23
N SER E 106 24.18 -3.21 15.40
CA SER E 106 23.39 -2.89 16.59
C SER E 106 23.85 -1.56 17.20
N PRO E 107 23.13 -0.48 16.91
CA PRO E 107 23.51 0.84 17.45
C PRO E 107 23.13 1.09 18.91
N HIS E 108 23.43 0.15 19.80
CA HIS E 108 23.13 0.34 21.22
C HIS E 108 24.40 0.48 22.05
N ARG E 109 24.26 1.08 23.22
CA ARG E 109 25.40 1.21 24.12
C ARG E 109 25.61 -0.23 24.65
N PRO E 110 26.76 -0.51 25.29
CA PRO E 110 27.02 -1.86 25.79
C PRO E 110 25.94 -2.41 26.74
N ILE E 111 25.62 -3.69 26.60
CA ILE E 111 24.64 -4.33 27.46
C ILE E 111 25.32 -5.39 28.36
N LEU E 112 25.04 -5.35 29.67
CA LEU E 112 25.62 -6.29 30.60
C LEU E 112 24.60 -7.34 31.06
N GLN E 113 25.08 -8.53 31.41
CA GLN E 113 24.20 -9.58 31.87
C GLN E 113 23.72 -9.27 33.29
N ALA E 114 22.41 -9.39 33.51
CA ALA E 114 21.84 -9.13 34.84
C ALA E 114 22.38 -10.11 35.87
N GLY E 115 22.65 -9.61 37.08
CA GLY E 115 23.17 -10.46 38.13
C GLY E 115 24.69 -10.48 38.27
N LEU E 116 25.39 -9.94 37.28
CA LEU E 116 26.86 -9.92 37.31
C LEU E 116 27.40 -8.51 37.22
N PRO E 117 28.38 -8.19 38.07
CA PRO E 117 28.97 -9.08 39.07
C PRO E 117 28.04 -9.39 40.23
N ALA E 118 28.37 -10.43 40.99
CA ALA E 118 27.55 -10.81 42.13
C ALA E 118 28.22 -10.43 43.44
N ASN E 119 27.40 -10.14 44.45
CA ASN E 119 27.91 -9.79 45.77
C ASN E 119 28.78 -10.95 46.27
N ALA E 120 29.76 -10.63 47.10
CA ALA E 120 30.64 -11.66 47.64
C ALA E 120 31.00 -11.36 49.10
N SER E 121 31.24 -12.41 49.86
CA SER E 121 31.59 -12.28 51.27
C SER E 121 32.73 -13.23 51.61
N ASP E 127 40.25 -15.10 49.47
CA ASP E 127 40.30 -14.68 48.08
C ASP E 127 38.91 -14.58 47.44
N VAL E 128 38.76 -13.67 46.50
CA VAL E 128 37.47 -13.45 45.84
C VAL E 128 37.59 -12.98 44.39
N GLU E 129 36.49 -13.08 43.66
CA GLU E 129 36.46 -12.63 42.28
C GLU E 129 35.11 -12.02 41.94
N PHE E 130 35.12 -11.17 40.91
CA PHE E 130 33.92 -10.52 40.42
C PHE E 130 33.92 -10.73 38.93
N VAL E 131 32.81 -11.27 38.41
CA VAL E 131 32.70 -11.53 36.99
C VAL E 131 31.73 -10.59 36.31
N CYS E 132 32.00 -10.31 35.06
CA CYS E 132 31.14 -9.43 34.28
C CYS E 132 31.03 -9.98 32.87
N LYS E 133 29.83 -9.84 32.27
CA LYS E 133 29.60 -10.32 30.90
C LYS E 133 29.04 -9.20 30.01
N VAL E 134 29.85 -8.77 29.05
CA VAL E 134 29.48 -7.68 28.14
C VAL E 134 29.17 -8.05 26.70
N TYR E 135 28.23 -7.31 26.11
CA TYR E 135 27.84 -7.50 24.71
C TYR E 135 27.80 -6.11 24.04
N SER E 136 28.37 -5.99 22.85
CA SER E 136 28.40 -4.73 22.12
C SER E 136 28.87 -4.91 20.68
N ASP E 137 28.34 -4.10 19.76
CA ASP E 137 28.73 -4.15 18.34
C ASP E 137 29.96 -3.25 18.23
N ALA E 138 29.77 -1.97 18.52
CA ALA E 138 30.88 -1.01 18.51
C ALA E 138 31.83 -1.52 19.60
N GLN E 139 33.13 -1.50 19.34
CA GLN E 139 34.10 -1.97 20.36
C GLN E 139 33.86 -1.31 21.71
N PRO E 140 33.64 -2.12 22.75
CA PRO E 140 33.43 -1.61 24.11
C PRO E 140 34.71 -1.50 24.92
N HIS E 141 34.74 -0.55 25.85
CA HIS E 141 35.90 -0.37 26.73
C HIS E 141 35.45 -0.72 28.15
N ILE E 142 36.07 -1.75 28.72
CA ILE E 142 35.71 -2.23 30.04
C ILE E 142 36.74 -1.90 31.12
N GLN E 143 36.25 -1.51 32.31
CA GLN E 143 37.11 -1.20 33.43
C GLN E 143 36.42 -1.58 34.73
N TRP E 144 37.20 -1.83 35.78
CA TRP E 144 36.67 -2.17 37.09
C TRP E 144 36.97 -1.02 38.04
N ILE E 145 35.94 -0.58 38.75
CA ILE E 145 36.09 0.54 39.68
C ILE E 145 35.65 0.24 41.10
N LYS E 146 36.36 0.82 42.07
CA LYS E 146 36.06 0.67 43.48
C LYS E 146 35.61 2.03 43.98
N HIS E 147 34.48 2.04 44.70
CA HIS E 147 33.94 3.29 45.23
C HIS E 147 34.66 3.65 46.52
N VAL E 148 35.50 4.68 46.46
CA VAL E 148 36.25 5.14 47.63
C VAL E 148 35.81 6.53 48.04
N PRO E 161 31.49 11.64 43.46
CA PRO E 161 31.83 10.29 43.92
C PRO E 161 33.31 9.97 43.76
N TYR E 162 33.98 9.67 44.87
CA TYR E 162 35.41 9.33 44.85
C TYR E 162 35.58 7.92 44.30
N LEU E 163 36.18 7.81 43.12
CA LEU E 163 36.39 6.52 42.48
C LEU E 163 37.86 6.16 42.32
N LYS E 164 38.15 4.87 42.23
CA LYS E 164 39.51 4.38 42.05
C LYS E 164 39.51 3.28 41.01
N VAL E 165 40.27 3.47 39.92
CA VAL E 165 40.33 2.48 38.85
C VAL E 165 41.27 1.33 39.19
N LEU E 166 40.70 0.14 39.34
CA LEU E 166 41.48 -1.05 39.67
C LEU E 166 42.15 -1.65 38.45
N LYS E 167 41.43 -1.68 37.33
CA LYS E 167 41.97 -2.21 36.10
C LYS E 167 41.15 -1.72 34.92
N ALA E 168 41.82 -1.53 33.79
CA ALA E 168 41.17 -1.03 32.59
C ALA E 168 41.74 -1.65 31.32
N ALA E 169 40.84 -1.95 30.38
CA ALA E 169 41.20 -2.56 29.11
C ALA E 169 42.13 -1.69 28.26
N GLY E 170 42.92 -2.34 27.42
CA GLY E 170 43.85 -1.65 26.56
C GLY E 170 44.86 -2.61 25.96
N VAL E 171 45.83 -2.05 25.24
CA VAL E 171 46.88 -2.83 24.60
C VAL E 171 47.64 -3.72 25.60
N ASN E 172 47.84 -3.20 26.81
CA ASN E 172 48.56 -3.95 27.85
C ASN E 172 47.67 -4.76 28.77
N THR E 173 46.35 -4.65 28.58
CA THR E 173 45.39 -5.40 29.38
C THR E 173 44.23 -5.77 28.46
N THR E 174 44.49 -6.80 27.65
CA THR E 174 43.56 -7.34 26.65
C THR E 174 42.17 -7.72 27.15
N ASP E 175 41.20 -7.75 26.22
CA ASP E 175 39.81 -8.13 26.54
C ASP E 175 39.70 -9.60 26.97
N LYS E 176 40.67 -10.42 26.61
CA LYS E 176 40.63 -11.84 26.95
C LYS E 176 40.41 -12.11 28.44
N GLU E 177 41.04 -11.31 29.29
CA GLU E 177 40.91 -11.50 30.73
C GLU E 177 40.39 -10.28 31.50
N ILE E 178 39.84 -9.30 30.78
CA ILE E 178 39.34 -8.09 31.41
C ILE E 178 38.00 -8.25 32.15
N GLU E 179 37.20 -9.25 31.76
CA GLU E 179 35.89 -9.46 32.39
C GLU E 179 35.87 -10.13 33.77
N VAL E 180 37.04 -10.47 34.31
CA VAL E 180 37.09 -11.08 35.64
C VAL E 180 38.10 -10.32 36.50
N LEU E 181 37.69 -9.96 37.70
CA LEU E 181 38.54 -9.22 38.62
C LEU E 181 38.86 -10.09 39.84
N TYR E 182 40.15 -10.34 40.06
CA TYR E 182 40.59 -11.17 41.19
C TYR E 182 41.15 -10.32 42.32
N ILE E 183 40.81 -10.67 43.55
CA ILE E 183 41.28 -9.97 44.74
C ILE E 183 41.70 -11.02 45.78
N ARG E 184 43.02 -11.16 46.01
CA ARG E 184 43.56 -12.15 46.95
C ARG E 184 44.00 -11.58 48.29
N ASN E 185 43.98 -12.41 49.33
CA ASN E 185 44.40 -12.00 50.67
C ASN E 185 43.74 -10.66 51.02
N VAL E 186 42.42 -10.63 51.01
CA VAL E 186 41.68 -9.41 51.28
C VAL E 186 41.84 -8.88 52.70
N THR E 187 41.74 -7.55 52.82
CA THR E 187 41.84 -6.87 54.10
C THR E 187 40.47 -6.25 54.34
N PHE E 188 40.24 -5.69 55.51
CA PHE E 188 38.95 -5.06 55.79
C PHE E 188 38.81 -3.81 54.91
N GLU E 189 39.95 -3.29 54.45
CA GLU E 189 39.96 -2.11 53.61
C GLU E 189 39.36 -2.40 52.22
N ASP E 190 39.43 -3.65 51.78
CA ASP E 190 38.90 -4.02 50.47
C ASP E 190 37.38 -4.03 50.41
N ALA E 191 36.72 -4.11 51.56
CA ALA E 191 35.26 -4.11 51.60
C ALA E 191 34.72 -2.90 50.86
N GLY E 192 33.55 -3.05 50.26
CA GLY E 192 32.98 -1.92 49.54
C GLY E 192 32.29 -2.28 48.23
N GLU E 193 31.89 -1.25 47.49
CA GLU E 193 31.18 -1.40 46.23
C GLU E 193 32.13 -1.46 45.02
N TYR E 194 32.03 -2.55 44.25
CA TYR E 194 32.83 -2.74 43.03
C TYR E 194 31.93 -2.61 41.80
N THR E 195 32.42 -1.92 40.78
CA THR E 195 31.64 -1.70 39.57
C THR E 195 32.32 -2.07 38.26
N CYS E 196 31.62 -2.79 37.41
CA CYS E 196 32.14 -3.11 36.09
C CYS E 196 31.47 -2.08 35.20
N LEU E 197 32.29 -1.26 34.54
CA LEU E 197 31.76 -0.23 33.67
C LEU E 197 32.21 -0.43 32.23
N ALA E 198 31.23 -0.46 31.32
CA ALA E 198 31.49 -0.65 29.90
C ALA E 198 30.95 0.51 29.06
N GLY E 199 31.80 1.04 28.20
CA GLY E 199 31.36 2.13 27.35
C GLY E 199 31.85 2.05 25.92
N ASN E 200 31.03 2.57 25.00
CA ASN E 200 31.39 2.66 23.57
C ASN E 200 31.00 4.07 23.11
N SER E 201 31.18 4.38 21.84
CA SER E 201 30.87 5.71 21.33
C SER E 201 29.43 6.17 21.57
N ILE E 202 28.50 5.22 21.65
CA ILE E 202 27.10 5.56 21.88
C ILE E 202 26.76 5.89 23.34
N GLY E 203 27.30 5.12 24.28
CA GLY E 203 27.01 5.38 25.68
C GLY E 203 27.72 4.47 26.67
N ILE E 204 27.34 4.61 27.95
CA ILE E 204 27.93 3.85 29.03
C ILE E 204 26.92 3.03 29.84
N SER E 205 27.36 1.86 30.30
CA SER E 205 26.54 0.97 31.12
C SER E 205 27.42 0.44 32.25
N PHE E 206 26.83 0.14 33.40
CA PHE E 206 27.59 -0.40 34.53
C PHE E 206 26.75 -1.14 35.56
N HIS E 207 27.30 -2.21 36.11
CA HIS E 207 26.61 -3.00 37.14
C HIS E 207 27.56 -3.06 38.34
N SER E 208 26.98 -3.01 39.56
CA SER E 208 27.79 -3.03 40.78
C SER E 208 27.45 -4.18 41.73
N ALA E 209 28.43 -4.53 42.55
CA ALA E 209 28.26 -5.58 43.54
C ALA E 209 28.99 -5.15 44.80
N TRP E 210 28.68 -5.80 45.91
CA TRP E 210 29.29 -5.46 47.19
C TRP E 210 30.18 -6.57 47.73
N LEU E 211 31.30 -6.17 48.33
CA LEU E 211 32.23 -7.10 48.93
C LEU E 211 32.13 -6.96 50.44
N THR E 212 31.76 -8.04 51.13
CA THR E 212 31.65 -8.02 52.59
C THR E 212 32.83 -8.79 53.18
N VAL E 213 33.58 -8.14 54.07
CA VAL E 213 34.74 -8.75 54.71
C VAL E 213 34.46 -8.94 56.19
N LEU E 214 34.43 -10.21 56.62
CA LEU E 214 34.17 -10.59 58.00
C LEU E 214 35.47 -10.79 58.79
N ASN F 4 -32.36 -1.09 36.26
CA ASN F 4 -33.73 -0.53 36.46
C ASN F 4 -34.64 -0.90 35.28
N LYS F 5 -35.93 -1.08 35.55
CA LYS F 5 -36.91 -1.45 34.54
C LYS F 5 -37.37 -0.20 33.77
N ARG F 6 -37.28 -0.25 32.43
CA ARG F 6 -37.68 0.89 31.63
C ARG F 6 -38.13 0.53 30.21
N ALA F 7 -38.94 1.41 29.64
CA ALA F 7 -39.45 1.25 28.29
C ALA F 7 -38.31 1.27 27.29
N PRO F 8 -38.58 0.84 26.04
CA PRO F 8 -37.54 0.82 25.00
C PRO F 8 -37.08 2.21 24.61
N TYR F 9 -35.83 2.31 24.19
CA TYR F 9 -35.25 3.58 23.78
C TYR F 9 -34.09 3.34 22.80
N TRP F 10 -33.91 4.26 21.86
CA TRP F 10 -32.82 4.17 20.88
C TRP F 10 -31.48 4.42 21.55
N THR F 11 -30.51 3.53 21.35
CA THR F 11 -29.19 3.66 21.95
C THR F 11 -28.17 4.35 21.06
N ASN F 12 -28.57 4.70 19.84
CA ASN F 12 -27.67 5.39 18.92
C ASN F 12 -28.44 6.06 17.79
N THR F 13 -28.96 7.25 18.06
CA THR F 13 -29.73 8.00 17.08
C THR F 13 -28.90 8.48 15.90
N GLU F 14 -27.58 8.55 16.09
CA GLU F 14 -26.67 9.00 15.04
C GLU F 14 -26.84 8.13 13.79
N LYS F 15 -26.80 6.82 13.99
CA LYS F 15 -26.94 5.86 12.93
C LYS F 15 -28.37 5.76 12.34
N MET F 16 -29.29 6.57 12.85
CA MET F 16 -30.68 6.54 12.40
C MET F 16 -31.12 7.82 11.70
N GLU F 17 -30.26 8.83 11.70
CA GLU F 17 -30.58 10.12 11.09
C GLU F 17 -30.83 10.08 9.58
N LYS F 18 -30.10 9.21 8.88
CA LYS F 18 -30.26 9.08 7.44
C LYS F 18 -31.56 8.30 7.15
N ARG F 19 -32.64 9.02 6.87
CA ARG F 19 -33.93 8.41 6.62
C ARG F 19 -34.11 7.81 5.23
N LEU F 20 -33.64 8.53 4.23
CA LEU F 20 -33.70 8.10 2.84
C LEU F 20 -32.44 7.35 2.46
N HIS F 21 -32.59 6.08 2.08
CA HIS F 21 -31.47 5.26 1.65
C HIS F 21 -31.63 4.99 0.15
N ALA F 22 -30.85 5.71 -0.66
CA ALA F 22 -30.90 5.54 -2.10
C ALA F 22 -29.64 4.75 -2.44
N VAL F 23 -29.80 3.59 -3.06
CA VAL F 23 -28.65 2.75 -3.40
C VAL F 23 -28.73 2.17 -4.79
N PRO F 24 -27.58 1.82 -5.36
CA PRO F 24 -27.54 1.23 -6.70
C PRO F 24 -28.01 -0.21 -6.66
N ALA F 25 -28.70 -0.63 -7.72
CA ALA F 25 -29.20 -2.00 -7.80
C ALA F 25 -28.06 -3.01 -7.65
N ALA F 26 -28.38 -4.17 -7.06
CA ALA F 26 -27.43 -5.26 -6.84
C ALA F 26 -26.61 -5.14 -5.56
N ASN F 27 -26.78 -4.04 -4.83
CA ASN F 27 -26.05 -3.88 -3.58
C ASN F 27 -26.84 -4.45 -2.40
N THR F 28 -26.17 -4.56 -1.26
CA THR F 28 -26.82 -5.04 -0.04
C THR F 28 -27.22 -3.80 0.77
N VAL F 29 -28.40 -3.85 1.39
CA VAL F 29 -28.87 -2.74 2.22
C VAL F 29 -29.05 -3.21 3.65
N LYS F 30 -28.70 -2.36 4.61
CA LYS F 30 -28.86 -2.70 6.01
C LYS F 30 -29.47 -1.56 6.80
N PHE F 31 -30.59 -1.83 7.46
CA PHE F 31 -31.25 -0.83 8.28
C PHE F 31 -31.03 -1.22 9.74
N ARG F 32 -30.77 -0.23 10.58
CA ARG F 32 -30.54 -0.49 12.00
C ARG F 32 -31.35 0.43 12.92
N CYS F 33 -31.73 -0.12 14.08
CA CYS F 33 -32.46 0.62 15.08
C CYS F 33 -31.95 0.17 16.46
N PRO F 34 -30.68 0.48 16.76
CA PRO F 34 -30.05 0.10 18.04
C PRO F 34 -30.95 0.50 19.19
N ALA F 35 -31.35 -0.46 20.02
CA ALA F 35 -32.23 -0.16 21.13
C ALA F 35 -31.82 -0.75 22.48
N GLY F 36 -32.35 -0.14 23.54
CA GLY F 36 -32.08 -0.60 24.90
C GLY F 36 -33.43 -0.75 25.59
N GLY F 37 -33.41 -1.29 26.81
CA GLY F 37 -34.65 -1.47 27.56
C GLY F 37 -34.59 -2.65 28.52
N ASN F 38 -35.40 -2.59 29.57
CA ASN F 38 -35.45 -3.64 30.58
C ASN F 38 -36.88 -3.89 31.03
N PRO F 39 -37.42 -5.09 30.74
CA PRO F 39 -36.78 -6.18 30.02
C PRO F 39 -36.41 -5.89 28.55
N MET F 40 -35.53 -6.74 28.01
CA MET F 40 -35.08 -6.63 26.63
C MET F 40 -36.27 -6.55 25.68
N PRO F 41 -36.36 -5.44 24.93
CA PRO F 41 -37.48 -5.29 23.99
C PRO F 41 -37.37 -6.18 22.75
N THR F 42 -38.53 -6.51 22.16
CA THR F 42 -38.56 -7.32 20.95
C THR F 42 -38.51 -6.39 19.74
N MET F 43 -38.22 -6.96 18.59
CA MET F 43 -38.14 -6.17 17.37
C MET F 43 -38.90 -6.81 16.22
N ARG F 44 -39.62 -5.98 15.47
CA ARG F 44 -40.37 -6.44 14.31
C ARG F 44 -40.19 -5.41 13.19
N TRP F 45 -40.13 -5.89 11.95
CA TRP F 45 -39.97 -4.98 10.81
C TRP F 45 -41.19 -5.02 9.87
N LEU F 46 -41.65 -3.83 9.46
CA LEU F 46 -42.78 -3.74 8.56
C LEU F 46 -42.34 -3.17 7.21
N LYS F 47 -43.02 -3.60 6.14
CA LYS F 47 -42.77 -3.07 4.81
C LYS F 47 -44.07 -2.36 4.43
N ASN F 48 -43.98 -1.06 4.17
CA ASN F 48 -45.17 -0.29 3.83
C ASN F 48 -46.28 -0.47 4.87
N GLY F 49 -45.93 -0.34 6.14
CA GLY F 49 -46.88 -0.46 7.23
C GLY F 49 -47.52 -1.83 7.51
N LYS F 50 -47.01 -2.89 6.88
CA LYS F 50 -47.57 -4.22 7.07
C LYS F 50 -46.46 -5.22 7.35
N GLU F 51 -46.80 -6.34 7.99
CA GLU F 51 -45.82 -7.37 8.28
C GLU F 51 -45.00 -7.68 7.03
N PHE F 52 -43.68 -7.74 7.21
CA PHE F 52 -42.75 -8.01 6.14
C PHE F 52 -42.44 -9.51 6.24
N LYS F 53 -42.80 -10.27 5.22
CA LYS F 53 -42.57 -11.72 5.20
C LYS F 53 -41.49 -12.12 4.23
N GLN F 54 -40.85 -13.26 4.49
CA GLN F 54 -39.78 -13.79 3.65
C GLN F 54 -40.19 -13.89 2.18
N GLU F 55 -41.43 -14.29 1.93
CA GLU F 55 -41.91 -14.46 0.56
C GLU F 55 -42.19 -13.15 -0.16
N HIS F 56 -42.04 -12.02 0.54
CA HIS F 56 -42.30 -10.72 -0.07
C HIS F 56 -41.24 -10.25 -1.09
N ARG F 57 -40.11 -10.96 -1.17
CA ARG F 57 -39.06 -10.63 -2.15
C ARG F 57 -38.22 -11.87 -2.45
N ILE F 58 -37.62 -11.91 -3.64
CA ILE F 58 -36.77 -13.03 -4.01
C ILE F 58 -35.62 -13.11 -3.00
N GLY F 59 -35.41 -14.30 -2.44
CA GLY F 59 -34.35 -14.48 -1.47
C GLY F 59 -34.66 -13.96 -0.06
N GLY F 60 -35.85 -13.42 0.14
CA GLY F 60 -36.21 -12.93 1.46
C GLY F 60 -35.24 -11.94 2.11
N TYR F 61 -35.16 -11.99 3.43
CA TYR F 61 -34.26 -11.09 4.14
C TYR F 61 -33.65 -11.75 5.38
N LYS F 62 -32.72 -11.05 6.02
CA LYS F 62 -32.05 -11.55 7.22
C LYS F 62 -32.14 -10.53 8.34
N VAL F 63 -32.29 -11.01 9.58
CA VAL F 63 -32.36 -10.14 10.74
C VAL F 63 -31.39 -10.61 11.81
N ARG F 64 -30.59 -9.68 12.33
CA ARG F 64 -29.64 -9.99 13.39
C ARG F 64 -30.08 -9.22 14.63
N ASN F 65 -30.84 -9.89 15.50
CA ASN F 65 -31.34 -9.25 16.71
C ASN F 65 -30.24 -8.59 17.54
N GLN F 66 -29.07 -9.22 17.59
CA GLN F 66 -27.95 -8.67 18.34
C GLN F 66 -27.55 -7.27 17.84
N HIS F 67 -27.80 -6.99 16.57
CA HIS F 67 -27.47 -5.69 16.00
C HIS F 67 -28.70 -4.84 15.67
N TRP F 68 -29.89 -5.34 16.02
CA TRP F 68 -31.15 -4.63 15.74
C TRP F 68 -31.18 -4.21 14.27
N SER F 69 -30.86 -5.15 13.38
CA SER F 69 -30.80 -4.83 11.97
C SER F 69 -31.63 -5.70 11.04
N LEU F 70 -31.96 -5.12 9.88
CA LEU F 70 -32.71 -5.79 8.81
C LEU F 70 -31.80 -5.72 7.60
N ILE F 71 -31.54 -6.87 6.99
CA ILE F 71 -30.67 -6.93 5.82
C ILE F 71 -31.32 -7.50 4.56
N MET F 72 -31.16 -6.78 3.45
CA MET F 72 -31.69 -7.20 2.16
C MET F 72 -30.54 -7.19 1.14
N GLU F 73 -30.25 -8.37 0.58
CA GLU F 73 -29.17 -8.52 -0.39
C GLU F 73 -29.65 -8.40 -1.82
N SER F 74 -28.75 -7.94 -2.70
CA SER F 74 -29.04 -7.76 -4.13
C SER F 74 -30.35 -7.04 -4.41
N VAL F 75 -30.48 -5.83 -3.90
CA VAL F 75 -31.72 -5.07 -4.11
C VAL F 75 -32.02 -4.78 -5.58
N VAL F 76 -33.31 -4.64 -5.87
CA VAL F 76 -33.80 -4.34 -7.22
C VAL F 76 -34.86 -3.25 -7.09
N PRO F 77 -35.23 -2.63 -8.23
CA PRO F 77 -36.25 -1.56 -8.25
C PRO F 77 -37.51 -1.85 -7.43
N SER F 78 -38.00 -3.08 -7.49
CA SER F 78 -39.21 -3.44 -6.78
C SER F 78 -39.11 -3.37 -5.24
N ASP F 79 -37.89 -3.28 -4.71
CA ASP F 79 -37.71 -3.20 -3.26
C ASP F 79 -38.02 -1.78 -2.71
N LYS F 80 -38.21 -0.83 -3.61
CA LYS F 80 -38.52 0.54 -3.18
C LYS F 80 -39.75 0.55 -2.27
N GLY F 81 -39.68 1.34 -1.20
CA GLY F 81 -40.79 1.42 -0.27
C GLY F 81 -40.35 1.85 1.12
N ASN F 82 -41.25 1.74 2.10
CA ASN F 82 -40.94 2.12 3.46
C ASN F 82 -40.71 0.89 4.35
N TYR F 83 -39.70 0.97 5.20
CA TYR F 83 -39.37 -0.11 6.13
C TYR F 83 -39.34 0.46 7.54
N THR F 84 -40.22 -0.08 8.37
CA THR F 84 -40.38 0.38 9.75
C THR F 84 -39.99 -0.64 10.81
N CYS F 85 -39.24 -0.19 11.79
CA CYS F 85 -38.82 -1.05 12.89
C CYS F 85 -39.69 -0.70 14.09
N VAL F 86 -40.29 -1.71 14.72
CA VAL F 86 -41.12 -1.52 15.90
C VAL F 86 -40.43 -2.26 17.06
N VAL F 87 -40.16 -1.55 18.16
CA VAL F 87 -39.48 -2.13 19.31
C VAL F 87 -40.35 -1.97 20.55
N GLU F 88 -40.55 -3.06 21.30
CA GLU F 88 -41.41 -3.00 22.46
C GLU F 88 -41.16 -3.96 23.63
N ASN F 89 -41.67 -3.56 24.80
CA ASN F 89 -41.64 -4.36 26.02
C ASN F 89 -42.87 -3.92 26.79
N GLU F 90 -43.04 -4.41 28.01
CA GLU F 90 -44.21 -4.08 28.83
C GLU F 90 -44.42 -2.59 29.15
N TYR F 91 -43.36 -1.77 29.06
CA TYR F 91 -43.47 -0.35 29.40
C TYR F 91 -43.52 0.60 28.20
N GLY F 92 -43.55 0.06 26.98
CA GLY F 92 -43.61 0.96 25.84
C GLY F 92 -43.37 0.36 24.47
N SER F 93 -43.69 1.16 23.45
CA SER F 93 -43.51 0.76 22.06
C SER F 93 -43.13 1.98 21.23
N ILE F 94 -42.04 1.88 20.48
CA ILE F 94 -41.56 2.98 19.65
C ILE F 94 -41.18 2.47 18.27
N ASN F 95 -41.22 3.35 17.27
CA ASN F 95 -40.90 2.97 15.90
C ASN F 95 -40.16 4.06 15.14
N HIS F 96 -39.53 3.66 14.04
CA HIS F 96 -38.79 4.55 13.17
C HIS F 96 -38.95 4.05 11.74
N THR F 97 -38.98 4.96 10.77
CA THR F 97 -39.18 4.56 9.39
C THR F 97 -38.09 5.00 8.42
N TYR F 98 -37.66 4.06 7.58
CA TYR F 98 -36.66 4.32 6.55
C TYR F 98 -37.34 4.21 5.20
N HIS F 99 -36.83 4.95 4.22
CA HIS F 99 -37.36 4.91 2.87
C HIS F 99 -36.25 4.37 1.98
N LEU F 100 -36.57 3.39 1.14
CA LEU F 100 -35.57 2.80 0.26
C LEU F 100 -35.86 3.09 -1.21
N ASP F 101 -34.81 3.44 -1.94
CA ASP F 101 -34.94 3.71 -3.37
C ASP F 101 -33.76 3.02 -4.06
N VAL F 102 -34.03 2.38 -5.20
CA VAL F 102 -32.99 1.66 -5.93
C VAL F 102 -32.81 2.24 -7.32
N VAL F 103 -31.54 2.46 -7.70
CA VAL F 103 -31.20 3.02 -9.00
C VAL F 103 -30.31 2.07 -9.79
N GLU F 104 -30.72 1.74 -11.02
CA GLU F 104 -29.94 0.84 -11.85
C GLU F 104 -28.87 1.63 -12.59
N ARG F 105 -27.62 1.19 -12.49
CA ARG F 105 -26.51 1.86 -13.15
C ARG F 105 -26.12 1.04 -14.37
N SER F 106 -25.68 1.71 -15.44
CA SER F 106 -25.30 1.03 -16.68
C SER F 106 -23.87 1.39 -17.07
N PRO F 107 -22.90 0.53 -16.76
CA PRO F 107 -21.50 0.82 -17.11
C PRO F 107 -21.09 0.57 -18.57
N HIS F 108 -21.90 1.07 -19.51
CA HIS F 108 -21.58 0.91 -20.93
C HIS F 108 -21.21 2.23 -21.58
N ARG F 109 -20.49 2.16 -22.70
CA ARG F 109 -20.15 3.37 -23.44
C ARG F 109 -21.48 3.78 -24.08
N PRO F 110 -21.58 5.03 -24.58
CA PRO F 110 -22.85 5.45 -25.19
C PRO F 110 -23.35 4.57 -26.34
N ILE F 111 -24.66 4.37 -26.38
CA ILE F 111 -25.28 3.56 -27.42
C ILE F 111 -26.16 4.45 -28.34
N LEU F 112 -26.00 4.31 -29.66
CA LEU F 112 -26.78 5.10 -30.61
C LEU F 112 -27.84 4.24 -31.29
N GLN F 113 -28.93 4.88 -31.70
CA GLN F 113 -30.00 4.17 -32.39
C GLN F 113 -29.56 3.81 -33.81
N ALA F 114 -29.78 2.57 -34.20
CA ALA F 114 -29.41 2.12 -35.55
C ALA F 114 -30.21 2.87 -36.61
N GLY F 115 -29.55 3.21 -37.71
CA GLY F 115 -30.22 3.93 -38.79
C GLY F 115 -30.07 5.43 -38.75
N LEU F 116 -29.61 5.97 -37.62
CA LEU F 116 -29.44 7.42 -37.48
C LEU F 116 -28.00 7.80 -37.17
N PRO F 117 -27.48 8.83 -37.86
CA PRO F 117 -28.19 9.62 -38.87
C PRO F 117 -28.43 8.85 -40.16
N ALA F 118 -29.33 9.36 -40.99
CA ALA F 118 -29.66 8.71 -42.25
C ALA F 118 -29.06 9.48 -43.43
N ASN F 119 -28.75 8.75 -44.49
CA ASN F 119 -28.19 9.38 -45.69
C ASN F 119 -29.19 10.40 -46.20
N ALA F 120 -28.69 11.43 -46.86
CA ALA F 120 -29.56 12.47 -47.41
C ALA F 120 -29.05 12.94 -48.77
N SER F 121 -29.97 13.39 -49.61
CA SER F 121 -29.66 13.88 -50.96
C SER F 121 -30.43 15.20 -51.17
N THR F 122 -29.77 16.22 -51.70
CA THR F 122 -30.41 17.54 -51.93
C THR F 122 -30.07 18.14 -53.31
N VAL F 123 -30.00 19.47 -53.40
CA VAL F 123 -29.72 20.13 -54.67
C VAL F 123 -28.79 21.34 -54.58
N VAL F 124 -29.32 22.46 -54.08
CA VAL F 124 -28.49 23.66 -53.99
C VAL F 124 -29.06 24.69 -53.01
N GLY F 125 -30.17 24.34 -52.37
CA GLY F 125 -30.79 25.23 -51.41
C GLY F 125 -31.13 24.48 -50.14
N ASP F 127 -31.84 22.50 -48.44
CA ASP F 127 -31.58 22.38 -47.01
C ASP F 127 -31.68 20.92 -46.55
N VAL F 128 -30.90 20.57 -45.52
CA VAL F 128 -30.91 19.21 -45.01
C VAL F 128 -30.60 19.11 -43.51
N GLU F 129 -30.89 17.96 -42.94
CA GLU F 129 -30.61 17.73 -41.53
C GLU F 129 -30.16 16.30 -41.28
N PHE F 130 -29.45 16.11 -40.18
CA PHE F 130 -28.96 14.81 -39.77
C PHE F 130 -29.37 14.66 -38.32
N VAL F 131 -30.05 13.58 -38.00
CA VAL F 131 -30.50 13.35 -36.64
C VAL F 131 -29.74 12.21 -35.98
N CYS F 132 -29.59 12.30 -34.67
CA CYS F 132 -28.90 11.28 -33.92
C CYS F 132 -29.62 11.06 -32.60
N LYS F 133 -29.67 9.82 -32.14
CA LYS F 133 -30.33 9.48 -30.87
C LYS F 133 -29.39 8.72 -29.94
N VAL F 134 -29.00 9.37 -28.84
CA VAL F 134 -28.07 8.77 -27.87
C VAL F 134 -28.63 8.37 -26.51
N TYR F 135 -28.07 7.29 -25.97
CA TYR F 135 -28.44 6.77 -24.65
C TYR F 135 -27.15 6.52 -23.85
N SER F 136 -27.13 6.96 -22.61
CA SER F 136 -25.96 6.76 -21.76
C SER F 136 -26.26 7.10 -20.29
N ASP F 137 -25.63 6.38 -19.36
CA ASP F 137 -25.82 6.61 -17.93
C ASP F 137 -24.83 7.71 -17.55
N ALA F 138 -23.54 7.41 -17.73
CA ALA F 138 -22.49 8.39 -17.48
C ALA F 138 -22.77 9.49 -18.50
N GLN F 139 -22.67 10.76 -18.07
CA GLN F 139 -22.92 11.88 -18.98
C GLN F 139 -22.13 11.74 -20.29
N PRO F 140 -22.83 11.73 -21.44
CA PRO F 140 -22.19 11.60 -22.75
C PRO F 140 -21.85 12.95 -23.40
N HIS F 141 -20.81 12.97 -24.23
CA HIS F 141 -20.42 14.18 -24.93
C HIS F 141 -20.63 13.93 -26.42
N ILE F 142 -21.51 14.73 -27.02
CA ILE F 142 -21.84 14.56 -28.43
C ILE F 142 -21.30 15.66 -29.33
N GLN F 143 -20.82 15.26 -30.51
CA GLN F 143 -20.30 16.21 -31.49
C GLN F 143 -20.59 15.70 -32.89
N TRP F 144 -20.62 16.61 -33.86
CA TRP F 144 -20.87 16.26 -35.25
C TRP F 144 -19.59 16.53 -36.03
N ILE F 145 -19.15 15.54 -36.80
CA ILE F 145 -17.93 15.66 -37.58
C ILE F 145 -18.09 15.41 -39.08
N LYS F 146 -17.34 16.16 -39.87
CA LYS F 146 -17.37 16.03 -41.32
C LYS F 146 -15.99 15.50 -41.73
N HIS F 147 -15.99 14.46 -42.56
CA HIS F 147 -14.74 13.86 -43.01
C HIS F 147 -14.16 14.64 -44.17
N TYR F 162 -8.48 13.15 -41.95
CA TYR F 162 -8.71 14.59 -41.82
C TYR F 162 -10.15 14.86 -41.40
N LEU F 163 -10.33 15.35 -40.17
CA LEU F 163 -11.66 15.63 -39.65
C LEU F 163 -11.89 17.10 -39.36
N LYS F 164 -13.15 17.52 -39.39
CA LYS F 164 -13.52 18.90 -39.10
C LYS F 164 -14.74 18.90 -38.18
N VAL F 165 -14.60 19.51 -37.00
CA VAL F 165 -15.70 19.56 -36.04
C VAL F 165 -16.70 20.66 -36.39
N LEU F 166 -17.91 20.24 -36.73
CA LEU F 166 -18.95 21.19 -37.09
C LEU F 166 -19.68 21.76 -35.89
N LYS F 167 -19.86 20.93 -34.86
CA LYS F 167 -20.61 21.32 -33.69
C LYS F 167 -20.27 20.39 -32.54
N ALA F 168 -20.17 20.92 -31.32
CA ALA F 168 -19.83 20.11 -30.16
C ALA F 168 -20.55 20.59 -28.89
N ALA F 169 -21.03 19.63 -28.11
CA ALA F 169 -21.77 19.91 -26.87
C ALA F 169 -20.92 20.64 -25.83
N GLY F 170 -21.59 21.42 -24.99
CA GLY F 170 -20.92 22.17 -23.94
C GLY F 170 -21.85 23.20 -23.33
N VAL F 171 -21.28 24.02 -22.45
CA VAL F 171 -22.05 25.08 -21.78
C VAL F 171 -22.72 26.03 -22.77
N ASN F 172 -22.06 26.30 -23.89
CA ASN F 172 -22.60 27.20 -24.91
C ASN F 172 -23.39 26.51 -26.01
N THR F 173 -23.42 25.18 -25.97
CA THR F 173 -24.16 24.42 -26.96
C THR F 173 -24.74 23.21 -26.23
N THR F 174 -25.82 23.47 -25.49
CA THR F 174 -26.54 22.50 -24.68
C THR F 174 -27.02 21.22 -25.38
N ASP F 175 -27.25 20.17 -24.59
CA ASP F 175 -27.72 18.88 -25.10
C ASP F 175 -29.13 18.97 -25.71
N LYS F 176 -29.89 19.98 -25.32
CA LYS F 176 -31.26 20.14 -25.82
C LYS F 176 -31.36 20.10 -27.33
N GLU F 177 -30.40 20.72 -28.01
CA GLU F 177 -30.44 20.77 -29.48
C GLU F 177 -29.20 20.21 -30.16
N ILE F 178 -28.36 19.48 -29.41
CA ILE F 178 -27.13 18.92 -29.96
C ILE F 178 -27.35 17.70 -30.87
N GLU F 179 -28.45 16.99 -30.69
CA GLU F 179 -28.70 15.79 -31.49
C GLU F 179 -29.20 15.99 -32.93
N VAL F 180 -29.37 17.23 -33.36
CA VAL F 180 -29.81 17.48 -34.73
C VAL F 180 -28.86 18.48 -35.36
N LEU F 181 -28.38 18.17 -36.57
CA LEU F 181 -27.46 19.03 -37.29
C LEU F 181 -28.13 19.57 -38.55
N TYR F 182 -28.25 20.89 -38.66
CA TYR F 182 -28.89 21.54 -39.80
C TYR F 182 -27.87 22.14 -40.75
N ILE F 183 -28.09 21.96 -42.05
CA ILE F 183 -27.21 22.51 -43.09
C ILE F 183 -28.09 23.14 -44.19
N ARG F 184 -28.09 24.47 -44.27
CA ARG F 184 -28.90 25.19 -45.25
C ARG F 184 -28.13 25.72 -46.45
N ASN F 185 -28.83 25.91 -47.57
CA ASN F 185 -28.21 26.42 -48.80
C ASN F 185 -26.92 25.67 -49.07
N VAL F 186 -27.02 24.36 -49.21
CA VAL F 186 -25.86 23.51 -49.45
C VAL F 186 -25.13 23.77 -50.76
N THR F 187 -23.82 23.55 -50.75
CA THR F 187 -22.99 23.71 -51.94
C THR F 187 -22.47 22.30 -52.25
N PHE F 188 -21.80 22.15 -53.39
CA PHE F 188 -21.27 20.83 -53.74
C PHE F 188 -20.15 20.47 -52.76
N GLU F 189 -19.58 21.48 -52.11
CA GLU F 189 -18.51 21.26 -51.15
C GLU F 189 -19.02 20.56 -49.89
N ASP F 190 -20.31 20.72 -49.59
CA ASP F 190 -20.89 20.10 -48.39
C ASP F 190 -21.03 18.59 -48.51
N ALA F 191 -21.05 18.07 -49.72
CA ALA F 191 -21.19 16.64 -49.95
C ALA F 191 -20.12 15.89 -49.15
N GLY F 192 -20.45 14.69 -48.71
CA GLY F 192 -19.48 13.92 -47.94
C GLY F 192 -20.06 13.13 -46.79
N GLU F 193 -19.16 12.55 -45.99
CA GLU F 193 -19.54 11.74 -44.84
C GLU F 193 -19.65 12.55 -43.54
N TYR F 194 -20.82 12.48 -42.91
CA TYR F 194 -21.09 13.16 -41.64
C TYR F 194 -21.18 12.13 -40.51
N THR F 195 -20.59 12.43 -39.37
CA THR F 195 -20.58 11.50 -38.25
C THR F 195 -21.05 12.07 -36.92
N CYS F 196 -21.92 11.34 -36.24
CA CYS F 196 -22.35 11.76 -34.91
C CYS F 196 -21.49 10.91 -34.00
N LEU F 197 -20.69 11.55 -33.16
CA LEU F 197 -19.82 10.82 -32.26
C LEU F 197 -20.15 11.13 -30.80
N ALA F 198 -20.37 10.07 -30.02
CA ALA F 198 -20.72 10.18 -28.62
C ALA F 198 -19.72 9.45 -27.72
N GLY F 199 -19.23 10.14 -26.70
CA GLY F 199 -18.29 9.49 -25.81
C GLY F 199 -18.50 9.83 -24.34
N ASN F 200 -18.16 8.86 -23.47
CA ASN F 200 -18.20 9.06 -22.02
C ASN F 200 -16.89 8.47 -21.46
N SER F 201 -16.73 8.49 -20.14
CA SER F 201 -15.49 7.98 -19.54
C SER F 201 -15.17 6.53 -19.89
N ILE F 202 -16.19 5.72 -20.18
CA ILE F 202 -15.95 4.32 -20.54
C ILE F 202 -15.46 4.12 -21.98
N GLY F 203 -16.07 4.82 -22.93
CA GLY F 203 -15.67 4.67 -24.33
C GLY F 203 -16.39 5.57 -25.32
N ILE F 204 -16.14 5.31 -26.60
CA ILE F 204 -16.70 6.08 -27.70
C ILE F 204 -17.53 5.27 -28.71
N SER F 205 -18.58 5.88 -29.23
CA SER F 205 -19.45 5.27 -30.24
C SER F 205 -19.76 6.33 -31.31
N PHE F 206 -19.98 5.88 -32.54
CA PHE F 206 -20.29 6.81 -33.63
C PHE F 206 -20.98 6.16 -34.81
N HIS F 207 -21.91 6.89 -35.42
CA HIS F 207 -22.63 6.40 -36.60
C HIS F 207 -22.46 7.47 -37.67
N SER F 208 -22.32 7.04 -38.92
CA SER F 208 -22.12 7.96 -40.04
C SER F 208 -23.16 7.85 -41.14
N ALA F 209 -23.32 8.95 -41.88
CA ALA F 209 -24.26 9.00 -42.99
C ALA F 209 -23.61 9.82 -44.09
N TRP F 210 -24.15 9.70 -45.31
CA TRP F 210 -23.59 10.43 -46.44
C TRP F 210 -24.55 11.47 -46.99
N LEU F 211 -23.98 12.59 -47.40
CA LEU F 211 -24.77 13.67 -47.98
C LEU F 211 -24.44 13.72 -49.48
N THR F 212 -25.45 13.56 -50.32
CA THR F 212 -25.26 13.59 -51.77
C THR F 212 -25.85 14.90 -52.30
N VAL F 213 -25.03 15.66 -53.02
CA VAL F 213 -25.46 16.94 -53.58
C VAL F 213 -25.48 16.88 -55.12
N LYS G 5 -11.40 -4.24 -71.01
CA LYS G 5 -12.66 -4.97 -70.67
C LYS G 5 -12.34 -6.31 -69.98
N ARG G 6 -12.93 -6.54 -68.80
CA ARG G 6 -12.72 -7.79 -68.07
C ARG G 6 -13.77 -8.05 -66.99
N ALA G 7 -13.90 -9.33 -66.64
CA ALA G 7 -14.83 -9.79 -65.63
C ALA G 7 -14.47 -9.21 -64.25
N PRO G 8 -15.40 -9.28 -63.29
CA PRO G 8 -15.13 -8.76 -61.94
C PRO G 8 -14.02 -9.55 -61.24
N TYR G 9 -13.29 -8.88 -60.37
CA TYR G 9 -12.22 -9.51 -59.62
C TYR G 9 -11.97 -8.76 -58.31
N TRP G 10 -11.58 -9.48 -57.26
CA TRP G 10 -11.30 -8.87 -55.97
C TRP G 10 -10.00 -8.07 -56.02
N THR G 11 -10.04 -6.81 -55.59
CA THR G 11 -8.86 -5.96 -55.61
C THR G 11 -8.06 -5.99 -54.31
N ASN G 12 -8.56 -6.71 -53.32
CA ASN G 12 -7.87 -6.78 -52.02
C ASN G 12 -8.34 -7.98 -51.20
N THR G 13 -7.80 -9.15 -51.51
CA THR G 13 -8.16 -10.38 -50.81
C THR G 13 -7.75 -10.40 -49.34
N GLU G 14 -6.74 -9.60 -49.00
CA GLU G 14 -6.24 -9.53 -47.62
C GLU G 14 -7.38 -9.19 -46.66
N LYS G 15 -8.15 -8.16 -47.01
CA LYS G 15 -9.28 -7.71 -46.19
C LYS G 15 -10.47 -8.65 -46.22
N MET G 16 -10.37 -9.76 -46.95
CA MET G 16 -11.49 -10.70 -47.06
C MET G 16 -11.18 -12.07 -46.44
N GLU G 17 -9.95 -12.26 -46.00
CA GLU G 17 -9.53 -13.53 -45.41
C GLU G 17 -10.28 -13.91 -44.12
N LYS G 18 -10.63 -12.93 -43.31
CA LYS G 18 -11.36 -13.17 -42.05
C LYS G 18 -12.81 -13.48 -42.41
N ARG G 19 -13.16 -14.78 -42.46
CA ARG G 19 -14.51 -15.19 -42.83
C ARG G 19 -15.52 -15.10 -41.70
N LEU G 20 -15.11 -15.51 -40.50
CA LEU G 20 -16.00 -15.44 -39.35
C LEU G 20 -15.78 -14.15 -38.56
N HIS G 21 -16.84 -13.37 -38.44
CA HIS G 21 -16.81 -12.11 -37.69
C HIS G 21 -17.63 -12.27 -36.42
N ALA G 22 -16.96 -12.46 -35.30
CA ALA G 22 -17.66 -12.58 -34.03
C ALA G 22 -17.42 -11.27 -33.31
N VAL G 23 -18.51 -10.57 -32.97
CA VAL G 23 -18.39 -9.29 -32.31
C VAL G 23 -19.37 -9.11 -31.17
N PRO G 24 -19.03 -8.23 -30.22
CA PRO G 24 -19.86 -7.94 -29.06
C PRO G 24 -21.13 -7.19 -29.47
N ALA G 25 -22.24 -7.49 -28.81
CA ALA G 25 -23.51 -6.83 -29.08
C ALA G 25 -23.35 -5.32 -28.94
N ALA G 26 -24.10 -4.57 -29.74
CA ALA G 26 -24.10 -3.11 -29.72
C ALA G 26 -23.02 -2.44 -30.58
N ASN G 27 -22.13 -3.24 -31.15
CA ASN G 27 -21.08 -2.70 -32.01
C ASN G 27 -21.57 -2.57 -33.45
N THR G 28 -20.77 -1.87 -34.25
CA THR G 28 -21.05 -1.70 -35.67
C THR G 28 -20.23 -2.76 -36.42
N VAL G 29 -20.83 -3.39 -37.44
CA VAL G 29 -20.12 -4.39 -38.22
C VAL G 29 -20.02 -3.93 -39.67
N LYS G 30 -18.87 -4.15 -40.30
CA LYS G 30 -18.69 -3.75 -41.70
C LYS G 30 -18.05 -4.87 -42.52
N PHE G 31 -18.73 -5.29 -43.58
CA PHE G 31 -18.22 -6.32 -44.48
C PHE G 31 -17.79 -5.65 -45.78
N ARG G 32 -16.64 -6.05 -46.31
CA ARG G 32 -16.15 -5.47 -47.54
C ARG G 32 -15.75 -6.52 -48.58
N CYS G 33 -15.92 -6.16 -49.86
CA CYS G 33 -15.54 -7.01 -50.97
C CYS G 33 -15.01 -6.08 -52.08
N PRO G 34 -13.86 -5.44 -51.83
CA PRO G 34 -13.28 -4.53 -52.82
C PRO G 34 -13.11 -5.22 -54.16
N ALA G 35 -13.72 -4.64 -55.18
CA ALA G 35 -13.68 -5.24 -56.51
C ALA G 35 -13.29 -4.31 -57.65
N GLY G 36 -12.87 -4.92 -58.75
CA GLY G 36 -12.49 -4.19 -59.95
C GLY G 36 -13.22 -4.83 -61.12
N GLY G 37 -13.12 -4.22 -62.29
CA GLY G 37 -13.78 -4.74 -63.47
C GLY G 37 -14.16 -3.67 -64.48
N ASN G 38 -14.27 -4.06 -65.74
CA ASN G 38 -14.63 -3.13 -66.81
C ASN G 38 -15.56 -3.79 -67.81
N PRO G 39 -16.80 -3.32 -67.90
CA PRO G 39 -17.38 -2.20 -67.15
C PRO G 39 -17.48 -2.43 -65.63
N MET G 40 -17.66 -1.33 -64.90
CA MET G 40 -17.79 -1.37 -63.45
C MET G 40 -18.86 -2.34 -63.02
N PRO G 41 -18.47 -3.37 -62.25
CA PRO G 41 -19.47 -4.35 -61.80
C PRO G 41 -20.42 -3.82 -60.73
N THR G 42 -21.62 -4.41 -60.67
CA THR G 42 -22.62 -4.02 -59.69
C THR G 42 -22.43 -4.91 -58.47
N MET G 43 -23.02 -4.50 -57.35
CA MET G 43 -22.90 -5.27 -56.12
C MET G 43 -24.24 -5.46 -55.44
N ARG G 44 -24.46 -6.67 -54.93
CA ARG G 44 -25.68 -7.00 -54.22
C ARG G 44 -25.31 -7.83 -52.99
N TRP G 45 -26.04 -7.64 -51.89
CA TRP G 45 -25.78 -8.39 -50.67
C TRP G 45 -26.92 -9.33 -50.29
N LEU G 46 -26.58 -10.56 -49.89
CA LEU G 46 -27.60 -11.51 -49.50
C LEU G 46 -27.44 -11.90 -48.04
N LYS G 47 -28.56 -12.20 -47.38
CA LYS G 47 -28.53 -12.66 -46.01
C LYS G 47 -29.07 -14.08 -46.07
N ASN G 48 -28.26 -15.04 -45.65
CA ASN G 48 -28.65 -16.44 -45.67
C ASN G 48 -29.13 -16.85 -47.07
N GLY G 49 -28.34 -16.48 -48.09
CA GLY G 49 -28.65 -16.82 -49.47
C GLY G 49 -29.85 -16.18 -50.14
N LYS G 50 -30.46 -15.18 -49.50
CA LYS G 50 -31.62 -14.52 -50.09
C LYS G 50 -31.45 -13.01 -50.00
N GLU G 51 -32.17 -12.29 -50.85
CA GLU G 51 -32.09 -10.83 -50.87
C GLU G 51 -32.20 -10.28 -49.45
N PHE G 52 -31.33 -9.34 -49.12
CA PHE G 52 -31.27 -8.69 -47.82
C PHE G 52 -32.03 -7.37 -47.98
N LYS G 53 -33.15 -7.24 -47.26
CA LYS G 53 -33.98 -6.05 -47.33
C LYS G 53 -33.85 -5.17 -46.08
N GLN G 54 -34.08 -3.87 -46.24
CA GLN G 54 -34.00 -2.94 -45.12
C GLN G 54 -34.89 -3.37 -43.95
N GLU G 55 -36.07 -3.91 -44.24
CA GLU G 55 -36.99 -4.31 -43.17
C GLU G 55 -36.57 -5.61 -42.47
N HIS G 56 -35.48 -6.22 -42.92
CA HIS G 56 -35.03 -7.47 -42.31
C HIS G 56 -34.43 -7.30 -40.91
N ARG G 57 -34.19 -6.06 -40.48
CA ARG G 57 -33.63 -5.78 -39.16
C ARG G 57 -33.98 -4.37 -38.68
N ILE G 58 -34.04 -4.17 -37.37
CA ILE G 58 -34.34 -2.85 -36.83
C ILE G 58 -33.28 -1.88 -37.33
N GLY G 59 -33.69 -0.76 -37.92
CA GLY G 59 -32.75 0.21 -38.42
C GLY G 59 -32.11 -0.11 -39.77
N GLY G 60 -32.45 -1.26 -40.35
CA GLY G 60 -31.90 -1.64 -41.63
C GLY G 60 -30.38 -1.64 -41.72
N TYR G 61 -29.87 -1.29 -42.89
CA TYR G 61 -28.43 -1.28 -43.10
C TYR G 61 -28.01 -0.18 -44.09
N LYS G 62 -26.69 -0.02 -44.24
CA LYS G 62 -26.16 0.99 -45.15
C LYS G 62 -25.12 0.36 -46.08
N VAL G 63 -25.09 0.84 -47.32
CA VAL G 63 -24.15 0.33 -48.32
C VAL G 63 -23.42 1.49 -48.98
N ARG G 64 -22.09 1.39 -49.02
CA ARG G 64 -21.26 2.42 -49.65
C ARG G 64 -20.59 1.79 -50.87
N ASN G 65 -21.22 1.93 -52.04
CA ASN G 65 -20.70 1.37 -53.28
C ASN G 65 -19.23 1.70 -53.52
N GLN G 66 -18.84 2.94 -53.21
CA GLN G 66 -17.47 3.37 -53.39
C GLN G 66 -16.48 2.51 -52.61
N HIS G 67 -16.92 1.92 -51.49
CA HIS G 67 -16.06 1.09 -50.68
C HIS G 67 -16.43 -0.40 -50.74
N TRP G 68 -17.42 -0.73 -51.56
CA TRP G 68 -17.90 -2.11 -51.72
C TRP G 68 -18.18 -2.71 -50.36
N SER G 69 -18.90 -1.97 -49.53
CA SER G 69 -19.19 -2.41 -48.17
C SER G 69 -20.65 -2.46 -47.74
N LEU G 70 -20.91 -3.31 -46.76
CA LEU G 70 -22.23 -3.46 -46.15
C LEU G 70 -22.02 -3.12 -44.67
N ILE G 71 -22.83 -2.21 -44.14
CA ILE G 71 -22.72 -1.79 -42.73
C ILE G 71 -23.98 -2.00 -41.90
N MET G 72 -23.83 -2.64 -40.74
CA MET G 72 -24.93 -2.86 -39.83
C MET G 72 -24.53 -2.29 -38.46
N GLU G 73 -25.31 -1.34 -37.96
CA GLU G 73 -25.03 -0.69 -36.69
C GLU G 73 -25.79 -1.34 -35.53
N SER G 74 -25.21 -1.26 -34.34
CA SER G 74 -25.80 -1.80 -33.12
C SER G 74 -26.31 -3.23 -33.26
N VAL G 75 -25.42 -4.15 -33.62
CA VAL G 75 -25.83 -5.53 -33.82
C VAL G 75 -26.37 -6.22 -32.57
N VAL G 76 -27.24 -7.21 -32.80
CA VAL G 76 -27.86 -7.96 -31.73
C VAL G 76 -27.81 -9.44 -32.09
N PRO G 77 -28.06 -10.33 -31.11
CA PRO G 77 -28.03 -11.77 -31.37
C PRO G 77 -28.78 -12.23 -32.62
N SER G 78 -29.94 -11.66 -32.91
CA SER G 78 -30.70 -12.07 -34.10
C SER G 78 -30.02 -11.78 -35.45
N ASP G 79 -28.95 -10.98 -35.45
CA ASP G 79 -28.23 -10.66 -36.69
C ASP G 79 -27.32 -11.82 -37.14
N LYS G 80 -27.16 -12.82 -36.28
CA LYS G 80 -26.31 -13.98 -36.61
C LYS G 80 -26.77 -14.59 -37.92
N GLY G 81 -25.83 -14.94 -38.77
CA GLY G 81 -26.16 -15.55 -40.05
C GLY G 81 -25.07 -15.39 -41.08
N ASN G 82 -25.39 -15.69 -42.34
CA ASN G 82 -24.45 -15.56 -43.43
C ASN G 82 -24.76 -14.36 -44.29
N TYR G 83 -23.71 -13.63 -44.67
CA TYR G 83 -23.86 -12.46 -45.50
C TYR G 83 -22.96 -12.62 -46.73
N THR G 84 -23.59 -12.65 -47.89
CA THR G 84 -22.89 -12.85 -49.15
C THR G 84 -22.91 -11.67 -50.10
N CYS G 85 -21.76 -11.33 -50.66
CA CYS G 85 -21.69 -10.23 -51.62
C CYS G 85 -21.56 -10.87 -53.01
N VAL G 86 -22.38 -10.40 -53.94
CA VAL G 86 -22.36 -10.88 -55.33
C VAL G 86 -21.97 -9.69 -56.23
N VAL G 87 -20.92 -9.85 -57.02
CA VAL G 87 -20.43 -8.79 -57.88
C VAL G 87 -20.41 -9.24 -59.32
N GLU G 88 -20.98 -8.44 -60.22
CA GLU G 88 -21.04 -8.84 -61.61
C GLU G 88 -21.13 -7.79 -62.72
N ASN G 89 -20.75 -8.21 -63.92
CA ASN G 89 -20.80 -7.41 -65.12
C ASN G 89 -21.04 -8.40 -66.26
N GLU G 90 -21.02 -7.93 -67.51
CA GLU G 90 -21.27 -8.79 -68.66
C GLU G 90 -20.33 -9.99 -68.84
N TYR G 91 -19.12 -9.91 -68.28
CA TYR G 91 -18.16 -11.00 -68.41
C TYR G 91 -18.01 -11.93 -67.21
N GLY G 92 -18.84 -11.77 -66.19
CA GLY G 92 -18.70 -12.66 -65.06
C GLY G 92 -19.43 -12.28 -63.78
N SER G 93 -19.48 -13.24 -62.87
CA SER G 93 -20.14 -13.07 -61.59
C SER G 93 -19.38 -13.88 -60.51
N ILE G 94 -19.00 -13.20 -59.43
CA ILE G 94 -18.26 -13.85 -58.35
C ILE G 94 -18.87 -13.48 -56.99
N ASN G 95 -18.70 -14.35 -55.99
CA ASN G 95 -19.25 -14.09 -54.67
C ASN G 95 -18.32 -14.50 -53.53
N HIS G 96 -18.60 -14.00 -52.34
CA HIS G 96 -17.82 -14.28 -51.14
C HIS G 96 -18.78 -14.29 -49.95
N THR G 97 -18.55 -15.15 -48.98
CA THR G 97 -19.47 -15.22 -47.85
C THR G 97 -18.83 -15.03 -46.48
N TYR G 98 -19.48 -14.19 -45.68
CA TYR G 98 -19.06 -13.88 -44.32
C TYR G 98 -20.07 -14.50 -43.35
N HIS G 99 -19.58 -14.90 -42.18
CA HIS G 99 -20.46 -15.46 -41.15
C HIS G 99 -20.39 -14.50 -39.96
N LEU G 100 -21.56 -14.09 -39.47
CA LEU G 100 -21.62 -13.17 -38.33
C LEU G 100 -22.17 -13.80 -37.05
N ASP G 101 -21.51 -13.52 -35.93
CA ASP G 101 -21.95 -14.02 -34.64
C ASP G 101 -21.88 -12.87 -33.64
N VAL G 102 -22.90 -12.75 -32.80
CA VAL G 102 -22.94 -11.67 -31.82
C VAL G 102 -22.94 -12.23 -30.40
N VAL G 103 -22.13 -11.62 -29.54
CA VAL G 103 -22.04 -12.05 -28.15
C VAL G 103 -22.34 -10.89 -27.19
N GLU G 104 -23.27 -11.11 -26.28
CA GLU G 104 -23.62 -10.07 -25.31
C GLU G 104 -22.64 -10.12 -24.16
N ARG G 105 -22.06 -8.98 -23.83
CA ARG G 105 -21.12 -8.91 -22.72
C ARG G 105 -21.76 -8.23 -21.52
N SER G 106 -21.28 -8.62 -20.34
CA SER G 106 -21.74 -8.06 -19.09
C SER G 106 -20.56 -7.52 -18.27
N PRO G 107 -20.30 -6.22 -18.35
CA PRO G 107 -19.19 -5.60 -17.61
C PRO G 107 -19.50 -5.33 -16.12
N HIS G 108 -20.08 -6.29 -15.42
CA HIS G 108 -20.41 -6.08 -14.01
C HIS G 108 -19.55 -6.94 -13.08
N ARG G 109 -19.46 -6.54 -11.82
CA ARG G 109 -18.73 -7.33 -10.84
C ARG G 109 -19.64 -8.55 -10.58
N PRO G 110 -19.12 -9.62 -9.94
CA PRO G 110 -19.98 -10.78 -9.69
C PRO G 110 -21.26 -10.47 -8.92
N ILE G 111 -22.35 -11.14 -9.30
CA ILE G 111 -23.64 -10.97 -8.64
C ILE G 111 -24.01 -12.27 -7.89
N LEU G 112 -24.41 -12.15 -6.62
CA LEU G 112 -24.82 -13.34 -5.86
C LEU G 112 -26.32 -13.37 -5.63
N GLN G 113 -26.85 -14.57 -5.50
CA GLN G 113 -28.28 -14.76 -5.25
C GLN G 113 -28.64 -14.29 -3.83
N ALA G 114 -29.69 -13.49 -3.71
CA ALA G 114 -30.14 -13.00 -2.41
C ALA G 114 -30.56 -14.16 -1.51
N GLY G 115 -30.24 -14.09 -0.21
CA GLY G 115 -30.64 -15.15 0.70
C GLY G 115 -29.61 -16.26 0.90
N LEU G 116 -28.59 -16.30 0.05
CA LEU G 116 -27.56 -17.32 0.17
C LEU G 116 -26.18 -16.72 0.35
N PRO G 117 -25.39 -17.27 1.29
CA PRO G 117 -25.76 -18.40 2.15
C PRO G 117 -26.81 -18.04 3.22
N ALA G 118 -27.44 -19.07 3.78
CA ALA G 118 -28.46 -18.87 4.80
C ALA G 118 -27.93 -19.16 6.19
N ASN G 119 -28.47 -18.49 7.20
CA ASN G 119 -28.07 -18.73 8.57
C ASN G 119 -28.36 -20.19 8.89
N ALA G 120 -27.60 -20.75 9.82
CA ALA G 120 -27.78 -22.13 10.21
C ALA G 120 -27.56 -22.30 11.71
N SER G 121 -28.24 -23.28 12.28
CA SER G 121 -28.14 -23.54 13.71
C SER G 121 -28.08 -25.04 13.95
N THR G 122 -27.38 -25.42 15.01
CA THR G 122 -27.23 -26.84 15.36
C THR G 122 -26.68 -27.04 16.75
N VAL G 123 -26.77 -28.27 17.24
CA VAL G 123 -26.26 -28.63 18.55
C VAL G 123 -24.82 -29.09 18.35
N VAL G 124 -23.99 -28.96 19.38
CA VAL G 124 -22.59 -29.38 19.30
C VAL G 124 -22.57 -30.81 18.75
N GLY G 125 -21.65 -31.08 17.83
CA GLY G 125 -21.56 -32.41 17.25
C GLY G 125 -22.32 -32.60 15.95
N GLY G 126 -23.11 -31.60 15.56
CA GLY G 126 -23.87 -31.70 14.32
C GLY G 126 -23.11 -31.39 13.04
N ASP G 127 -23.82 -31.47 11.91
CA ASP G 127 -23.24 -31.18 10.60
C ASP G 127 -24.01 -30.03 9.94
N VAL G 128 -23.32 -29.22 9.14
CA VAL G 128 -23.96 -28.08 8.49
C VAL G 128 -23.34 -27.71 7.15
N GLU G 129 -24.07 -26.93 6.35
CA GLU G 129 -23.59 -26.50 5.06
C GLU G 129 -24.00 -25.04 4.76
N PHE G 130 -23.23 -24.40 3.90
CA PHE G 130 -23.51 -23.03 3.48
C PHE G 130 -23.43 -23.04 1.97
N VAL G 131 -24.50 -22.58 1.32
CA VAL G 131 -24.55 -22.56 -0.12
C VAL G 131 -24.44 -21.16 -0.67
N CYS G 132 -23.84 -21.04 -1.84
CA CYS G 132 -23.67 -19.76 -2.49
C CYS G 132 -23.95 -19.93 -3.98
N LYS G 133 -24.57 -18.92 -4.60
CA LYS G 133 -24.86 -18.98 -6.04
C LYS G 133 -24.34 -17.72 -6.76
N VAL G 134 -23.31 -17.90 -7.57
CA VAL G 134 -22.65 -16.82 -8.31
C VAL G 134 -22.91 -16.72 -9.82
N TYR G 135 -22.98 -15.48 -10.31
CA TYR G 135 -23.15 -15.19 -11.73
C TYR G 135 -22.09 -14.13 -12.15
N SER G 136 -21.41 -14.35 -13.27
CA SER G 136 -20.39 -13.43 -13.76
C SER G 136 -19.97 -13.76 -15.19
N ASP G 137 -19.63 -12.72 -15.95
CA ASP G 137 -19.17 -12.87 -17.33
C ASP G 137 -17.65 -13.12 -17.22
N ALA G 138 -16.94 -12.13 -16.70
CA ALA G 138 -15.51 -12.24 -16.50
C ALA G 138 -15.36 -13.35 -15.46
N GLN G 139 -14.38 -14.23 -15.65
CA GLN G 139 -14.14 -15.33 -14.74
C GLN G 139 -14.11 -14.86 -13.28
N PRO G 140 -14.99 -15.40 -12.42
CA PRO G 140 -15.01 -15.00 -11.01
C PRO G 140 -14.17 -15.92 -10.11
N HIS G 141 -13.67 -15.38 -9.02
CA HIS G 141 -12.88 -16.15 -8.06
C HIS G 141 -13.65 -16.21 -6.74
N ILE G 142 -14.01 -17.42 -6.35
CA ILE G 142 -14.80 -17.65 -5.16
C ILE G 142 -14.04 -18.24 -3.97
N GLN G 143 -14.30 -17.72 -2.78
CA GLN G 143 -13.68 -18.24 -1.57
C GLN G 143 -14.64 -18.09 -0.39
N TRP G 144 -14.44 -18.92 0.62
CA TRP G 144 -15.26 -18.89 1.83
C TRP G 144 -14.40 -18.38 2.98
N ILE G 145 -14.93 -17.40 3.71
CA ILE G 145 -14.21 -16.79 4.82
C ILE G 145 -14.94 -16.83 6.17
N LYS G 146 -14.18 -17.06 7.23
CA LYS G 146 -14.73 -17.08 8.58
C LYS G 146 -14.18 -15.83 9.28
N HIS G 147 -15.06 -15.07 9.93
CA HIS G 147 -14.63 -13.87 10.63
C HIS G 147 -14.11 -14.26 12.02
N VAL G 148 -12.80 -14.20 12.20
CA VAL G 148 -12.19 -14.57 13.47
C VAL G 148 -11.52 -13.37 14.13
N TYR G 162 -10.15 -9.43 11.41
CA TYR G 162 -9.40 -10.68 11.41
C TYR G 162 -10.17 -11.74 10.63
N LEU G 163 -9.62 -12.12 9.48
CA LEU G 163 -10.26 -13.12 8.63
C LEU G 163 -9.45 -14.41 8.49
N LYS G 164 -10.13 -15.50 8.20
CA LYS G 164 -9.49 -16.80 8.00
C LYS G 164 -10.10 -17.47 6.78
N VAL G 165 -9.26 -17.79 5.79
CA VAL G 165 -9.73 -18.41 4.56
C VAL G 165 -9.93 -19.91 4.73
N LEU G 166 -11.18 -20.34 4.64
CA LEU G 166 -11.50 -21.75 4.80
C LEU G 166 -11.29 -22.56 3.52
N LYS G 167 -11.62 -21.95 2.39
CA LYS G 167 -11.50 -22.62 1.11
C LYS G 167 -11.49 -21.57 0.00
N ALA G 168 -10.70 -21.82 -1.04
CA ALA G 168 -10.60 -20.89 -2.16
C ALA G 168 -10.43 -21.61 -3.48
N ALA G 169 -11.09 -21.09 -4.52
CA ALA G 169 -11.05 -21.67 -5.85
C ALA G 169 -9.66 -21.65 -6.50
N GLY G 170 -9.42 -22.62 -7.37
CA GLY G 170 -8.15 -22.70 -8.06
C GLY G 170 -8.02 -24.02 -8.78
N VAL G 171 -6.84 -24.27 -9.33
CA VAL G 171 -6.57 -25.51 -10.06
C VAL G 171 -6.79 -26.75 -9.19
N ASN G 172 -6.51 -26.64 -7.90
CA ASN G 172 -6.66 -27.76 -6.99
C ASN G 172 -8.01 -27.79 -6.27
N THR G 173 -8.83 -26.77 -6.49
CA THR G 173 -10.15 -26.68 -5.88
C THR G 173 -11.07 -26.03 -6.92
N THR G 174 -11.49 -26.83 -7.90
CA THR G 174 -12.31 -26.37 -9.02
C THR G 174 -13.66 -25.76 -8.66
N ASP G 175 -14.21 -25.01 -9.60
CA ASP G 175 -15.49 -24.34 -9.41
C ASP G 175 -16.68 -25.31 -9.28
N LYS G 176 -16.51 -26.55 -9.74
CA LYS G 176 -17.58 -27.53 -9.67
C LYS G 176 -18.17 -27.69 -8.26
N GLU G 177 -17.30 -27.66 -7.26
CA GLU G 177 -17.76 -27.82 -5.88
C GLU G 177 -17.40 -26.67 -4.93
N ILE G 178 -16.95 -25.54 -5.47
CA ILE G 178 -16.58 -24.41 -4.65
C ILE G 178 -17.75 -23.64 -4.02
N GLU G 179 -18.93 -23.72 -4.63
CA GLU G 179 -20.09 -22.99 -4.12
C GLU G 179 -20.80 -23.56 -2.88
N VAL G 180 -20.33 -24.69 -2.36
CA VAL G 180 -20.94 -25.25 -1.17
C VAL G 180 -19.85 -25.54 -0.14
N LEU G 181 -20.04 -25.08 1.09
CA LEU G 181 -19.07 -25.29 2.17
C LEU G 181 -19.67 -26.21 3.22
N TYR G 182 -19.00 -27.33 3.47
CA TYR G 182 -19.46 -28.30 4.45
C TYR G 182 -18.63 -28.24 5.74
N ILE G 183 -19.30 -28.36 6.88
CA ILE G 183 -18.63 -28.36 8.18
C ILE G 183 -19.27 -29.44 9.06
N ARG G 184 -18.52 -30.51 9.32
CA ARG G 184 -19.02 -31.63 10.11
C ARG G 184 -18.50 -31.66 11.54
N ASN G 185 -19.26 -32.32 12.42
CA ASN G 185 -18.92 -32.45 13.83
C ASN G 185 -18.46 -31.10 14.38
N VAL G 186 -19.36 -30.12 14.29
CA VAL G 186 -19.07 -28.76 14.74
C VAL G 186 -18.83 -28.63 16.24
N THR G 187 -17.98 -27.66 16.59
CA THR G 187 -17.65 -27.37 17.98
C THR G 187 -18.22 -25.97 18.24
N PHE G 188 -18.18 -25.52 19.50
CA PHE G 188 -18.66 -24.18 19.83
C PHE G 188 -17.77 -23.15 19.15
N GLU G 189 -16.53 -23.55 18.86
CA GLU G 189 -15.57 -22.65 18.23
C GLU G 189 -15.96 -22.32 16.79
N ASP G 190 -16.72 -23.21 16.14
CA ASP G 190 -17.13 -22.99 14.76
C ASP G 190 -18.20 -21.89 14.61
N ALA G 191 -18.89 -21.58 15.71
CA ALA G 191 -19.91 -20.54 15.68
C ALA G 191 -19.32 -19.24 15.13
N GLY G 192 -20.14 -18.44 14.44
CA GLY G 192 -19.65 -17.19 13.91
C GLY G 192 -20.18 -16.82 12.53
N GLU G 193 -19.63 -15.75 11.97
CA GLU G 193 -20.05 -15.27 10.66
C GLU G 193 -19.23 -15.86 9.51
N TYR G 194 -19.92 -16.47 8.56
CA TYR G 194 -19.28 -17.05 7.38
C TYR G 194 -19.64 -16.23 6.14
N THR G 195 -18.65 -16.00 5.28
CA THR G 195 -18.88 -15.21 4.09
C THR G 195 -18.43 -15.83 2.79
N CYS G 196 -19.30 -15.75 1.78
CA CYS G 196 -18.94 -16.23 0.46
C CYS G 196 -18.53 -14.95 -0.27
N LEU G 197 -17.30 -14.91 -0.74
CA LEU G 197 -16.80 -13.73 -1.44
C LEU G 197 -16.39 -14.06 -2.87
N ALA G 198 -16.94 -13.30 -3.81
CA ALA G 198 -16.68 -13.48 -5.24
C ALA G 198 -16.10 -12.22 -5.87
N GLY G 199 -14.99 -12.38 -6.57
CA GLY G 199 -14.40 -11.23 -7.22
C GLY G 199 -13.88 -11.51 -8.62
N ASN G 200 -13.93 -10.49 -9.47
CA ASN G 200 -13.41 -10.57 -10.84
C ASN G 200 -12.60 -9.27 -11.05
N SER G 201 -12.08 -9.08 -12.26
CA SER G 201 -11.29 -7.89 -12.59
C SER G 201 -12.02 -6.56 -12.34
N ILE G 202 -13.34 -6.56 -12.45
CA ILE G 202 -14.12 -5.34 -12.23
C ILE G 202 -14.36 -4.99 -10.77
N GLY G 203 -14.68 -5.99 -9.94
CA GLY G 203 -14.93 -5.73 -8.54
C GLY G 203 -15.22 -6.95 -7.68
N ILE G 204 -15.59 -6.68 -6.43
CA ILE G 204 -15.87 -7.71 -5.41
C ILE G 204 -17.28 -7.65 -4.85
N SER G 205 -17.86 -8.82 -4.58
CA SER G 205 -19.19 -8.95 -3.99
C SER G 205 -19.14 -10.05 -2.93
N PHE G 206 -19.96 -9.94 -1.88
CA PHE G 206 -19.97 -10.95 -0.83
C PHE G 206 -21.25 -10.96 0.00
N HIS G 207 -21.70 -12.16 0.38
CA HIS G 207 -22.89 -12.35 1.22
C HIS G 207 -22.47 -13.13 2.46
N SER G 208 -23.03 -12.78 3.61
CA SER G 208 -22.69 -13.45 4.87
C SER G 208 -23.86 -14.11 5.57
N ALA G 209 -23.54 -15.12 6.38
CA ALA G 209 -24.55 -15.84 7.15
C ALA G 209 -23.94 -16.17 8.51
N TRP G 210 -24.78 -16.49 9.46
CA TRP G 210 -24.30 -16.81 10.79
C TRP G 210 -24.56 -18.26 11.19
N LEU G 211 -23.61 -18.85 11.89
CA LEU G 211 -23.76 -20.21 12.36
C LEU G 211 -23.93 -20.17 13.87
N THR G 212 -25.04 -20.70 14.35
CA THR G 212 -25.32 -20.76 15.78
C THR G 212 -25.14 -22.19 16.28
N VAL G 213 -24.31 -22.36 17.29
CA VAL G 213 -24.06 -23.68 17.87
C VAL G 213 -24.58 -23.70 19.31
N LEU G 214 -25.57 -24.55 19.58
CA LEU G 214 -26.19 -24.64 20.91
C LEU G 214 -25.68 -25.81 21.78
N PRO G 215 -25.99 -25.77 23.10
CA PRO G 215 -25.60 -26.80 24.09
C PRO G 215 -25.96 -28.20 23.55
N ALA G 216 -25.65 -29.29 24.25
CA ALA G 216 -25.95 -30.57 23.64
C ALA G 216 -26.57 -31.77 24.38
N PRO G 217 -27.70 -31.61 25.09
CA PRO G 217 -28.15 -32.87 25.70
C PRO G 217 -28.88 -33.73 24.66
N LYS H 5 13.08 5.57 71.24
CA LYS H 5 12.23 4.46 70.73
C LYS H 5 11.02 4.98 69.94
N ARG H 6 10.88 4.55 68.69
CA ARG H 6 9.77 4.99 67.84
C ARG H 6 9.53 4.09 66.63
N ALA H 7 8.30 4.13 66.14
CA ALA H 7 7.87 3.35 64.99
C ALA H 7 8.62 3.81 63.74
N PRO H 8 8.59 3.00 62.66
CA PRO H 8 9.29 3.37 61.42
C PRO H 8 8.70 4.62 60.77
N TYR H 9 9.54 5.37 60.07
CA TYR H 9 9.11 6.57 59.38
C TYR H 9 10.03 6.87 58.19
N TRP H 10 9.47 7.45 57.13
CA TRP H 10 10.27 7.79 55.95
C TRP H 10 11.17 8.98 56.25
N THR H 11 12.45 8.86 55.95
CA THR H 11 13.41 9.94 56.20
C THR H 11 13.61 10.87 55.01
N ASN H 12 12.97 10.56 53.90
CA ASN H 12 13.12 11.39 52.70
C ASN H 12 11.99 11.14 51.70
N THR H 13 10.84 11.76 51.94
CA THR H 13 9.68 11.59 51.07
C THR H 13 9.88 12.19 49.68
N GLU H 14 10.80 13.13 49.54
CA GLU H 14 11.05 13.75 48.26
C GLU H 14 11.41 12.70 47.21
N LYS H 15 12.32 11.80 47.56
CA LYS H 15 12.76 10.75 46.66
C LYS H 15 11.72 9.64 46.46
N MET H 16 10.55 9.78 47.08
CA MET H 16 9.49 8.77 46.95
C MET H 16 8.25 9.28 46.23
N GLU H 17 8.22 10.57 45.91
CA GLU H 17 7.07 11.18 45.24
C GLU H 17 6.78 10.62 43.84
N LYS H 18 7.83 10.25 43.11
CA LYS H 18 7.67 9.70 41.76
C LYS H 18 7.17 8.25 41.90
N ARG H 19 5.86 8.06 41.75
CA ARG H 19 5.26 6.74 41.91
C ARG H 19 5.41 5.83 40.69
N LEU H 20 5.19 6.39 39.51
CA LEU H 20 5.31 5.64 38.28
C LEU H 20 6.70 5.81 37.67
N HIS H 21 7.39 4.69 37.51
CA HIS H 21 8.71 4.66 36.91
C HIS H 21 8.63 4.00 35.54
N ALA H 22 8.65 4.81 34.49
CA ALA H 22 8.61 4.27 33.14
C ALA H 22 10.02 4.43 32.61
N VAL H 23 10.64 3.32 32.23
CA VAL H 23 12.00 3.35 31.74
C VAL H 23 12.22 2.51 30.50
N PRO H 24 13.22 2.86 29.69
CA PRO H 24 13.50 2.10 28.48
C PRO H 24 14.14 0.75 28.80
N ALA H 25 13.80 -0.26 28.01
CA ALA H 25 14.33 -1.60 28.19
C ALA H 25 15.84 -1.57 28.22
N ALA H 26 16.43 -2.50 29.00
CA ALA H 26 17.88 -2.64 29.14
C ALA H 26 18.53 -1.75 30.19
N ASN H 27 17.76 -0.85 30.77
CA ASN H 27 18.27 0.05 31.80
C ASN H 27 18.19 -0.61 33.19
N THR H 28 18.86 0.02 34.15
CA THR H 28 18.83 -0.45 35.54
C THR H 28 17.76 0.39 36.26
N VAL H 29 16.98 -0.23 37.12
CA VAL H 29 15.96 0.48 37.88
C VAL H 29 16.26 0.39 39.38
N LYS H 30 16.06 1.48 40.10
CA LYS H 30 16.32 1.50 41.54
C LYS H 30 15.17 2.15 42.32
N PHE H 31 14.58 1.39 43.25
CA PHE H 31 13.50 1.91 44.08
C PHE H 31 14.06 2.13 45.48
N ARG H 32 13.68 3.24 46.09
CA ARG H 32 14.16 3.54 47.43
C ARG H 32 13.05 3.95 48.40
N CYS H 33 13.23 3.60 49.67
CA CYS H 33 12.29 3.94 50.73
C CYS H 33 13.12 4.25 51.98
N PRO H 34 13.88 5.36 51.95
CA PRO H 34 14.72 5.77 53.08
C PRO H 34 13.90 5.81 54.36
N ALA H 35 14.30 5.03 55.36
CA ALA H 35 13.55 4.99 56.60
C ALA H 35 14.37 5.15 57.87
N GLY H 36 13.68 5.52 58.94
CA GLY H 36 14.29 5.69 60.25
C GLY H 36 13.46 4.92 61.25
N GLY H 37 13.94 4.81 62.49
CA GLY H 37 13.21 4.08 63.52
C GLY H 37 14.11 3.49 64.59
N ASN H 38 13.56 3.27 65.77
CA ASN H 38 14.31 2.74 66.89
C ASN H 38 13.45 1.76 67.69
N PRO H 39 13.81 0.47 67.68
CA PRO H 39 14.95 -0.12 66.98
C PRO H 39 14.90 -0.05 65.45
N MET H 40 16.05 -0.26 64.83
CA MET H 40 16.16 -0.22 63.38
C MET H 40 15.14 -1.14 62.73
N PRO H 41 14.26 -0.57 61.90
CA PRO H 41 13.25 -1.40 61.24
C PRO H 41 13.81 -2.29 60.12
N THR H 42 13.12 -3.39 59.86
CA THR H 42 13.52 -4.31 58.81
C THR H 42 12.82 -3.90 57.53
N MET H 43 13.29 -4.42 56.41
CA MET H 43 12.75 -4.07 55.10
C MET H 43 12.47 -5.31 54.25
N ARG H 44 11.32 -5.33 53.59
CA ARG H 44 10.94 -6.43 52.71
C ARG H 44 10.30 -5.84 51.45
N TRP H 45 10.57 -6.45 50.30
CA TRP H 45 9.98 -5.96 49.04
C TRP H 45 9.01 -6.98 48.43
N LEU H 46 7.88 -6.48 47.96
CA LEU H 46 6.87 -7.33 47.35
C LEU H 46 6.67 -6.98 45.89
N LYS H 47 6.35 -7.97 45.07
CA LYS H 47 6.07 -7.74 43.67
C LYS H 47 4.60 -8.13 43.51
N ASN H 48 3.78 -7.18 43.09
CA ASN H 48 2.35 -7.42 42.92
C ASN H 48 1.75 -8.01 44.21
N GLY H 49 2.06 -7.38 45.33
CA GLY H 49 1.52 -7.81 46.62
C GLY H 49 1.96 -9.13 47.21
N LYS H 50 2.97 -9.76 46.63
CA LYS H 50 3.46 -11.05 47.13
C LYS H 50 4.97 -11.04 47.23
N GLU H 51 5.52 -11.92 48.06
CA GLU H 51 6.96 -12.00 48.24
C GLU H 51 7.66 -12.02 46.89
N PHE H 52 8.71 -11.21 46.77
CA PHE H 52 9.51 -11.10 45.54
C PHE H 52 10.72 -12.00 45.75
N LYS H 53 10.83 -13.04 44.94
CA LYS H 53 11.95 -13.98 45.04
C LYS H 53 12.96 -13.84 43.91
N GLN H 54 14.21 -14.21 44.18
CA GLN H 54 15.27 -14.13 43.17
C GLN H 54 14.90 -14.82 41.87
N GLU H 55 14.23 -15.97 41.95
CA GLU H 55 13.87 -16.70 40.74
C GLU H 55 12.71 -16.08 39.96
N HIS H 56 12.15 -14.99 40.48
CA HIS H 56 11.03 -14.34 39.79
C HIS H 56 11.41 -13.60 38.50
N ARG H 57 12.71 -13.45 38.25
CA ARG H 57 13.20 -12.79 37.01
C ARG H 57 14.61 -13.23 36.67
N ILE H 58 14.95 -13.18 35.38
CA ILE H 58 16.30 -13.56 34.96
C ILE H 58 17.31 -12.67 35.70
N GLY H 59 18.29 -13.28 36.35
CA GLY H 59 19.29 -12.50 37.06
C GLY H 59 18.87 -11.97 38.42
N GLY H 60 17.64 -12.26 38.83
CA GLY H 60 17.16 -11.81 40.13
C GLY H 60 17.28 -10.32 40.40
N TYR H 61 17.55 -9.97 41.66
CA TYR H 61 17.67 -8.57 42.05
C TYR H 61 18.68 -8.37 43.19
N LYS H 62 18.95 -7.10 43.50
CA LYS H 62 19.88 -6.78 44.57
C LYS H 62 19.25 -5.79 45.55
N VAL H 63 19.56 -5.95 46.83
CA VAL H 63 19.04 -5.08 47.87
C VAL H 63 20.18 -4.54 48.72
N ARG H 64 20.21 -3.23 48.91
CA ARG H 64 21.23 -2.59 49.74
C ARG H 64 20.52 -1.99 50.96
N ASN H 65 20.47 -2.76 52.05
CA ASN H 65 19.83 -2.33 53.30
C ASN H 65 20.25 -0.92 53.72
N GLN H 66 21.54 -0.64 53.60
CA GLN H 66 22.09 0.65 53.97
C GLN H 66 21.41 1.82 53.24
N HIS H 67 20.94 1.56 52.02
CA HIS H 67 20.27 2.59 51.24
C HIS H 67 18.77 2.37 51.10
N TRP H 68 18.24 1.34 51.77
CA TRP H 68 16.81 1.00 51.71
C TRP H 68 16.36 0.95 50.25
N SER H 69 17.12 0.23 49.44
CA SER H 69 16.82 0.15 48.01
C SER H 69 16.69 -1.25 47.42
N LEU H 70 15.96 -1.31 46.30
CA LEU H 70 15.76 -2.54 45.54
C LEU H 70 16.28 -2.21 44.14
N ILE H 71 17.15 -3.07 43.61
CA ILE H 71 17.74 -2.84 42.30
C ILE H 71 17.51 -3.99 41.30
N MET H 72 17.03 -3.62 40.11
CA MET H 72 16.81 -4.59 39.03
C MET H 72 17.56 -4.09 37.80
N GLU H 73 18.51 -4.91 37.33
CA GLU H 73 19.34 -4.58 36.18
C GLU H 73 18.76 -5.14 34.88
N SER H 74 19.05 -4.45 33.78
CA SER H 74 18.60 -4.84 32.44
C SER H 74 17.12 -5.21 32.36
N VAL H 75 16.24 -4.27 32.73
CA VAL H 75 14.82 -4.53 32.73
C VAL H 75 14.24 -4.87 31.35
N VAL H 76 13.16 -5.65 31.37
CA VAL H 76 12.48 -6.08 30.16
C VAL H 76 10.98 -5.91 30.37
N PRO H 77 10.20 -5.96 29.28
CA PRO H 77 8.75 -5.80 29.36
C PRO H 77 8.06 -6.60 30.46
N SER H 78 8.48 -7.85 30.67
CA SER H 78 7.88 -8.68 31.71
C SER H 78 8.06 -8.18 33.15
N ASP H 79 8.95 -7.21 33.38
CA ASP H 79 9.17 -6.66 34.71
C ASP H 79 8.07 -5.69 35.15
N LYS H 80 7.21 -5.32 34.22
CA LYS H 80 6.10 -4.42 34.49
C LYS H 80 5.29 -4.95 35.67
N GLY H 81 4.92 -4.06 36.59
CA GLY H 81 4.14 -4.47 37.76
C GLY H 81 4.29 -3.50 38.92
N ASN H 82 3.79 -3.91 40.09
CA ASN H 82 3.88 -3.10 41.29
C ASN H 82 4.93 -3.65 42.24
N TYR H 83 5.73 -2.74 42.80
CA TYR H 83 6.78 -3.11 43.74
C TYR H 83 6.56 -2.33 45.04
N THR H 84 6.32 -3.06 46.12
CA THR H 84 6.03 -2.48 47.43
C THR H 84 7.09 -2.75 48.48
N CYS H 85 7.45 -1.70 49.21
CA CYS H 85 8.43 -1.83 50.28
C CYS H 85 7.66 -1.80 51.60
N VAL H 86 7.93 -2.78 52.46
CA VAL H 86 7.31 -2.87 53.79
C VAL H 86 8.41 -2.70 54.85
N VAL H 87 8.24 -1.73 55.73
CA VAL H 87 9.25 -1.44 56.75
C VAL H 87 8.63 -1.54 58.14
N GLU H 88 9.27 -2.28 59.04
CA GLU H 88 8.69 -2.45 60.37
C GLU H 88 9.60 -2.76 61.56
N ASN H 89 9.06 -2.47 62.74
CA ASN H 89 9.71 -2.74 64.02
C ASN H 89 8.57 -2.99 65.01
N GLU H 90 8.89 -3.15 66.28
CA GLU H 90 7.89 -3.42 67.31
C GLU H 90 6.77 -2.39 67.48
N TYR H 91 7.02 -1.15 67.06
CA TYR H 91 6.01 -0.10 67.19
C TYR H 91 5.25 0.28 65.93
N GLY H 92 5.46 -0.45 64.83
CA GLY H 92 4.72 -0.09 63.64
C GLY H 92 5.17 -0.71 62.34
N SER H 93 4.34 -0.56 61.32
CA SER H 93 4.59 -1.08 59.99
C SER H 93 4.01 -0.14 58.95
N ILE H 94 4.84 0.29 58.00
CA ILE H 94 4.40 1.20 56.94
C ILE H 94 4.87 0.70 55.57
N ASN H 95 4.15 1.07 54.51
CA ASN H 95 4.52 0.65 53.16
C ASN H 95 4.32 1.74 52.12
N HIS H 96 4.94 1.54 50.95
CA HIS H 96 4.87 2.47 49.83
C HIS H 96 4.91 1.63 48.55
N THR H 97 4.20 2.06 47.52
CA THR H 97 4.16 1.28 46.28
C THR H 97 4.59 2.04 45.04
N TYR H 98 5.44 1.39 44.26
CA TYR H 98 5.95 1.93 43.00
C TYR H 98 5.37 1.10 41.86
N HIS H 99 5.16 1.74 40.70
CA HIS H 99 4.66 1.04 39.52
C HIS H 99 5.76 1.12 38.47
N LEU H 100 6.10 -0.01 37.88
CA LEU H 100 7.15 -0.06 36.86
C LEU H 100 6.61 -0.39 35.47
N ASP H 101 7.09 0.35 34.47
CA ASP H 101 6.70 0.14 33.09
C ASP H 101 7.97 0.18 32.22
N VAL H 102 8.08 -0.75 31.29
CA VAL H 102 9.26 -0.81 30.43
C VAL H 102 8.88 -0.61 28.97
N VAL H 103 9.65 0.24 28.28
CA VAL H 103 9.40 0.53 26.87
C VAL H 103 10.63 0.22 26.03
N GLU H 104 10.45 -0.59 24.98
CA GLU H 104 11.55 -0.95 24.11
C GLU H 104 11.73 0.15 23.07
N ARG H 105 12.96 0.63 22.94
CA ARG H 105 13.25 1.67 21.97
C ARG H 105 14.00 1.09 20.78
N SER H 106 13.80 1.75 19.64
CA SER H 106 14.47 1.35 18.42
C SER H 106 15.20 2.54 17.80
N PRO H 107 16.51 2.66 18.04
CA PRO H 107 17.30 3.77 17.50
C PRO H 107 17.72 3.60 16.03
N HIS H 108 16.80 3.19 15.17
CA HIS H 108 17.16 3.01 13.76
C HIS H 108 16.50 4.04 12.86
N ARG H 109 17.06 4.22 11.68
CA ARG H 109 16.47 5.14 10.71
C ARG H 109 15.21 4.40 10.21
N PRO H 110 14.29 5.09 9.51
CA PRO H 110 13.07 4.40 9.04
C PRO H 110 13.35 3.18 8.16
N ILE H 111 12.55 2.13 8.34
CA ILE H 111 12.67 0.90 7.56
C ILE H 111 11.45 0.75 6.63
N LEU H 112 11.67 0.46 5.35
CA LEU H 112 10.55 0.29 4.42
C LEU H 112 10.41 -1.16 4.02
N GLN H 113 9.18 -1.54 3.67
CA GLN H 113 8.88 -2.90 3.23
C GLN H 113 9.48 -3.15 1.85
N ALA H 114 10.18 -4.26 1.70
CA ALA H 114 10.79 -4.61 0.41
C ALA H 114 9.71 -4.83 -0.65
N GLY H 115 9.97 -4.39 -1.88
CA GLY H 115 9.00 -4.57 -2.95
C GLY H 115 8.03 -3.41 -3.13
N LEU H 116 7.97 -2.48 -2.18
CA LEU H 116 7.06 -1.35 -2.28
C LEU H 116 7.82 -0.02 -2.25
N PRO H 117 7.48 0.92 -3.14
CA PRO H 117 6.42 0.78 -4.15
C PRO H 117 6.79 -0.19 -5.28
N ALA H 118 5.78 -0.63 -6.03
CA ALA H 118 6.01 -1.56 -7.13
C ALA H 118 5.94 -0.85 -8.48
N ASN H 119 6.67 -1.36 -9.46
CA ASN H 119 6.64 -0.80 -10.79
C ASN H 119 5.20 -0.89 -11.31
N ALA H 120 4.84 0.04 -12.20
CA ALA H 120 3.50 0.06 -12.74
C ALA H 120 3.54 0.43 -14.22
N SER H 121 2.57 -0.07 -14.96
CA SER H 121 2.47 0.21 -16.39
C SER H 121 1.02 0.48 -16.77
N THR H 122 0.82 1.36 -17.73
CA THR H 122 -0.53 1.68 -18.18
C THR H 122 -0.54 2.40 -19.53
N VAL H 123 -1.72 2.46 -20.15
CA VAL H 123 -1.88 3.15 -21.43
C VAL H 123 -2.16 4.61 -21.13
N VAL H 124 -1.83 5.50 -22.06
CA VAL H 124 -2.08 6.93 -21.86
C VAL H 124 -3.54 7.07 -21.44
N GLY H 125 -3.81 7.93 -20.46
CA GLY H 125 -5.17 8.13 -20.02
C GLY H 125 -5.62 7.22 -18.88
N GLY H 126 -4.75 6.33 -18.44
CA GLY H 126 -5.10 5.42 -17.36
C GLY H 126 -4.85 5.98 -15.96
N ASP H 127 -5.15 5.16 -14.96
CA ASP H 127 -4.96 5.55 -13.56
C ASP H 127 -3.97 4.59 -12.89
N VAL H 128 -3.22 5.10 -11.92
CA VAL H 128 -2.23 4.27 -11.24
C VAL H 128 -1.96 4.71 -9.80
N GLU H 129 -1.36 3.82 -9.01
CA GLU H 129 -1.04 4.12 -7.63
C GLU H 129 0.31 3.51 -7.23
N PHE H 130 0.93 4.10 -6.22
CA PHE H 130 2.20 3.63 -5.69
C PHE H 130 2.03 3.56 -4.19
N VAL H 131 2.31 2.38 -3.63
CA VAL H 131 2.14 2.17 -2.21
C VAL H 131 3.48 2.08 -1.50
N CYS H 132 3.50 2.54 -0.26
CA CYS H 132 4.71 2.50 0.54
C CYS H 132 4.34 2.09 1.95
N LYS H 133 5.21 1.31 2.60
CA LYS H 133 4.96 0.84 3.97
C LYS H 133 6.16 1.15 4.89
N VAL H 134 5.96 2.09 5.80
CA VAL H 134 7.01 2.55 6.72
C VAL H 134 6.91 2.14 8.19
N TYR H 135 8.07 1.88 8.80
CA TYR H 135 8.17 1.53 10.23
C TYR H 135 9.26 2.42 10.87
N SER H 136 8.97 2.99 12.03
CA SER H 136 9.93 3.85 12.71
C SER H 136 9.47 4.15 14.15
N ASP H 137 10.43 4.29 15.05
CA ASP H 137 10.15 4.62 16.46
C ASP H 137 10.08 6.15 16.51
N ALA H 138 11.20 6.78 16.19
CA ALA H 138 11.27 8.24 16.13
C ALA H 138 10.29 8.64 15.01
N GLN H 139 9.49 9.66 15.23
CA GLN H 139 8.52 10.11 14.23
C GLN H 139 9.16 10.26 12.84
N PRO H 140 8.66 9.54 11.83
CA PRO H 140 9.21 9.62 10.48
C PRO H 140 8.49 10.65 9.60
N HIS H 141 9.20 11.21 8.63
CA HIS H 141 8.63 12.19 7.70
C HIS H 141 8.65 11.55 6.32
N ILE H 142 7.48 11.37 5.74
CA ILE H 142 7.34 10.73 4.44
C ILE H 142 6.96 11.68 3.29
N GLN H 143 7.61 11.50 2.14
CA GLN H 143 7.31 12.31 0.97
C GLN H 143 7.48 11.48 -0.28
N TRP H 144 6.79 11.87 -1.36
CA TRP H 144 6.90 11.18 -2.63
C TRP H 144 7.62 12.09 -3.60
N ILE H 145 8.61 11.54 -4.30
CA ILE H 145 9.42 12.31 -5.22
C ILE H 145 9.47 11.73 -6.64
N LYS H 146 9.46 12.62 -7.63
CA LYS H 146 9.54 12.23 -9.04
C LYS H 146 10.90 12.71 -9.53
N HIS H 147 11.66 11.83 -10.20
CA HIS H 147 12.97 12.21 -10.72
C HIS H 147 12.78 12.89 -12.07
N VAL H 148 13.02 14.19 -12.12
CA VAL H 148 12.86 14.94 -13.37
C VAL H 148 14.16 15.57 -13.83
N PRO H 161 20.96 15.55 -9.03
CA PRO H 161 19.69 14.97 -9.50
C PRO H 161 18.51 15.93 -9.36
N TYR H 162 17.86 16.22 -10.49
CA TYR H 162 16.71 17.11 -10.50
C TYR H 162 15.50 16.38 -9.94
N LEU H 163 15.02 16.83 -8.78
CA LEU H 163 13.87 16.21 -8.13
C LEU H 163 12.67 17.14 -8.04
N LYS H 164 11.48 16.55 -7.95
CA LYS H 164 10.24 17.30 -7.82
C LYS H 164 9.37 16.64 -6.75
N VAL H 165 9.03 17.41 -5.71
CA VAL H 165 8.21 16.90 -4.62
C VAL H 165 6.73 16.88 -4.98
N LEU H 166 6.17 15.69 -5.08
CA LEU H 166 4.77 15.53 -5.43
C LEU H 166 3.84 15.68 -4.23
N LYS H 167 4.29 15.20 -3.08
CA LYS H 167 3.48 15.21 -1.89
C LYS H 167 4.38 15.00 -0.67
N ALA H 168 4.08 15.70 0.42
CA ALA H 168 4.88 15.59 1.64
C ALA H 168 4.02 15.69 2.89
N ALA H 169 4.36 14.86 3.89
CA ALA H 169 3.64 14.80 5.15
C ALA H 169 3.71 16.11 5.94
N GLY H 170 2.67 16.36 6.73
CA GLY H 170 2.61 17.56 7.54
C GLY H 170 1.23 17.75 8.14
N VAL H 171 1.03 18.88 8.79
CA VAL H 171 -0.26 19.18 9.42
C VAL H 171 -1.41 19.21 8.40
N ASN H 172 -1.11 19.63 7.17
CA ASN H 172 -2.13 19.69 6.13
C ASN H 172 -2.19 18.44 5.26
N THR H 173 -1.28 17.49 5.49
CA THR H 173 -1.24 16.24 4.74
C THR H 173 -0.82 15.15 5.73
N THR H 174 -1.76 14.72 6.54
CA THR H 174 -1.56 13.73 7.60
C THR H 174 -1.02 12.37 7.16
N ASP H 175 -0.43 11.64 8.12
CA ASP H 175 0.13 10.33 7.84
C ASP H 175 -0.92 9.28 7.47
N LYS H 176 -2.18 9.53 7.81
CA LYS H 176 -3.26 8.59 7.51
C LYS H 176 -3.30 8.18 6.03
N GLU H 177 -3.06 9.13 5.14
CA GLU H 177 -3.11 8.83 3.71
C GLU H 177 -1.82 9.17 2.94
N ILE H 178 -0.74 9.43 3.66
CA ILE H 178 0.51 9.79 3.00
C ILE H 178 1.26 8.60 2.35
N GLU H 179 0.99 7.37 2.79
CA GLU H 179 1.67 6.21 2.21
C GLU H 179 1.18 5.69 0.86
N VAL H 180 0.17 6.34 0.28
CA VAL H 180 -0.30 5.91 -1.03
C VAL H 180 -0.37 7.14 -1.95
N LEU H 181 0.22 7.03 -3.15
CA LEU H 181 0.23 8.12 -4.12
C LEU H 181 -0.61 7.74 -5.32
N TYR H 182 -1.62 8.56 -5.61
CA TYR H 182 -2.51 8.32 -6.74
C TYR H 182 -2.21 9.27 -7.91
N ILE H 183 -2.25 8.74 -9.13
CA ILE H 183 -2.04 9.54 -10.34
C ILE H 183 -3.06 9.11 -11.38
N ARG H 184 -4.01 10.00 -11.67
CA ARG H 184 -5.05 9.71 -12.64
C ARG H 184 -4.88 10.40 -13.99
N ASN H 185 -5.48 9.80 -15.02
CA ASN H 185 -5.43 10.34 -16.38
C ASN H 185 -3.98 10.67 -16.72
N VAL H 186 -3.10 9.66 -16.63
CA VAL H 186 -1.68 9.86 -16.90
C VAL H 186 -1.35 10.24 -18.34
N THR H 187 -0.27 11.02 -18.48
CA THR H 187 0.22 11.46 -19.76
C THR H 187 1.57 10.78 -19.95
N PHE H 188 2.17 10.90 -21.13
CA PHE H 188 3.48 10.30 -21.37
C PHE H 188 4.52 11.01 -20.49
N GLU H 189 4.20 12.23 -20.10
CA GLU H 189 5.09 13.03 -19.27
C GLU H 189 5.23 12.46 -17.85
N ASP H 190 4.19 11.73 -17.40
CA ASP H 190 4.21 11.14 -16.07
C ASP H 190 5.17 9.97 -15.93
N ALA H 191 5.55 9.36 -17.05
CA ALA H 191 6.48 8.24 -17.04
C ALA H 191 7.75 8.62 -16.28
N GLY H 192 8.38 7.66 -15.62
CA GLY H 192 9.60 7.95 -14.90
C GLY H 192 9.75 7.23 -13.56
N GLU H 193 10.78 7.60 -12.82
CA GLU H 193 11.07 7.00 -11.52
C GLU H 193 10.43 7.76 -10.36
N TYR H 194 9.64 7.04 -9.57
CA TYR H 194 8.98 7.60 -8.39
C TYR H 194 9.62 7.02 -7.12
N THR H 195 9.84 7.89 -6.14
CA THR H 195 10.47 7.45 -4.90
C THR H 195 9.72 7.82 -3.63
N CYS H 196 9.60 6.85 -2.73
CA CYS H 196 9.01 7.10 -1.43
C CYS H 196 10.21 7.29 -0.52
N LEU H 197 10.32 8.46 0.09
CA LEU H 197 11.45 8.76 0.96
C LEU H 197 10.99 9.04 2.40
N ALA H 198 11.58 8.31 3.35
CA ALA H 198 11.25 8.44 4.76
C ALA H 198 12.47 8.81 5.58
N GLY H 199 12.35 9.85 6.39
CA GLY H 199 13.47 10.25 7.23
C GLY H 199 13.06 10.62 8.63
N ASN H 200 13.96 10.36 9.59
CA ASN H 200 13.78 10.73 10.99
C ASN H 200 15.11 11.36 11.44
N SER H 201 15.21 11.75 12.71
CA SER H 201 16.41 12.37 13.26
C SER H 201 17.69 11.54 13.06
N ILE H 202 17.55 10.22 13.03
CA ILE H 202 18.70 9.33 12.86
C ILE H 202 19.20 9.21 11.41
N GLY H 203 18.28 9.10 10.45
CA GLY H 203 18.69 8.97 9.06
C GLY H 203 17.55 8.91 8.05
N ILE H 204 17.93 8.65 6.80
CA ILE H 204 17.02 8.60 5.66
C ILE H 204 17.00 7.24 4.93
N SER H 205 15.82 6.84 4.47
CA SER H 205 15.63 5.59 3.72
C SER H 205 14.69 5.88 2.56
N PHE H 206 14.83 5.17 1.45
CA PHE H 206 13.97 5.38 0.30
C PHE H 206 13.94 4.19 -0.68
N HIS H 207 12.76 3.93 -1.24
CA HIS H 207 12.54 2.86 -2.23
C HIS H 207 11.96 3.49 -3.49
N SER H 208 12.39 3.02 -4.65
CA SER H 208 11.92 3.57 -5.92
C SER H 208 11.25 2.56 -6.83
N ALA H 209 10.39 3.06 -7.71
CA ALA H 209 9.66 2.23 -8.66
C ALA H 209 9.57 3.02 -9.96
N TRP H 210 9.28 2.32 -11.05
CA TRP H 210 9.16 2.98 -12.34
C TRP H 210 7.75 2.92 -12.90
N LEU H 211 7.34 4.00 -13.55
CA LEU H 211 6.03 4.05 -14.18
C LEU H 211 6.24 4.03 -15.69
N THR H 212 5.67 3.03 -16.36
CA THR H 212 5.78 2.94 -17.80
C THR H 212 4.43 3.31 -18.43
N VAL H 213 4.46 4.26 -19.35
CA VAL H 213 3.25 4.71 -20.03
C VAL H 213 3.34 4.35 -21.52
N LEU H 214 2.42 3.51 -21.97
CA LEU H 214 2.37 3.04 -23.36
C LEU H 214 1.38 3.84 -24.21
N PRO H 215 1.53 3.81 -25.54
CA PRO H 215 0.66 4.52 -26.48
C PRO H 215 -0.77 3.96 -26.57
N ALA H 216 -1.71 4.81 -26.97
CA ALA H 216 -3.11 4.40 -27.09
C ALA H 216 -3.37 3.85 -28.48
N PRO H 217 -4.49 3.17 -28.70
CA PRO H 217 -4.86 2.58 -30.00
C PRO H 217 -5.60 3.58 -30.89
S SO4 I . 39.20 6.76 -4.55
O1 SO4 I . 39.05 7.27 -5.92
O2 SO4 I . 40.64 6.56 -4.25
O3 SO4 I . 38.63 7.74 -3.59
O4 SO4 I . 38.50 5.47 -4.44
S SO4 J . -16.63 13.29 7.17
O1 SO4 J . -17.00 11.89 6.89
O2 SO4 J . -17.82 14.14 7.06
O3 SO4 J . -16.08 13.39 8.53
O4 SO4 J . -15.60 13.71 6.20
S SO4 K . 0.07 -9.60 -36.84
O1 SO4 K . 0.35 -8.38 -37.65
O2 SO4 K . 1.30 -10.37 -36.66
O3 SO4 K . -0.44 -9.19 -35.53
O4 SO4 K . -0.91 -10.43 -37.55
S SO4 L . 12.95 21.15 38.37
O1 SO4 L . 13.66 20.89 37.09
O2 SO4 L . 13.93 21.38 39.44
O3 SO4 L . 12.09 22.33 38.21
O4 SO4 L . 12.10 19.99 38.72
#